data_8G5U
#
_entry.id   8G5U
#
_cell.length_a   134.110
_cell.length_b   134.110
_cell.length_c   355.757
_cell.angle_alpha   90.00
_cell.angle_beta   90.00
_cell.angle_gamma   120.00
#
_symmetry.space_group_name_H-M   'H 3'
#
loop_
_entity.id
_entity.type
_entity.pdbx_description
1 polymer TnmK2
2 non-polymer 'methyl (2E)-3-[(1aS,11S,11aS,14Z,18R)-3,18-dihydroxy-4,9-dioxo-4,9,10,11-tetrahydro-11aH-11,1a-hept[3]ene[1,5]diynonaphtho[2,3-h]oxireno[c]quinolin-11a-yl]but-2-enoate'
3 water water
#
_entity_poly.entity_id   1
_entity_poly.type   'polypeptide(L)'
_entity_poly.pdbx_seq_one_letter_code
;MTAARHEPHLLTDAVRAFQAQSPVWRPADDEEALRGLEAAELTVPLDYRAPAGRTLTLGLVRHRATAPERRRGVLLVGPG
DDLGNRGTLLGAQLVGQLPKEVLAQYDVVAFDHRFMGRSSPVVCGLEPEERFWVFHHPRDFDHEVRFQANVAAKVAEHAL
DILPYASSRNIARDIEVIRGALGEDRISYLGYSYGTYLGAVWTQMFGEHADRVVLDSICSPDWVWRGLFTDFPPNGERAL
TRWARWAAARDADLGLGATDGAVRAAYDGVLARVDTDREVTVAGFPLDRTLARLIVVGMLNSDRNYPFLGDIVRSAVHGG
QLEPATMGFLGQMFGQPKEESGTVAQLAILAGDWAWPRNVDLYERDMERASRTHPFTGAAMAGIKAPAFWPVPPSEPVTR
LGPDNPADSILLVQAADDMSTPLAAARRMREVLGDTSRLLTVADTAHHRVFPFYGNPGADELVTAYLVDGELPAADVTRP
NPAPMVPTV
;
_entity_poly.pdbx_strand_id   A,B,C,D
#
loop_
_chem_comp.id
_chem_comp.type
_chem_comp.name
_chem_comp.formula
9VG non-polymer 'methyl (2E)-3-[(1aS,11S,11aS,14Z,18R)-3,18-dihydroxy-4,9-dioxo-4,9,10,11-tetrahydro-11aH-11,1a-hept[3]ene[1,5]diynonaphtho[2,3-h]oxireno[c]quinolin-11a-yl]but-2-enoate' 'C29 H19 N O7'
#
# COMPACT_ATOMS: atom_id res chain seq x y z
N PRO A 8 4.59 15.45 33.62
CA PRO A 8 4.38 14.34 32.69
C PRO A 8 4.51 14.73 31.23
N HIS A 9 5.06 13.83 30.42
CA HIS A 9 5.35 14.09 29.02
C HIS A 9 4.73 13.00 28.15
N LEU A 10 4.10 13.40 27.05
CA LEU A 10 3.49 12.45 26.12
C LEU A 10 4.50 11.85 25.15
N LEU A 11 5.51 12.63 24.77
CA LEU A 11 6.51 12.23 23.78
C LEU A 11 5.86 12.01 22.41
N THR A 12 5.03 12.98 22.03
CA THR A 12 4.27 12.89 20.78
C THR A 12 5.19 12.88 19.56
N ASP A 13 6.28 13.65 19.59
CA ASP A 13 7.21 13.68 18.46
C ASP A 13 7.69 12.27 18.12
N ALA A 14 8.13 11.52 19.14
CA ALA A 14 8.65 10.18 18.90
C ALA A 14 7.56 9.22 18.44
N VAL A 15 6.35 9.33 19.03
CA VAL A 15 5.22 8.56 18.56
C VAL A 15 4.97 8.82 17.08
N ARG A 16 4.85 10.10 16.70
CA ARG A 16 4.61 10.46 15.31
C ARG A 16 5.66 9.85 14.39
N ALA A 17 6.92 9.81 14.84
CA ALA A 17 7.99 9.31 14.00
C ALA A 17 7.75 7.86 13.58
N PHE A 18 7.13 7.07 14.46
CA PHE A 18 6.88 5.66 14.16
C PHE A 18 5.48 5.41 13.61
N GLN A 19 4.63 6.43 13.55
CA GLN A 19 3.29 6.25 13.00
C GLN A 19 3.26 6.19 11.48
N ALA A 20 4.37 6.46 10.80
CA ALA A 20 4.39 6.46 9.35
C ALA A 20 4.62 5.07 8.75
N GLN A 21 4.64 4.03 9.58
CA GLN A 21 4.80 2.67 9.09
C GLN A 21 3.57 2.20 8.34
N SER A 22 3.80 1.27 7.39
CA SER A 22 2.72 0.58 6.70
C SER A 22 3.04 -0.91 6.76
N PRO A 23 2.40 -1.66 7.66
CA PRO A 23 2.80 -3.05 7.88
C PRO A 23 2.33 -3.96 6.75
N VAL A 24 3.01 -5.09 6.63
CA VAL A 24 2.70 -6.09 5.61
C VAL A 24 1.91 -7.21 6.27
N TRP A 25 0.64 -7.33 5.91
CA TRP A 25 -0.24 -8.35 6.47
C TRP A 25 -0.19 -9.61 5.62
N ARG A 26 -0.09 -10.76 6.28
CA ARG A 26 -0.17 -12.06 5.65
C ARG A 26 -0.98 -12.98 6.54
N PRO A 27 -1.44 -14.11 6.02
CA PRO A 27 -2.07 -15.12 6.89
C PRO A 27 -1.15 -15.53 8.03
N ALA A 28 -1.73 -15.64 9.23
CA ALA A 28 -0.99 -16.10 10.41
C ALA A 28 -0.86 -17.62 10.34
N ASP A 29 0.24 -18.09 9.73
CA ASP A 29 0.41 -19.50 9.45
C ASP A 29 1.32 -20.22 10.44
N ASP A 30 1.98 -19.52 11.36
CA ASP A 30 3.01 -20.12 12.19
C ASP A 30 2.53 -20.53 13.58
N GLU A 31 1.24 -20.40 13.86
CA GLU A 31 0.70 -20.75 15.17
C GLU A 31 -0.74 -21.18 14.99
N GLU A 32 -1.06 -22.38 15.48
CA GLU A 32 -2.37 -22.98 15.21
C GLU A 32 -3.50 -22.12 15.74
N ALA A 33 -3.36 -21.59 16.96
CA ALA A 33 -4.46 -20.85 17.57
C ALA A 33 -4.79 -19.58 16.79
N LEU A 34 -3.90 -19.11 15.93
CA LEU A 34 -4.08 -17.88 15.18
C LEU A 34 -4.45 -18.12 13.73
N ARG A 35 -4.57 -19.37 13.31
CA ARG A 35 -5.06 -19.63 11.96
C ARG A 35 -6.49 -19.10 11.84
N GLY A 36 -6.76 -18.40 10.74
CA GLY A 36 -7.98 -17.65 10.57
C GLY A 36 -7.76 -16.15 10.61
N LEU A 37 -6.64 -15.70 11.17
CA LEU A 37 -6.29 -14.30 11.29
C LEU A 37 -5.15 -13.94 10.35
N GLU A 38 -5.03 -12.66 10.04
CA GLU A 38 -3.82 -12.14 9.44
C GLU A 38 -2.85 -11.70 10.54
N ALA A 39 -1.57 -11.60 10.17
CA ALA A 39 -0.53 -11.20 11.10
C ALA A 39 0.39 -10.18 10.44
N ALA A 40 0.92 -9.29 11.26
CA ALA A 40 1.89 -8.29 10.81
C ALA A 40 2.81 -7.95 11.97
N GLU A 41 3.94 -7.31 11.64
CA GLU A 41 4.89 -6.84 12.63
C GLU A 41 5.05 -5.33 12.53
N LEU A 42 5.23 -4.68 13.68
CA LEU A 42 5.49 -3.26 13.79
C LEU A 42 6.72 -3.04 14.64
N THR A 43 7.38 -1.91 14.38
CA THR A 43 8.53 -1.48 15.17
C THR A 43 8.12 -0.35 16.09
N VAL A 44 8.55 -0.43 17.34
CA VAL A 44 8.42 0.68 18.29
C VAL A 44 9.78 0.93 18.92
N PRO A 45 10.05 2.15 19.37
CA PRO A 45 11.28 2.39 20.12
C PRO A 45 11.20 1.74 21.49
N LEU A 46 12.34 1.21 21.93
CA LEU A 46 12.45 0.77 23.32
C LEU A 46 12.13 1.91 24.27
N ASP A 47 12.67 3.10 23.99
CA ASP A 47 12.58 4.27 24.84
C ASP A 47 12.10 5.43 23.99
N TYR A 48 10.91 5.97 24.30
CA TYR A 48 10.38 7.04 23.46
C TYR A 48 11.12 8.36 23.67
N ARG A 49 11.98 8.46 24.68
CA ARG A 49 12.91 9.58 24.76
C ARG A 49 14.09 9.41 23.82
N ALA A 50 14.28 8.22 23.26
CA ALA A 50 15.41 7.92 22.37
C ALA A 50 14.89 7.27 21.10
N PRO A 51 14.11 8.02 20.32
CA PRO A 51 13.47 7.43 19.12
C PRO A 51 14.45 6.93 18.06
N ALA A 52 15.65 7.49 17.99
CA ALA A 52 16.63 7.03 17.01
C ALA A 52 17.54 5.95 17.58
N GLY A 53 17.24 5.45 18.76
CA GLY A 53 17.99 4.39 19.39
C GLY A 53 17.39 3.02 19.15
N ARG A 54 17.57 2.16 20.14
CA ARG A 54 17.15 0.76 20.04
C ARG A 54 15.64 0.66 19.86
N THR A 55 15.22 -0.31 19.06
CA THR A 55 13.81 -0.57 18.78
C THR A 55 13.50 -2.01 19.12
N LEU A 56 12.20 -2.33 19.09
CA LEU A 56 11.76 -3.71 19.24
C LEU A 56 10.56 -3.90 18.31
N THR A 57 10.14 -5.15 18.15
CA THR A 57 9.05 -5.48 17.23
C THR A 57 7.84 -6.00 18.01
N LEU A 58 6.66 -5.57 17.58
CA LEU A 58 5.39 -6.06 18.11
C LEU A 58 4.70 -6.92 17.05
N GLY A 59 4.09 -8.01 17.51
CA GLY A 59 3.29 -8.86 16.65
C GLY A 59 1.82 -8.52 16.74
N LEU A 60 1.22 -8.20 15.60
CA LEU A 60 -0.19 -7.86 15.45
C LEU A 60 -0.95 -9.00 14.77
N VAL A 61 -2.25 -9.08 15.04
CA VAL A 61 -3.16 -9.92 14.26
C VAL A 61 -4.41 -9.11 13.93
N ARG A 62 -5.14 -9.56 12.92
CA ARG A 62 -6.33 -8.85 12.47
C ARG A 62 -7.36 -9.79 11.87
N HIS A 63 -8.63 -9.45 12.11
CA HIS A 63 -9.78 -10.07 11.47
C HIS A 63 -10.61 -8.94 10.87
N ARG A 64 -10.64 -8.84 9.55
CA ARG A 64 -11.29 -7.71 8.90
C ARG A 64 -12.80 -7.78 9.03
N ALA A 65 -13.44 -6.61 9.03
CA ALA A 65 -14.90 -6.52 9.08
C ALA A 65 -15.52 -7.42 8.02
N THR A 66 -16.47 -8.25 8.44
CA THR A 66 -17.05 -9.23 7.52
C THR A 66 -18.04 -8.62 6.54
N ALA A 67 -18.51 -7.38 6.78
CA ALA A 67 -19.41 -6.69 5.87
C ALA A 67 -18.76 -5.38 5.44
N PRO A 68 -17.93 -5.40 4.40
CA PRO A 68 -17.24 -4.18 3.98
C PRO A 68 -18.15 -2.98 3.77
N GLU A 69 -19.38 -3.20 3.30
CA GLU A 69 -20.28 -2.08 3.08
C GLU A 69 -20.77 -1.47 4.38
N ARG A 70 -20.64 -2.19 5.50
CA ARG A 70 -21.03 -1.69 6.81
C ARG A 70 -19.84 -1.37 7.72
N ARG A 71 -18.60 -1.51 7.23
CA ARG A 71 -17.43 -1.30 8.08
C ARG A 71 -17.41 0.13 8.62
N ARG A 72 -17.18 0.27 9.92
CA ARG A 72 -17.12 1.59 10.51
C ARG A 72 -15.76 1.95 11.13
N GLY A 73 -14.90 0.99 11.41
CA GLY A 73 -13.55 1.32 11.86
C GLY A 73 -12.84 0.11 12.42
N VAL A 74 -11.81 0.38 13.24
CA VAL A 74 -10.99 -0.64 13.88
C VAL A 74 -11.42 -0.76 15.34
N LEU A 75 -11.58 -1.99 15.82
CA LEU A 75 -11.74 -2.29 17.23
C LEU A 75 -10.42 -2.91 17.71
N LEU A 76 -9.64 -2.13 18.45
CA LEU A 76 -8.40 -2.62 19.01
C LEU A 76 -8.66 -3.32 20.33
N VAL A 77 -8.14 -4.54 20.44
CA VAL A 77 -8.25 -5.34 21.65
C VAL A 77 -7.06 -5.01 22.56
N GLY A 78 -7.34 -4.71 23.82
CA GLY A 78 -6.30 -4.51 24.79
C GLY A 78 -5.39 -5.73 24.84
N PRO A 79 -4.07 -5.52 24.98
CA PRO A 79 -3.10 -6.61 24.74
C PRO A 79 -3.04 -7.62 25.89
N GLY A 80 -4.13 -8.32 26.10
CA GLY A 80 -4.21 -9.35 27.10
C GLY A 80 -5.24 -9.00 28.14
N ASP A 81 -5.85 -10.00 28.75
CA ASP A 81 -6.76 -9.73 29.84
C ASP A 81 -5.94 -9.62 31.12
N ASP A 82 -5.77 -10.73 31.83
CA ASP A 82 -4.95 -10.69 33.02
C ASP A 82 -3.50 -10.44 32.61
N LEU A 83 -2.83 -9.57 33.36
CA LEU A 83 -1.45 -9.24 33.06
C LEU A 83 -0.61 -10.51 33.10
N GLY A 84 0.12 -10.76 32.01
CA GLY A 84 0.84 -12.01 31.80
C GLY A 84 0.29 -12.84 30.65
N ASN A 85 -0.93 -12.55 30.20
CA ASN A 85 -1.57 -13.24 29.08
C ASN A 85 -1.37 -12.48 27.78
N ARG A 86 -1.52 -13.20 26.67
CA ARG A 86 -1.22 -12.69 25.33
C ARG A 86 -2.45 -12.04 24.69
N GLY A 87 -2.28 -10.82 24.19
CA GLY A 87 -3.36 -10.15 23.48
C GLY A 87 -3.73 -10.80 22.17
N THR A 88 -2.76 -11.35 21.43
CA THR A 88 -3.10 -12.03 20.18
C THR A 88 -4.02 -13.21 20.44
N LEU A 89 -3.78 -13.97 21.50
CA LEU A 89 -4.65 -15.09 21.82
C LEU A 89 -6.02 -14.62 22.27
N LEU A 90 -6.09 -13.52 23.02
CA LEU A 90 -7.38 -12.93 23.36
C LEU A 90 -8.15 -12.53 22.11
N GLY A 91 -7.46 -11.93 21.13
CA GLY A 91 -8.12 -11.56 19.89
C GLY A 91 -8.72 -12.76 19.17
N ALA A 92 -8.00 -13.88 19.14
CA ALA A 92 -8.54 -15.09 18.53
C ALA A 92 -9.78 -15.57 19.26
N GLN A 93 -9.73 -15.58 20.60
CA GLN A 93 -10.90 -15.94 21.39
C GLN A 93 -12.09 -15.06 21.06
N LEU A 94 -11.84 -13.75 20.93
CA LEU A 94 -12.93 -12.79 20.70
C LEU A 94 -13.53 -12.96 19.31
N VAL A 95 -12.71 -13.22 18.30
CA VAL A 95 -13.23 -13.45 16.95
C VAL A 95 -14.23 -14.60 16.96
N GLY A 96 -14.08 -15.56 17.88
CA GLY A 96 -14.98 -16.69 17.95
C GLY A 96 -16.26 -16.45 18.73
N GLN A 97 -16.32 -15.41 19.55
CA GLN A 97 -17.45 -15.22 20.44
C GLN A 97 -18.09 -13.83 20.41
N LEU A 98 -17.49 -12.86 19.75
CA LEU A 98 -18.10 -11.54 19.66
C LEU A 98 -19.40 -11.61 18.82
N PRO A 99 -20.34 -10.69 19.07
CA PRO A 99 -21.55 -10.66 18.24
C PRO A 99 -21.23 -10.52 16.76
N LYS A 100 -22.01 -11.20 15.92
CA LYS A 100 -21.75 -11.16 14.49
C LYS A 100 -21.77 -9.73 13.96
N GLU A 101 -22.62 -8.87 14.50
CA GLU A 101 -22.69 -7.52 13.94
C GLU A 101 -21.50 -6.68 14.34
N VAL A 102 -20.89 -6.95 15.50
CA VAL A 102 -19.62 -6.30 15.83
C VAL A 102 -18.55 -6.74 14.83
N LEU A 103 -18.46 -8.05 14.59
CA LEU A 103 -17.51 -8.58 13.62
C LEU A 103 -17.81 -8.11 12.21
N ALA A 104 -19.05 -7.74 11.93
CA ALA A 104 -19.42 -7.25 10.60
C ALA A 104 -18.92 -5.83 10.36
N GLN A 105 -18.88 -4.99 11.39
CA GLN A 105 -18.62 -3.57 11.22
C GLN A 105 -17.23 -3.13 11.65
N TYR A 106 -16.47 -3.97 12.35
CA TYR A 106 -15.15 -3.60 12.82
C TYR A 106 -14.09 -4.55 12.29
N ASP A 107 -12.96 -3.99 11.87
CA ASP A 107 -11.70 -4.73 11.84
C ASP A 107 -11.24 -4.95 13.27
N VAL A 108 -11.18 -6.19 13.72
CA VAL A 108 -10.67 -6.50 15.05
C VAL A 108 -9.16 -6.70 14.95
N VAL A 109 -8.41 -5.87 15.67
CA VAL A 109 -6.95 -5.93 15.72
C VAL A 109 -6.51 -6.23 17.15
N ALA A 110 -5.54 -7.13 17.29
CA ALA A 110 -5.01 -7.53 18.59
C ALA A 110 -3.50 -7.59 18.48
N PHE A 111 -2.83 -7.58 19.64
CA PHE A 111 -1.37 -7.57 19.65
C PHE A 111 -0.87 -8.06 20.98
N ASP A 112 0.35 -8.58 20.97
CA ASP A 112 1.06 -8.89 22.20
C ASP A 112 1.85 -7.64 22.60
N HIS A 113 1.74 -7.22 23.85
CA HIS A 113 2.46 -6.02 24.23
C HIS A 113 3.94 -6.32 24.35
N ARG A 114 4.73 -5.25 24.41
CA ARG A 114 6.19 -5.36 24.41
C ARG A 114 6.68 -6.35 25.45
N PHE A 115 7.63 -7.18 25.03
CA PHE A 115 8.44 -8.04 25.89
C PHE A 115 7.83 -9.42 26.13
N MET A 116 6.77 -9.80 25.42
CA MET A 116 6.22 -11.14 25.59
CA MET A 116 6.20 -11.13 25.60
C MET A 116 5.58 -11.63 24.30
N GLY A 117 5.38 -12.94 24.25
CA GLY A 117 4.68 -13.57 23.14
C GLY A 117 5.38 -13.35 21.83
N ARG A 118 4.62 -12.85 20.86
CA ARG A 118 5.09 -12.53 19.52
C ARG A 118 5.73 -11.14 19.44
N SER A 119 6.03 -10.49 20.57
CA SER A 119 6.50 -9.11 20.59
C SER A 119 7.81 -9.00 21.37
N SER A 120 8.91 -9.47 20.78
CA SER A 120 10.24 -9.35 21.37
C SER A 120 10.28 -9.95 22.77
N PRO A 121 9.95 -11.23 22.90
CA PRO A 121 9.83 -11.83 24.24
C PRO A 121 11.15 -11.83 25.00
N VAL A 122 11.03 -11.69 26.32
CA VAL A 122 12.17 -11.71 27.24
C VAL A 122 11.98 -12.91 28.16
N VAL A 123 12.96 -13.81 28.19
CA VAL A 123 12.97 -14.91 29.13
C VAL A 123 14.23 -14.82 29.99
N CYS A 124 14.15 -15.41 31.19
CA CYS A 124 15.17 -15.22 32.20
C CYS A 124 15.55 -16.51 32.93
N GLY A 125 15.15 -17.66 32.41
CA GLY A 125 15.45 -18.92 33.06
C GLY A 125 14.65 -19.21 34.31
N LEU A 126 13.42 -18.67 34.41
CA LEU A 126 12.58 -18.93 35.57
C LEU A 126 12.09 -20.36 35.59
N GLU A 127 12.21 -21.01 36.74
CA GLU A 127 11.72 -22.38 36.88
C GLU A 127 10.21 -22.36 37.04
N PRO A 128 9.54 -23.48 36.74
CA PRO A 128 8.07 -23.50 36.82
C PRO A 128 7.50 -22.94 38.12
N GLU A 129 8.05 -23.32 39.28
CA GLU A 129 7.53 -22.78 40.53
C GLU A 129 7.69 -21.27 40.58
N GLU A 130 8.79 -20.76 40.00
CA GLU A 130 9.04 -19.33 40.06
C GLU A 130 8.04 -18.54 39.22
N ARG A 131 7.44 -19.16 38.21
CA ARG A 131 6.49 -18.46 37.37
C ARG A 131 5.16 -18.20 38.06
N PHE A 132 4.90 -18.85 39.19
CA PHE A 132 3.73 -18.58 40.02
C PHE A 132 4.04 -17.64 41.17
N TRP A 133 4.96 -16.70 40.97
CA TRP A 133 5.38 -15.81 42.04
C TRP A 133 4.22 -14.98 42.59
N VAL A 134 3.23 -14.64 41.76
CA VAL A 134 2.13 -13.78 42.20
C VAL A 134 1.33 -14.46 43.30
N PHE A 135 0.87 -15.68 43.05
CA PHE A 135 0.02 -16.39 44.00
C PHE A 135 0.80 -17.38 44.87
N HIS A 136 2.12 -17.28 44.88
CA HIS A 136 2.96 -18.21 45.62
C HIS A 136 2.63 -18.15 47.11
N HIS A 137 2.36 -19.33 47.69
CA HIS A 137 2.05 -19.42 49.11
C HIS A 137 3.32 -19.77 49.87
N PRO A 138 3.64 -19.05 50.94
CA PRO A 138 4.97 -19.21 51.57
C PRO A 138 5.04 -20.38 52.55
N ARG A 139 6.14 -21.13 52.45
CA ARG A 139 6.57 -22.00 53.54
C ARG A 139 6.59 -21.25 54.86
N ASP A 140 7.44 -20.24 54.94
CA ASP A 140 7.56 -19.33 56.06
C ASP A 140 8.15 -18.05 55.48
N PHE A 141 8.11 -16.97 56.26
CA PHE A 141 8.46 -15.67 55.70
C PHE A 141 9.91 -15.64 55.23
N ASP A 142 10.85 -16.12 56.06
CA ASP A 142 12.25 -16.09 55.67
C ASP A 142 12.47 -16.85 54.37
N HIS A 143 11.82 -18.00 54.21
CA HIS A 143 11.95 -18.75 52.98
C HIS A 143 11.40 -17.97 51.80
N GLU A 144 10.31 -17.21 52.02
CA GLU A 144 9.68 -16.49 50.92
C GLU A 144 10.49 -15.28 50.50
N VAL A 145 11.09 -14.57 51.47
CA VAL A 145 12.04 -13.52 51.14
C VAL A 145 13.06 -14.04 50.15
N ARG A 146 13.65 -15.19 50.44
CA ARG A 146 14.68 -15.73 49.57
C ARG A 146 14.10 -16.14 48.22
N PHE A 147 12.93 -16.77 48.23
CA PHE A 147 12.28 -17.18 46.99
C PHE A 147 12.02 -15.98 46.07
N GLN A 148 11.41 -14.93 46.60
CA GLN A 148 11.03 -13.79 45.76
C GLN A 148 12.24 -12.96 45.36
N ALA A 149 13.20 -12.78 46.27
CA ALA A 149 14.43 -12.06 45.91
C ALA A 149 15.16 -12.78 44.77
N ASN A 150 15.13 -14.12 44.77
CA ASN A 150 15.83 -14.86 43.73
C ASN A 150 15.11 -14.78 42.39
N VAL A 151 13.79 -14.63 42.39
CA VAL A 151 13.07 -14.33 41.16
C VAL A 151 13.56 -13.02 40.56
N ALA A 152 13.57 -11.96 41.38
CA ALA A 152 14.07 -10.67 40.92
C ALA A 152 15.50 -10.78 40.42
N ALA A 153 16.32 -11.61 41.08
CA ALA A 153 17.72 -11.73 40.70
C ALA A 153 17.85 -12.27 39.28
N LYS A 154 17.05 -13.28 38.91
CA LYS A 154 17.11 -13.82 37.56
C LYS A 154 16.74 -12.78 36.52
N VAL A 155 15.69 -12.01 36.78
CA VAL A 155 15.27 -10.99 35.82
C VAL A 155 16.33 -9.90 35.72
N ALA A 156 16.86 -9.48 36.87
CA ALA A 156 17.95 -8.51 36.88
C ALA A 156 19.11 -8.98 36.00
N GLU A 157 19.52 -10.23 36.15
CA GLU A 157 20.69 -10.71 35.42
C GLU A 157 20.47 -10.72 33.92
N HIS A 158 19.27 -11.10 33.48
CA HIS A 158 19.03 -11.37 32.07
C HIS A 158 18.27 -10.28 31.33
N ALA A 159 17.69 -9.32 32.04
CA ALA A 159 16.83 -8.35 31.37
C ALA A 159 17.04 -6.91 31.86
N LEU A 160 18.12 -6.64 32.59
CA LEU A 160 18.29 -5.34 33.23
C LEU A 160 18.11 -4.19 32.25
N ASP A 161 18.59 -4.36 31.01
CA ASP A 161 18.67 -3.24 30.08
C ASP A 161 17.30 -2.81 29.55
N ILE A 162 16.29 -3.69 29.56
CA ILE A 162 14.96 -3.30 29.09
C ILE A 162 13.99 -3.03 30.24
N LEU A 163 14.35 -3.35 31.48
CA LEU A 163 13.42 -3.14 32.60
C LEU A 163 12.96 -1.70 32.78
N PRO A 164 13.78 -0.66 32.54
CA PRO A 164 13.27 0.71 32.70
C PRO A 164 12.15 1.06 31.73
N TYR A 165 11.94 0.25 30.70
CA TYR A 165 11.07 0.63 29.59
C TYR A 165 9.82 -0.25 29.53
N ALA A 166 9.63 -1.09 30.55
CA ALA A 166 8.43 -1.90 30.72
C ALA A 166 7.45 -1.08 31.56
N SER A 167 6.56 -0.36 30.88
CA SER A 167 5.60 0.49 31.57
C SER A 167 4.30 0.58 30.78
N SER A 168 3.24 0.88 31.52
CA SER A 168 1.93 1.05 30.91
C SER A 168 1.90 2.26 29.99
N ARG A 169 2.59 3.33 30.35
CA ARG A 169 2.65 4.51 29.49
C ARG A 169 3.33 4.20 28.16
N ASN A 170 4.35 3.34 28.17
CA ASN A 170 5.00 2.97 26.92
C ASN A 170 4.09 2.09 26.06
N ILE A 171 3.29 1.24 26.70
CA ILE A 171 2.32 0.45 25.94
C ILE A 171 1.25 1.36 25.34
N ALA A 172 0.85 2.41 26.08
CA ALA A 172 -0.10 3.38 25.53
C ALA A 172 0.49 4.09 24.32
N ARG A 173 1.76 4.45 24.36
CA ARG A 173 2.43 5.00 23.19
C ARG A 173 2.49 3.99 22.06
N ASP A 174 2.80 2.72 22.39
CA ASP A 174 2.77 1.65 21.39
C ASP A 174 1.40 1.57 20.71
N ILE A 175 0.32 1.75 21.48
CA ILE A 175 -1.01 1.74 20.88
C ILE A 175 -1.16 2.87 19.87
N GLU A 176 -0.65 4.07 20.20
CA GLU A 176 -0.68 5.17 19.26
C GLU A 176 0.10 4.84 17.98
N VAL A 177 1.23 4.14 18.12
CA VAL A 177 1.98 3.74 16.93
C VAL A 177 1.14 2.80 16.08
N ILE A 178 0.51 1.81 16.71
CA ILE A 178 -0.38 0.89 16.00
C ILE A 178 -1.48 1.67 15.28
N ARG A 179 -2.13 2.59 15.99
CA ARG A 179 -3.20 3.39 15.39
C ARG A 179 -2.72 4.11 14.15
N GLY A 180 -1.60 4.82 14.25
CA GLY A 180 -1.05 5.50 13.08
C GLY A 180 -0.72 4.53 11.95
N ALA A 181 -0.10 3.41 12.30
CA ALA A 181 0.26 2.42 11.29
C ALA A 181 -0.96 1.88 10.57
N LEU A 182 -2.07 1.72 11.28
CA LEU A 182 -3.33 1.30 10.66
C LEU A 182 -3.97 2.41 9.83
N GLY A 183 -3.48 3.64 9.93
CA GLY A 183 -4.02 4.74 9.15
C GLY A 183 -5.34 5.31 9.66
N GLU A 184 -5.62 5.19 10.95
CA GLU A 184 -6.90 5.59 11.52
C GLU A 184 -6.72 6.85 12.37
N ASP A 185 -7.63 7.81 12.19
CA ASP A 185 -7.64 8.98 13.05
C ASP A 185 -8.18 8.64 14.44
N ARG A 186 -9.17 7.75 14.48
CA ARG A 186 -9.79 7.30 15.73
C ARG A 186 -9.90 5.80 15.69
N ILE A 187 -9.73 5.16 16.86
CA ILE A 187 -9.94 3.73 17.00
C ILE A 187 -10.86 3.48 18.18
N SER A 188 -11.62 2.40 18.09
CA SER A 188 -12.34 1.88 19.24
C SER A 188 -11.47 0.88 19.99
N TYR A 189 -11.87 0.58 21.22
CA TYR A 189 -11.02 -0.20 22.12
C TYR A 189 -11.89 -1.09 22.97
N LEU A 190 -11.45 -2.33 23.15
CA LEU A 190 -12.09 -3.30 24.05
C LEU A 190 -11.00 -3.92 24.90
N GLY A 191 -11.12 -3.78 26.22
CA GLY A 191 -10.09 -4.28 27.12
C GLY A 191 -10.67 -4.94 28.35
N TYR A 192 -9.88 -5.85 28.93
CA TYR A 192 -10.24 -6.58 30.13
C TYR A 192 -9.11 -6.55 31.13
N SER A 193 -9.45 -6.46 32.42
CA SER A 193 -8.49 -6.59 33.51
C SER A 193 -7.34 -5.60 33.33
N TYR A 194 -6.10 -6.06 33.16
CA TYR A 194 -5.00 -5.12 32.91
C TYR A 194 -5.29 -4.26 31.69
N GLY A 195 -5.96 -4.82 30.68
CA GLY A 195 -6.39 -4.06 29.52
C GLY A 195 -7.28 -2.88 29.85
N THR A 196 -7.97 -2.90 31.01
CA THR A 196 -8.77 -1.75 31.41
C THR A 196 -7.90 -0.65 32.01
N TYR A 197 -6.83 -1.01 32.70
CA TYR A 197 -5.88 0.01 33.13
C TYR A 197 -5.23 0.66 31.91
N LEU A 198 -4.80 -0.16 30.94
CA LEU A 198 -4.20 0.38 29.72
C LEU A 198 -5.19 1.25 28.96
N GLY A 199 -6.46 0.86 28.93
CA GLY A 199 -7.45 1.67 28.24
C GLY A 199 -7.64 3.01 28.93
N ALA A 200 -7.62 3.01 30.27
CA ALA A 200 -7.69 4.27 31.01
C ALA A 200 -6.48 5.15 30.72
N VAL A 201 -5.29 4.55 30.69
CA VAL A 201 -4.07 5.32 30.47
C VAL A 201 -4.03 5.86 29.04
N TRP A 202 -4.32 5.01 28.05
CA TRP A 202 -4.28 5.45 26.67
C TRP A 202 -5.33 6.54 26.41
N THR A 203 -6.54 6.39 26.95
CA THR A 203 -7.52 7.46 26.77
C THR A 203 -7.10 8.71 27.53
N GLN A 204 -6.50 8.55 28.70
CA GLN A 204 -6.05 9.73 29.46
C GLN A 204 -5.02 10.51 28.68
N MET A 205 -4.09 9.82 28.02
CA MET A 205 -3.00 10.45 27.30
C MET A 205 -3.42 10.90 25.89
N PHE A 206 -4.17 10.06 25.19
CA PHE A 206 -4.39 10.19 23.75
C PHE A 206 -5.86 10.03 23.37
N GLY A 207 -6.78 10.23 24.33
CA GLY A 207 -8.19 9.87 24.14
C GLY A 207 -8.93 10.68 23.10
N GLU A 208 -8.37 11.81 22.67
CA GLU A 208 -8.96 12.51 21.53
C GLU A 208 -9.02 11.61 20.30
N HIS A 209 -8.22 10.54 20.27
CA HIS A 209 -8.22 9.58 19.18
C HIS A 209 -9.06 8.34 19.47
N ALA A 210 -9.88 8.36 20.51
CA ALA A 210 -10.79 7.26 20.79
C ALA A 210 -12.14 7.47 20.12
N ASP A 211 -12.69 6.37 19.59
CA ASP A 211 -14.05 6.38 19.07
C ASP A 211 -14.97 5.85 20.16
N ARG A 212 -15.13 4.53 20.24
CA ARG A 212 -15.93 3.90 21.29
C ARG A 212 -15.03 2.98 22.11
N VAL A 213 -15.21 2.99 23.42
CA VAL A 213 -14.30 2.33 24.36
C VAL A 213 -15.12 1.49 25.33
N VAL A 214 -14.81 0.20 25.41
CA VAL A 214 -15.45 -0.71 26.34
C VAL A 214 -14.36 -1.32 27.22
N LEU A 215 -14.51 -1.15 28.53
CA LEU A 215 -13.64 -1.76 29.51
C LEU A 215 -14.48 -2.71 30.35
N ASP A 216 -14.01 -3.95 30.53
CA ASP A 216 -14.80 -5.02 31.11
C ASP A 216 -13.95 -5.72 32.16
N SER A 217 -14.45 -5.80 33.40
CA SER A 217 -13.75 -6.42 34.52
C SER A 217 -12.57 -5.55 34.90
N ILE A 218 -12.82 -4.62 35.81
CA ILE A 218 -12.13 -3.33 35.88
C ILE A 218 -11.05 -3.34 36.95
N CYS A 219 -9.85 -2.93 36.57
CA CYS A 219 -8.80 -2.63 37.52
CA CYS A 219 -8.78 -2.59 37.51
C CYS A 219 -9.10 -1.32 38.25
N SER A 220 -8.93 -1.30 39.58
CA SER A 220 -9.12 -0.05 40.29
C SER A 220 -8.00 0.94 39.98
N PRO A 221 -8.32 2.22 39.77
CA PRO A 221 -7.25 3.21 39.58
C PRO A 221 -6.38 3.39 40.81
N ASP A 222 -6.86 2.98 41.99
CA ASP A 222 -6.14 3.11 43.25
C ASP A 222 -5.12 2.01 43.47
N TRP A 223 -5.05 1.00 42.60
CA TRP A 223 -4.33 -0.22 42.91
C TRP A 223 -2.83 -0.16 42.62
N VAL A 224 -2.37 0.79 41.81
CA VAL A 224 -1.05 0.69 41.20
C VAL A 224 0.06 0.65 42.27
N TRP A 225 0.76 -0.47 42.42
CA TRP A 225 0.36 -1.81 41.99
C TRP A 225 0.19 -2.80 43.14
N ARG A 226 0.56 -2.45 44.37
CA ARG A 226 0.43 -3.43 45.45
C ARG A 226 -1.02 -3.60 45.89
N GLY A 227 -1.88 -2.61 45.65
CA GLY A 227 -3.28 -2.72 46.03
C GLY A 227 -4.01 -3.80 45.24
N LEU A 228 -3.55 -4.07 44.02
CA LEU A 228 -4.05 -5.21 43.26
C LEU A 228 -3.91 -6.50 44.07
N PHE A 229 -2.81 -6.62 44.82
CA PHE A 229 -2.55 -7.81 45.63
C PHE A 229 -3.29 -7.74 46.96
N THR A 230 -3.17 -6.63 47.69
CA THR A 230 -3.69 -6.60 49.05
C THR A 230 -5.21 -6.50 49.09
N ASP A 231 -5.87 -6.04 48.01
CA ASP A 231 -7.32 -6.08 47.94
C ASP A 231 -7.87 -7.45 47.56
N PHE A 232 -7.03 -8.40 47.13
CA PHE A 232 -7.56 -9.68 46.64
C PHE A 232 -8.13 -10.57 47.75
N PRO A 233 -7.46 -10.77 48.88
CA PRO A 233 -7.86 -11.88 49.78
C PRO A 233 -9.31 -11.80 50.22
N PRO A 234 -9.84 -10.63 50.56
CA PRO A 234 -11.27 -10.58 50.92
C PRO A 234 -12.17 -11.04 49.79
N ASN A 235 -11.81 -10.72 48.54
CA ASN A 235 -12.60 -11.16 47.40
C ASN A 235 -12.38 -12.65 47.12
N GLY A 236 -11.17 -13.16 47.37
CA GLY A 236 -10.96 -14.59 47.30
C GLY A 236 -11.82 -15.34 48.28
N GLU A 237 -11.87 -14.86 49.54
CA GLU A 237 -12.69 -15.50 50.57
C GLU A 237 -14.16 -15.51 50.19
N ARG A 238 -14.66 -14.37 49.73
CA ARG A 238 -16.06 -14.26 49.35
C ARG A 238 -16.40 -15.18 48.19
N ALA A 239 -15.55 -15.22 47.16
CA ALA A 239 -15.80 -16.08 46.01
C ALA A 239 -15.75 -17.57 46.40
N LEU A 240 -14.83 -17.94 47.28
CA LEU A 240 -14.74 -19.32 47.73
C LEU A 240 -15.99 -19.71 48.52
N THR A 241 -16.47 -18.79 49.36
CA THR A 241 -17.64 -19.06 50.18
C THR A 241 -18.89 -19.19 49.31
N ARG A 242 -18.99 -18.37 48.27
CA ARG A 242 -20.13 -18.49 47.36
C ARG A 242 -20.16 -19.86 46.71
N TRP A 243 -19.00 -20.37 46.28
CA TRP A 243 -18.95 -21.73 45.77
C TRP A 243 -19.35 -22.73 46.86
N ALA A 244 -18.88 -22.51 48.08
CA ALA A 244 -19.16 -23.46 49.16
C ALA A 244 -20.65 -23.56 49.44
N ARG A 245 -21.36 -22.42 49.39
CA ARG A 245 -22.83 -22.44 49.48
C ARG A 245 -23.43 -23.26 48.35
N TRP A 246 -22.94 -23.05 47.13
CA TRP A 246 -23.43 -23.83 46.00
C TRP A 246 -23.18 -25.31 46.19
N ALA A 247 -21.99 -25.66 46.72
CA ALA A 247 -21.65 -27.06 46.92
C ALA A 247 -22.48 -27.68 48.03
N ALA A 248 -22.76 -26.91 49.08
CA ALA A 248 -23.46 -27.43 50.25
C ALA A 248 -24.90 -27.82 49.92
N ALA A 249 -25.53 -27.14 48.96
CA ALA A 249 -26.86 -27.52 48.50
C ALA A 249 -26.85 -28.76 47.63
N ARG A 250 -25.68 -29.30 47.32
CA ARG A 250 -25.53 -30.42 46.39
C ARG A 250 -24.74 -31.54 47.04
N ASP A 251 -24.82 -31.65 48.36
CA ASP A 251 -24.15 -32.73 49.09
C ASP A 251 -24.42 -34.08 48.47
N ALA A 252 -25.67 -34.32 48.03
CA ALA A 252 -26.01 -35.61 47.45
C ALA A 252 -25.08 -35.99 46.29
N ASP A 253 -24.79 -35.04 45.41
CA ASP A 253 -24.03 -35.34 44.20
C ASP A 253 -22.55 -35.07 44.33
N LEU A 254 -22.12 -34.26 45.30
CA LEU A 254 -20.73 -33.88 45.46
C LEU A 254 -20.08 -34.52 46.67
N GLY A 255 -20.81 -34.69 47.77
CA GLY A 255 -20.31 -35.38 48.94
C GLY A 255 -19.32 -34.60 49.76
N LEU A 256 -19.34 -33.26 49.67
CA LEU A 256 -18.38 -32.43 50.39
C LEU A 256 -18.94 -31.85 51.68
N GLY A 257 -20.22 -32.06 51.97
CA GLY A 257 -20.84 -31.47 53.14
C GLY A 257 -22.16 -30.80 52.82
N ALA A 258 -23.00 -30.62 53.84
CA ALA A 258 -24.35 -30.11 53.66
C ALA A 258 -24.49 -28.67 54.15
N THR A 259 -23.43 -28.08 54.69
CA THR A 259 -23.37 -26.68 55.04
C THR A 259 -22.12 -26.09 54.41
N ASP A 260 -22.11 -24.77 54.23
CA ASP A 260 -20.91 -24.15 53.65
C ASP A 260 -19.71 -24.32 54.56
N GLY A 261 -19.93 -24.36 55.87
CA GLY A 261 -18.82 -24.62 56.78
C GLY A 261 -18.20 -25.98 56.55
N ALA A 262 -19.03 -27.00 56.32
CA ALA A 262 -18.50 -28.35 56.15
C ALA A 262 -17.71 -28.47 54.85
N VAL A 263 -18.24 -27.90 53.76
CA VAL A 263 -17.52 -27.92 52.48
C VAL A 263 -16.18 -27.23 52.65
N ARG A 264 -16.18 -26.07 53.31
CA ARG A 264 -14.94 -25.33 53.48
C ARG A 264 -13.94 -26.11 54.32
N ALA A 265 -14.42 -26.80 55.36
CA ALA A 265 -13.52 -27.62 56.16
C ALA A 265 -12.94 -28.76 55.33
N ALA A 266 -13.75 -29.36 54.46
CA ALA A 266 -13.22 -30.35 53.54
C ALA A 266 -12.05 -29.76 52.75
N TYR A 267 -12.24 -28.56 52.20
CA TYR A 267 -11.16 -27.95 51.42
C TYR A 267 -9.98 -27.58 52.31
N ASP A 268 -10.26 -26.94 53.44
CA ASP A 268 -9.19 -26.57 54.37
C ASP A 268 -8.36 -27.79 54.78
N GLY A 269 -8.99 -28.96 54.90
CA GLY A 269 -8.23 -30.16 55.20
C GLY A 269 -7.20 -30.47 54.14
N VAL A 270 -7.52 -30.16 52.87
CA VAL A 270 -6.57 -30.34 51.79
C VAL A 270 -5.43 -29.34 51.91
N LEU A 271 -5.73 -28.13 52.38
CA LEU A 271 -4.68 -27.13 52.59
C LEU A 271 -3.83 -27.48 53.79
N ALA A 272 -4.45 -27.90 54.89
CA ALA A 272 -3.73 -28.40 56.05
C ALA A 272 -2.64 -29.38 55.63
N ARG A 273 -2.93 -30.21 54.64
CA ARG A 273 -1.98 -31.25 54.24
C ARG A 273 -0.79 -30.67 53.48
N VAL A 274 -1.06 -29.86 52.47
CA VAL A 274 0.06 -29.33 51.68
C VAL A 274 0.89 -28.37 52.51
N ASP A 275 0.26 -27.67 53.45
CA ASP A 275 0.94 -26.75 54.34
C ASP A 275 1.79 -27.46 55.39
N THR A 276 1.82 -28.80 55.37
CA THR A 276 2.73 -29.58 56.20
C THR A 276 3.40 -30.68 55.37
N ASP A 277 3.58 -30.43 54.08
CA ASP A 277 4.27 -31.35 53.17
C ASP A 277 3.72 -32.77 53.28
N ARG A 278 2.43 -32.89 53.58
CA ARG A 278 1.72 -34.16 53.46
C ARG A 278 1.11 -34.27 52.06
N GLU A 279 1.32 -35.40 51.41
CA GLU A 279 1.00 -35.56 49.99
C GLU A 279 -0.47 -35.32 49.70
N VAL A 280 -0.74 -34.65 48.57
CA VAL A 280 -2.09 -34.45 48.06
C VAL A 280 -2.03 -34.53 46.55
N THR A 281 -2.92 -35.33 45.95
CA THR A 281 -2.93 -35.55 44.52
C THR A 281 -4.32 -35.30 43.96
N VAL A 282 -4.37 -34.82 42.72
CA VAL A 282 -5.60 -34.61 41.97
C VAL A 282 -5.44 -35.44 40.69
N ALA A 283 -6.23 -36.51 40.58
CA ALA A 283 -5.85 -37.66 39.76
C ALA A 283 -4.49 -38.14 40.26
N GLY A 284 -3.50 -38.22 39.39
CA GLY A 284 -2.16 -38.60 39.81
C GLY A 284 -1.17 -37.45 39.72
N PHE A 285 -1.66 -36.22 39.90
CA PHE A 285 -0.83 -35.04 39.74
C PHE A 285 -0.67 -34.35 41.08
N PRO A 286 0.56 -34.10 41.55
CA PRO A 286 0.75 -33.63 42.92
C PRO A 286 0.50 -32.13 43.06
N LEU A 287 -0.15 -31.77 44.16
CA LEU A 287 -0.36 -30.39 44.55
C LEU A 287 0.77 -29.96 45.49
N ASP A 288 1.07 -28.67 45.51
CA ASP A 288 1.92 -28.05 46.55
C ASP A 288 1.13 -26.92 47.21
N ARG A 289 1.80 -26.15 48.08
CA ARG A 289 1.12 -25.07 48.80
C ARG A 289 0.48 -24.07 47.85
N THR A 290 1.11 -23.83 46.71
CA THR A 290 0.60 -22.83 45.78
C THR A 290 -0.51 -23.39 44.91
N LEU A 291 -0.27 -24.56 44.29
CA LEU A 291 -1.23 -25.11 43.35
C LEU A 291 -2.54 -25.49 44.03
N ALA A 292 -2.48 -25.91 45.30
CA ALA A 292 -3.69 -26.28 46.02
C ALA A 292 -4.64 -25.09 46.16
N ARG A 293 -4.11 -23.87 46.15
CA ARG A 293 -4.91 -22.66 46.18
C ARG A 293 -5.14 -22.08 44.79
N LEU A 294 -4.11 -22.12 43.94
CA LEU A 294 -4.20 -21.47 42.63
C LEU A 294 -5.12 -22.22 41.68
N ILE A 295 -5.19 -23.54 41.79
CA ILE A 295 -6.16 -24.28 40.98
C ILE A 295 -7.57 -23.79 41.30
N VAL A 296 -7.84 -23.47 42.56
CA VAL A 296 -9.16 -23.03 42.97
C VAL A 296 -9.41 -21.59 42.52
N VAL A 297 -8.43 -20.71 42.70
CA VAL A 297 -8.54 -19.36 42.15
C VAL A 297 -8.87 -19.43 40.67
N GLY A 298 -8.14 -20.27 39.93
CA GLY A 298 -8.38 -20.39 38.51
C GLY A 298 -9.80 -20.81 38.20
N MET A 299 -10.35 -21.74 38.97
CA MET A 299 -11.73 -22.13 38.75
C MET A 299 -12.68 -20.99 39.06
N LEU A 300 -12.42 -20.24 40.13
CA LEU A 300 -13.34 -19.21 40.58
C LEU A 300 -13.34 -17.98 39.68
N ASN A 301 -12.52 -17.94 38.64
CA ASN A 301 -12.62 -16.86 37.65
C ASN A 301 -13.94 -16.93 36.87
N SER A 302 -14.69 -18.03 36.97
CA SER A 302 -16.04 -18.07 36.41
C SER A 302 -16.90 -19.01 37.24
N ASP A 303 -18.07 -18.52 37.67
CA ASP A 303 -18.94 -19.38 38.45
C ASP A 303 -19.55 -20.49 37.62
N ARG A 304 -19.37 -20.48 36.30
CA ARG A 304 -19.74 -21.66 35.52
C ARG A 304 -18.82 -22.84 35.79
N ASN A 305 -17.65 -22.60 36.40
CA ASN A 305 -16.70 -23.65 36.72
C ASN A 305 -16.99 -24.33 38.04
N TYR A 306 -18.05 -23.94 38.74
CA TYR A 306 -18.36 -24.53 40.04
C TYR A 306 -18.44 -26.05 39.99
N PRO A 307 -19.05 -26.68 38.99
CA PRO A 307 -19.02 -28.16 38.95
C PRO A 307 -17.61 -28.72 38.82
N PHE A 308 -16.78 -28.14 37.94
CA PHE A 308 -15.39 -28.56 37.84
C PHE A 308 -14.72 -28.53 39.21
N LEU A 309 -14.95 -27.43 39.95
CA LEU A 309 -14.30 -27.26 41.24
C LEU A 309 -14.80 -28.28 42.25
N GLY A 310 -16.08 -28.67 42.18
CA GLY A 310 -16.56 -29.76 43.00
C GLY A 310 -15.84 -31.06 42.70
N ASP A 311 -15.72 -31.38 41.41
CA ASP A 311 -15.00 -32.58 41.00
C ASP A 311 -13.56 -32.56 41.49
N ILE A 312 -12.92 -31.38 41.45
CA ILE A 312 -11.51 -31.27 41.82
C ILE A 312 -11.32 -31.47 43.32
N VAL A 313 -12.14 -30.79 44.12
CA VAL A 313 -12.02 -30.89 45.56
C VAL A 313 -12.34 -32.31 46.03
N ARG A 314 -13.37 -32.92 45.44
CA ARG A 314 -13.68 -34.31 45.74
C ARG A 314 -12.49 -35.22 45.44
N SER A 315 -11.82 -34.98 44.31
CA SER A 315 -10.70 -35.84 43.91
C SER A 315 -9.49 -35.63 44.80
N ALA A 316 -9.32 -34.44 45.37
CA ALA A 316 -8.22 -34.20 46.29
C ALA A 316 -8.48 -34.83 47.65
N VAL A 317 -9.74 -34.81 48.09
CA VAL A 317 -10.10 -35.39 49.38
C VAL A 317 -10.10 -36.92 49.31
N HIS A 318 -10.95 -37.50 48.43
CA HIS A 318 -10.94 -38.95 48.23
C HIS A 318 -10.47 -39.34 46.84
N GLY A 319 -11.37 -39.21 45.87
CA GLY A 319 -11.36 -39.95 44.62
C GLY A 319 -10.03 -40.16 43.92
N GLY A 320 -10.09 -40.88 42.81
CA GLY A 320 -8.96 -40.99 41.92
C GLY A 320 -9.20 -40.15 40.68
N GLN A 321 -9.92 -40.72 39.72
CA GLN A 321 -10.17 -40.03 38.46
C GLN A 321 -11.03 -38.79 38.68
N LEU A 322 -10.88 -37.83 37.76
CA LEU A 322 -11.83 -36.76 37.56
C LEU A 322 -12.74 -37.10 36.38
N GLU A 323 -13.92 -36.50 36.36
CA GLU A 323 -14.77 -36.60 35.19
C GLU A 323 -14.00 -36.10 33.96
N PRO A 324 -14.23 -36.68 32.77
CA PRO A 324 -13.41 -36.28 31.61
C PRO A 324 -13.39 -34.79 31.34
N ALA A 325 -14.55 -34.13 31.38
CA ALA A 325 -14.61 -32.69 31.16
C ALA A 325 -13.61 -31.96 32.04
N THR A 326 -13.63 -32.26 33.34
CA THR A 326 -12.74 -31.56 34.28
C THR A 326 -11.28 -31.78 33.93
N MET A 327 -10.93 -32.99 33.47
CA MET A 327 -9.54 -33.28 33.14
C MET A 327 -9.04 -32.39 32.00
N GLY A 328 -9.85 -32.20 30.97
CA GLY A 328 -9.41 -31.39 29.85
C GLY A 328 -9.29 -29.93 30.21
N PHE A 329 -10.20 -29.43 31.03
CA PHE A 329 -10.16 -28.02 31.43
C PHE A 329 -8.98 -27.75 32.35
N LEU A 330 -8.72 -28.65 33.31
CA LEU A 330 -7.54 -28.51 34.15
C LEU A 330 -6.26 -28.63 33.33
N GLY A 331 -6.23 -29.55 32.37
CA GLY A 331 -5.05 -29.71 31.54
C GLY A 331 -4.79 -28.48 30.68
N GLN A 332 -5.86 -27.92 30.10
CA GLN A 332 -5.84 -26.59 29.51
C GLN A 332 -5.09 -25.60 30.39
N MET A 333 -5.56 -25.43 31.63
CA MET A 333 -5.20 -24.30 32.47
C MET A 333 -3.84 -24.49 33.13
N PHE A 334 -3.57 -25.68 33.64
CA PHE A 334 -2.27 -25.98 34.21
C PHE A 334 -1.54 -26.92 33.26
N GLY A 335 -1.45 -28.22 33.54
CA GLY A 335 -0.92 -29.13 32.53
C GLY A 335 0.47 -28.79 32.02
N GLN A 336 0.64 -27.58 31.46
CA GLN A 336 1.93 -27.04 31.03
C GLN A 336 2.41 -25.98 32.01
N PRO A 337 3.70 -25.64 32.00
CA PRO A 337 4.16 -24.49 32.79
C PRO A 337 3.61 -23.18 32.28
N LYS A 338 3.43 -22.24 33.21
CA LYS A 338 2.99 -20.89 32.86
C LYS A 338 3.98 -20.29 31.85
N GLU A 339 3.44 -19.66 30.81
CA GLU A 339 4.26 -19.12 29.74
C GLU A 339 5.24 -18.07 30.29
N GLU A 340 6.53 -18.22 29.95
CA GLU A 340 7.56 -17.53 30.72
C GLU A 340 7.64 -16.04 30.38
N SER A 341 7.67 -15.70 29.10
CA SER A 341 7.87 -14.29 28.75
C SER A 341 6.74 -13.43 29.30
N GLY A 342 5.53 -13.98 29.39
CA GLY A 342 4.44 -13.25 30.03
C GLY A 342 4.67 -13.06 31.51
N THR A 343 5.24 -14.07 32.17
CA THR A 343 5.60 -13.90 33.57
C THR A 343 6.63 -12.79 33.74
N VAL A 344 7.65 -12.78 32.88
CA VAL A 344 8.68 -11.76 32.96
C VAL A 344 8.11 -10.37 32.71
N ALA A 345 7.26 -10.25 31.69
CA ALA A 345 6.69 -8.94 31.39
C ALA A 345 5.77 -8.48 32.52
N GLN A 346 5.05 -9.41 33.12
CA GLN A 346 4.18 -9.11 34.26
C GLN A 346 4.98 -8.54 35.44
N LEU A 347 6.09 -9.20 35.80
CA LEU A 347 6.99 -8.65 36.80
C LEU A 347 7.47 -7.26 36.41
N ALA A 348 7.95 -7.13 35.18
CA ALA A 348 8.60 -5.89 34.75
C ALA A 348 7.63 -4.72 34.78
N ILE A 349 6.37 -4.96 34.39
CA ILE A 349 5.38 -3.88 34.37
C ILE A 349 4.96 -3.52 35.79
N LEU A 350 4.69 -4.53 36.63
CA LEU A 350 4.23 -4.25 37.98
C LEU A 350 5.26 -3.47 38.78
N ALA A 351 6.55 -3.72 38.53
CA ALA A 351 7.61 -2.95 39.16
C ALA A 351 8.07 -1.76 38.33
N GLY A 352 7.88 -1.81 37.01
CA GLY A 352 8.30 -0.70 36.16
C GLY A 352 7.38 0.49 36.20
N ASP A 353 6.10 0.27 36.53
CA ASP A 353 5.15 1.37 36.63
C ASP A 353 5.34 2.18 37.91
N TRP A 354 5.80 1.53 38.99
CA TRP A 354 5.62 2.10 40.32
C TRP A 354 6.54 1.38 41.29
N ALA A 355 7.15 2.15 42.20
CA ALA A 355 8.13 1.61 43.14
C ALA A 355 7.42 0.97 44.32
N TRP A 356 7.67 -0.32 44.53
CA TRP A 356 7.08 -1.06 45.63
C TRP A 356 7.80 -0.75 46.94
N PRO A 357 7.13 -0.91 48.08
CA PRO A 357 7.84 -0.87 49.36
C PRO A 357 8.98 -1.87 49.37
N ARG A 358 10.08 -1.51 50.02
CA ARG A 358 11.25 -2.37 50.07
C ARG A 358 11.58 -2.87 51.47
N ASN A 359 10.96 -2.31 52.50
CA ASN A 359 11.17 -2.79 53.86
C ASN A 359 10.46 -4.13 54.07
N VAL A 360 11.20 -5.15 54.48
CA VAL A 360 10.61 -6.49 54.54
C VAL A 360 9.71 -6.68 55.76
N ASP A 361 9.91 -5.92 56.84
CA ASP A 361 9.06 -6.07 58.01
C ASP A 361 7.61 -5.71 57.70
N LEU A 362 7.39 -4.71 56.83
CA LEU A 362 6.05 -4.38 56.39
C LEU A 362 5.33 -5.59 55.81
N TYR A 363 6.02 -6.35 54.97
CA TYR A 363 5.39 -7.51 54.33
C TYR A 363 5.11 -8.60 55.34
N GLU A 364 6.01 -8.84 56.29
CA GLU A 364 5.76 -9.88 57.28
C GLU A 364 4.53 -9.54 58.10
N ARG A 365 4.44 -8.29 58.59
CA ARG A 365 3.27 -7.86 59.33
C ARG A 365 2.00 -8.08 58.51
N ASP A 366 2.00 -7.62 57.26
CA ASP A 366 0.81 -7.74 56.42
C ASP A 366 0.46 -9.21 56.16
N MET A 367 1.47 -10.03 55.87
CA MET A 367 1.23 -11.45 55.64
C MET A 367 0.57 -12.11 56.85
N GLU A 368 1.08 -11.83 58.05
CA GLU A 368 0.57 -12.49 59.23
C GLU A 368 -0.85 -12.03 59.55
N ARG A 369 -1.15 -10.75 59.35
CA ARG A 369 -2.51 -10.27 59.59
C ARG A 369 -3.48 -10.86 58.57
N ALA A 370 -3.09 -10.84 57.28
CA ALA A 370 -3.98 -11.33 56.24
C ALA A 370 -4.18 -12.84 56.31
N SER A 371 -3.16 -13.58 56.75
CA SER A 371 -3.32 -15.02 56.94
C SER A 371 -4.39 -15.31 57.98
N ARG A 372 -4.58 -14.40 58.94
CA ARG A 372 -5.57 -14.61 59.99
C ARG A 372 -6.96 -14.20 59.53
N THR A 373 -7.08 -13.03 58.87
CA THR A 373 -8.38 -12.51 58.51
C THR A 373 -8.95 -13.15 57.25
N HIS A 374 -8.08 -13.58 56.33
CA HIS A 374 -8.51 -14.14 55.04
C HIS A 374 -7.60 -15.31 54.69
N PRO A 375 -7.82 -16.48 55.30
CA PRO A 375 -6.85 -17.57 55.21
C PRO A 375 -6.65 -18.17 53.82
N PHE A 376 -7.64 -18.08 52.93
CA PHE A 376 -7.55 -18.76 51.64
C PHE A 376 -6.33 -18.29 50.86
N THR A 377 -6.19 -16.97 50.69
CA THR A 377 -5.06 -16.41 49.94
C THR A 377 -4.39 -15.24 50.67
N GLY A 378 -4.70 -15.03 51.94
CA GLY A 378 -4.14 -13.87 52.65
C GLY A 378 -2.63 -13.84 52.61
N ALA A 379 -1.99 -14.97 52.97
CA ALA A 379 -0.53 -14.97 53.08
C ALA A 379 0.12 -14.82 51.71
N ALA A 380 -0.47 -15.42 50.69
CA ALA A 380 0.11 -15.37 49.36
C ALA A 380 0.05 -13.96 48.77
N MET A 381 -0.98 -13.19 49.06
CA MET A 381 -1.19 -11.89 48.44
CA MET A 381 -1.15 -11.90 48.42
C MET A 381 -0.53 -10.74 49.21
N ALA A 382 -0.51 -10.82 50.54
CA ALA A 382 -0.06 -9.69 51.34
C ALA A 382 1.41 -9.76 51.70
N GLY A 383 2.08 -10.88 51.42
CA GLY A 383 3.45 -11.08 51.81
C GLY A 383 4.44 -10.54 50.79
N ILE A 384 5.70 -10.91 50.99
CA ILE A 384 6.79 -10.35 50.21
C ILE A 384 6.71 -10.80 48.76
N LYS A 385 6.93 -9.86 47.83
CA LYS A 385 6.93 -10.16 46.40
C LYS A 385 8.16 -9.57 45.73
N ALA A 386 8.53 -10.18 44.61
CA ALA A 386 9.76 -9.84 43.91
C ALA A 386 9.92 -8.36 43.58
N PRO A 387 8.87 -7.60 43.25
CA PRO A 387 9.08 -6.16 42.99
C PRO A 387 9.66 -5.39 44.17
N ALA A 388 9.56 -5.91 45.40
CA ALA A 388 10.17 -5.27 46.55
C ALA A 388 11.69 -5.25 46.47
N PHE A 389 12.27 -6.08 45.61
CA PHE A 389 13.71 -6.17 45.41
C PHE A 389 14.12 -5.72 44.01
N TRP A 390 13.33 -4.86 43.38
CA TRP A 390 13.51 -4.64 41.97
C TRP A 390 14.78 -3.82 41.71
N PRO A 391 15.52 -4.13 40.63
CA PRO A 391 16.81 -3.46 40.41
C PRO A 391 16.74 -2.12 39.69
N VAL A 392 15.57 -1.72 39.19
CA VAL A 392 15.45 -0.42 38.53
C VAL A 392 14.22 0.31 39.07
N PRO A 393 14.22 1.63 39.08
CA PRO A 393 13.04 2.37 39.49
C PRO A 393 12.18 2.71 38.29
N PRO A 394 10.96 3.19 38.50
CA PRO A 394 10.15 3.65 37.36
C PRO A 394 10.81 4.80 36.62
N SER A 395 10.68 4.78 35.29
CA SER A 395 11.20 5.86 34.46
C SER A 395 10.30 7.09 34.46
N GLU A 396 9.00 6.92 34.70
CA GLU A 396 8.05 8.01 34.69
C GLU A 396 7.13 7.92 35.89
N PRO A 397 6.57 9.04 36.35
CA PRO A 397 5.46 8.96 37.30
C PRO A 397 4.29 8.18 36.72
N VAL A 398 3.46 7.65 37.63
CA VAL A 398 2.21 7.01 37.24
CA VAL A 398 2.24 6.99 37.20
C VAL A 398 1.30 8.03 36.58
N THR A 399 0.55 7.58 35.56
CA THR A 399 -0.44 8.43 34.93
C THR A 399 -1.47 8.89 35.96
N ARG A 400 -1.78 10.19 35.94
CA ARG A 400 -2.88 10.74 36.74
C ARG A 400 -4.19 10.54 35.99
N LEU A 401 -4.96 9.50 36.35
CA LEU A 401 -6.28 9.33 35.79
C LEU A 401 -7.25 10.31 36.42
N GLY A 402 -8.16 10.85 35.61
CA GLY A 402 -9.14 11.76 36.14
C GLY A 402 -10.21 12.22 35.17
N PRO A 403 -11.14 13.02 35.69
CA PRO A 403 -12.33 13.41 34.92
C PRO A 403 -12.05 14.40 33.80
N ASP A 404 -10.81 14.83 33.61
CA ASP A 404 -10.40 15.54 32.40
C ASP A 404 -10.02 14.59 31.26
N ASN A 405 -10.24 13.29 31.45
CA ASN A 405 -10.00 12.31 30.39
C ASN A 405 -10.68 12.77 29.10
N PRO A 406 -9.95 12.86 27.99
CA PRO A 406 -10.54 13.43 26.76
C PRO A 406 -11.36 12.48 25.90
N ALA A 407 -11.52 11.21 26.28
CA ALA A 407 -12.31 10.32 25.44
C ALA A 407 -13.77 10.76 25.41
N ASP A 408 -14.37 10.64 24.22
CA ASP A 408 -15.75 11.05 24.07
CA ASP A 408 -15.77 11.03 24.05
C ASP A 408 -16.68 10.22 24.95
N SER A 409 -16.43 8.92 25.05
CA SER A 409 -17.27 8.08 25.90
C SER A 409 -16.52 6.80 26.26
N ILE A 410 -16.84 6.29 27.45
CA ILE A 410 -16.26 5.04 27.95
C ILE A 410 -17.39 4.25 28.61
N LEU A 411 -17.61 3.01 28.16
CA LEU A 411 -18.53 2.10 28.81
C LEU A 411 -17.76 1.08 29.64
N LEU A 412 -18.09 1.01 30.94
CA LEU A 412 -17.53 0.05 31.88
C LEU A 412 -18.52 -1.07 32.11
N VAL A 413 -18.05 -2.32 32.07
CA VAL A 413 -18.87 -3.51 32.25
C VAL A 413 -18.27 -4.33 33.38
N GLN A 414 -19.11 -4.74 34.33
CA GLN A 414 -18.59 -5.34 35.56
C GLN A 414 -19.57 -6.37 36.12
N ALA A 415 -19.08 -7.58 36.38
CA ALA A 415 -19.88 -8.58 37.09
C ALA A 415 -19.88 -8.26 38.58
N ALA A 416 -21.08 -8.23 39.17
CA ALA A 416 -21.23 -7.76 40.54
C ALA A 416 -20.38 -8.55 41.52
N ASP A 417 -20.18 -9.84 41.27
CA ASP A 417 -19.52 -10.72 42.22
C ASP A 417 -18.16 -11.23 41.73
N ASP A 418 -17.58 -10.57 40.72
CA ASP A 418 -16.28 -10.98 40.20
C ASP A 418 -15.23 -10.90 41.31
N MET A 419 -14.26 -11.79 41.23
CA MET A 419 -13.29 -11.99 42.30
C MET A 419 -12.07 -11.09 42.16
N SER A 420 -11.31 -11.27 41.08
CA SER A 420 -10.01 -10.61 40.96
C SER A 420 -10.12 -9.14 40.58
N THR A 421 -11.19 -8.76 39.87
CA THR A 421 -11.50 -7.35 39.62
C THR A 421 -12.89 -7.14 40.19
N PRO A 422 -13.02 -6.60 41.39
CA PRO A 422 -14.32 -6.57 42.08
C PRO A 422 -15.14 -5.34 41.73
N LEU A 423 -16.41 -5.37 42.14
CA LEU A 423 -17.32 -4.28 41.82
C LEU A 423 -16.82 -2.94 42.37
N ALA A 424 -16.21 -2.95 43.56
CA ALA A 424 -15.68 -1.72 44.13
C ALA A 424 -14.65 -1.08 43.21
N ALA A 425 -13.85 -1.90 42.53
CA ALA A 425 -12.82 -1.36 41.65
C ALA A 425 -13.44 -0.66 40.45
N ALA A 426 -14.47 -1.27 39.86
CA ALA A 426 -15.18 -0.64 38.75
C ALA A 426 -15.84 0.65 39.19
N ARG A 427 -16.44 0.67 40.37
CA ARG A 427 -17.08 1.88 40.85
C ARG A 427 -16.06 3.01 41.05
N ARG A 428 -14.87 2.68 41.55
CA ARG A 428 -13.82 3.68 41.67
C ARG A 428 -13.37 4.19 40.31
N MET A 429 -13.18 3.30 39.33
CA MET A 429 -12.82 3.78 38.00
C MET A 429 -13.88 4.71 37.43
N ARG A 430 -15.15 4.37 37.63
CA ARG A 430 -16.26 5.22 37.20
C ARG A 430 -16.18 6.60 37.86
N GLU A 431 -15.90 6.63 39.16
CA GLU A 431 -15.78 7.91 39.86
C GLU A 431 -14.64 8.74 39.30
N VAL A 432 -13.52 8.09 38.99
CA VAL A 432 -12.32 8.80 38.58
C VAL A 432 -12.46 9.32 37.16
N LEU A 433 -12.94 8.48 36.23
CA LEU A 433 -13.09 8.90 34.85
C LEU A 433 -14.19 9.95 34.67
N GLY A 434 -15.16 10.01 35.58
CA GLY A 434 -16.15 11.07 35.54
C GLY A 434 -17.24 10.85 34.50
N ASP A 435 -17.86 11.97 34.09
CA ASP A 435 -19.15 11.91 33.40
C ASP A 435 -19.06 11.32 32.00
N THR A 436 -17.88 11.21 31.43
CA THR A 436 -17.79 10.60 30.12
C THR A 436 -17.94 9.08 30.18
N SER A 437 -17.87 8.48 31.36
CA SER A 437 -18.02 7.04 31.52
C SER A 437 -19.39 6.67 32.08
N ARG A 438 -19.81 5.43 31.79
CA ARG A 438 -21.00 4.83 32.36
C ARG A 438 -20.66 3.41 32.78
N LEU A 439 -21.28 2.95 33.87
CA LEU A 439 -21.04 1.62 34.41
C LEU A 439 -22.29 0.76 34.28
N LEU A 440 -22.12 -0.39 33.63
CA LEU A 440 -23.10 -1.48 33.62
C LEU A 440 -22.65 -2.53 34.62
N THR A 441 -23.48 -2.80 35.62
CA THR A 441 -23.26 -3.89 36.57
C THR A 441 -24.16 -5.07 36.22
N VAL A 442 -23.57 -6.26 36.10
CA VAL A 442 -24.33 -7.48 35.85
C VAL A 442 -24.49 -8.20 37.19
N ALA A 443 -25.74 -8.30 37.66
CA ALA A 443 -26.02 -8.81 39.00
C ALA A 443 -25.89 -10.32 39.08
N ASP A 444 -25.67 -10.82 40.30
CA ASP A 444 -25.70 -12.25 40.60
C ASP A 444 -24.80 -13.04 39.67
N THR A 445 -23.56 -12.58 39.54
CA THR A 445 -22.63 -13.11 38.56
C THR A 445 -21.23 -12.98 39.12
N ALA A 446 -20.58 -14.12 39.36
CA ALA A 446 -19.19 -14.15 39.80
C ALA A 446 -18.39 -14.69 38.63
N HIS A 447 -18.05 -13.78 37.71
CA HIS A 447 -17.40 -14.16 36.47
C HIS A 447 -16.48 -13.05 36.00
N HIS A 448 -15.34 -13.44 35.43
CA HIS A 448 -14.32 -12.52 34.92
C HIS A 448 -14.39 -12.48 33.40
N ARG A 449 -14.53 -11.27 32.85
CA ARG A 449 -14.69 -11.03 31.40
C ARG A 449 -16.12 -11.34 30.97
N VAL A 450 -17.03 -10.38 31.17
CA VAL A 450 -18.46 -10.65 30.99
C VAL A 450 -18.85 -10.64 29.52
N PHE A 451 -18.55 -9.54 28.83
CA PHE A 451 -18.87 -9.41 27.42
C PHE A 451 -17.68 -9.86 26.58
N PRO A 452 -17.87 -10.81 25.63
CA PRO A 452 -19.08 -11.59 25.28
C PRO A 452 -19.13 -12.95 25.96
N PHE A 453 -18.08 -13.26 26.72
CA PHE A 453 -17.80 -14.66 27.10
C PHE A 453 -18.86 -15.27 27.99
N TYR A 454 -19.54 -14.48 28.82
CA TYR A 454 -20.54 -15.08 29.72
C TYR A 454 -21.87 -15.33 29.03
N GLY A 455 -22.13 -14.69 27.89
CA GLY A 455 -23.43 -14.83 27.25
C GLY A 455 -24.58 -14.21 28.03
N ASN A 456 -24.34 -13.14 28.77
CA ASN A 456 -25.40 -12.46 29.48
C ASN A 456 -26.23 -11.67 28.48
N PRO A 457 -27.53 -11.96 28.32
CA PRO A 457 -28.31 -11.22 27.31
C PRO A 457 -28.28 -9.72 27.50
N GLY A 458 -28.44 -9.26 28.74
CA GLY A 458 -28.49 -7.83 28.99
C GLY A 458 -27.20 -7.12 28.63
N ALA A 459 -26.07 -7.68 29.09
CA ALA A 459 -24.79 -7.06 28.78
C ALA A 459 -24.51 -7.10 27.28
N ASP A 460 -24.77 -8.24 26.63
CA ASP A 460 -24.52 -8.33 25.21
C ASP A 460 -25.33 -7.29 24.44
N GLU A 461 -26.59 -7.11 24.81
CA GLU A 461 -27.45 -6.16 24.12
C GLU A 461 -26.98 -4.72 24.32
N LEU A 462 -26.64 -4.37 25.55
CA LEU A 462 -26.21 -3.00 25.82
C LEU A 462 -24.86 -2.69 25.19
N VAL A 463 -23.90 -3.61 25.26
CA VAL A 463 -22.59 -3.35 24.67
C VAL A 463 -22.68 -3.32 23.15
N THR A 464 -23.49 -4.20 22.56
CA THR A 464 -23.62 -4.20 21.11
C THR A 464 -24.26 -2.91 20.64
N ALA A 465 -25.26 -2.43 21.37
CA ALA A 465 -25.93 -1.17 21.02
C ALA A 465 -24.95 0.00 21.08
N TYR A 466 -24.01 -0.03 22.02
CA TYR A 466 -22.99 1.01 22.08
C TYR A 466 -22.00 0.89 20.93
N LEU A 467 -21.42 -0.29 20.73
CA LEU A 467 -20.40 -0.45 19.70
C LEU A 467 -20.96 -0.21 18.30
N VAL A 468 -22.18 -0.66 18.05
CA VAL A 468 -22.77 -0.53 16.72
C VAL A 468 -23.41 0.84 16.52
N ASP A 469 -24.26 1.26 17.46
CA ASP A 469 -25.09 2.45 17.30
C ASP A 469 -24.64 3.64 18.14
N GLY A 470 -23.65 3.48 19.02
CA GLY A 470 -23.23 4.55 19.91
C GLY A 470 -24.20 4.88 21.04
N GLU A 471 -25.19 4.02 21.28
CA GLU A 471 -26.13 4.26 22.37
C GLU A 471 -25.47 4.01 23.72
N LEU A 472 -25.63 4.96 24.64
CA LEU A 472 -25.17 4.83 26.02
C LEU A 472 -26.30 5.20 26.95
N PRO A 473 -26.46 4.50 28.08
CA PRO A 473 -27.49 4.90 29.04
C PRO A 473 -27.18 6.26 29.64
N ALA A 474 -28.22 6.88 30.21
CA ALA A 474 -28.09 8.21 30.78
C ALA A 474 -27.32 8.20 32.09
N ALA A 475 -27.29 7.06 32.77
CA ALA A 475 -26.59 6.89 34.04
C ALA A 475 -26.25 5.42 34.16
N ASP A 476 -25.57 5.05 35.25
CA ASP A 476 -25.22 3.66 35.47
C ASP A 476 -26.48 2.79 35.55
N VAL A 477 -26.34 1.54 35.09
CA VAL A 477 -27.45 0.60 35.02
C VAL A 477 -27.02 -0.77 35.52
N THR A 478 -28.02 -1.57 35.88
CA THR A 478 -27.85 -2.97 36.23
C THR A 478 -28.61 -3.86 35.26
N ARG A 479 -28.05 -5.03 35.00
CA ARG A 479 -28.75 -6.05 34.24
C ARG A 479 -28.70 -7.37 35.01
N PRO A 480 -29.77 -8.15 34.93
CA PRO A 480 -29.83 -9.38 35.71
C PRO A 480 -29.13 -10.55 35.02
N ASN A 481 -28.82 -11.56 35.83
CA ASN A 481 -28.36 -12.85 35.35
C ASN A 481 -29.56 -13.79 35.33
N PRO A 482 -30.08 -14.18 34.16
CA PRO A 482 -31.26 -15.06 34.17
C PRO A 482 -30.96 -16.48 34.60
N ALA A 483 -29.68 -16.87 34.67
CA ALA A 483 -29.27 -18.23 35.01
C ALA A 483 -28.19 -18.18 36.09
N PRO A 484 -28.54 -17.70 37.29
CA PRO A 484 -27.53 -17.55 38.34
C PRO A 484 -27.19 -18.88 39.00
N MET A 485 -25.93 -19.00 39.41
CA MET A 485 -25.48 -20.25 40.03
C MET A 485 -26.08 -20.42 41.42
N VAL A 486 -26.32 -19.33 42.13
CA VAL A 486 -26.96 -19.40 43.45
C VAL A 486 -27.95 -18.27 43.58
N PRO A 487 -28.94 -18.42 44.47
CA PRO A 487 -29.94 -17.36 44.66
C PRO A 487 -29.32 -16.06 45.18
N THR A 488 -30.04 -14.97 44.94
CA THR A 488 -29.65 -13.64 45.41
C THR A 488 -29.55 -13.63 46.93
N PRO B 8 9.67 16.68 6.96
CA PRO B 8 9.13 17.81 7.72
C PRO B 8 8.68 17.44 9.13
N HIS B 9 8.89 18.37 10.06
CA HIS B 9 8.63 18.12 11.47
C HIS B 9 7.71 19.19 12.04
N LEU B 10 6.73 18.76 12.83
CA LEU B 10 5.79 19.70 13.45
C LEU B 10 6.36 20.32 14.72
N LEU B 11 7.18 19.57 15.46
CA LEU B 11 7.73 20.00 16.76
C LEU B 11 6.61 20.21 17.78
N THR B 12 5.71 19.22 17.84
CA THR B 12 4.56 19.28 18.73
C THR B 12 4.99 19.30 20.20
N ASP B 13 6.02 18.54 20.57
CA ASP B 13 6.47 18.52 21.97
C ASP B 13 6.77 19.93 22.45
N ALA B 14 7.52 20.69 21.67
CA ALA B 14 7.90 22.04 22.06
C ALA B 14 6.69 22.97 22.10
N VAL B 15 5.79 22.84 21.11
CA VAL B 15 4.54 23.60 21.14
C VAL B 15 3.78 23.32 22.43
N ARG B 16 3.58 22.05 22.76
CA ARG B 16 2.86 21.69 23.97
C ARG B 16 3.49 22.32 25.21
N ALA B 17 4.82 22.37 25.24
CA ALA B 17 5.51 22.90 26.40
C ALA B 17 5.09 24.34 26.69
N PHE B 18 4.79 25.11 25.66
CA PHE B 18 4.42 26.51 25.83
C PHE B 18 2.90 26.73 25.83
N GLN B 19 2.11 25.70 25.55
CA GLN B 19 0.66 25.83 25.57
C GLN B 19 0.07 25.88 26.97
N ALA B 20 0.87 25.62 28.00
CA ALA B 20 0.38 25.61 29.37
C ALA B 20 0.32 27.00 30.00
N GLN B 21 0.62 28.06 29.24
CA GLN B 21 0.55 29.41 29.76
C GLN B 21 -0.89 29.85 30.00
N SER B 22 -1.05 30.77 30.94
CA SER B 22 -2.32 31.47 31.18
C SER B 22 -2.01 32.97 31.19
N PRO B 23 -2.17 33.65 30.08
CA PRO B 23 -1.84 35.08 30.04
C PRO B 23 -2.76 35.89 30.93
N VAL B 24 -2.26 37.04 31.37
CA VAL B 24 -3.01 37.96 32.23
C VAL B 24 -3.45 39.14 31.36
N TRP B 25 -4.77 39.26 31.18
CA TRP B 25 -5.36 40.29 30.33
C TRP B 25 -5.63 41.57 31.12
N ARG B 26 -5.35 42.70 30.50
CA ARG B 26 -5.63 44.01 31.05
C ARG B 26 -6.11 44.92 29.91
N PRO B 27 -6.74 46.04 30.25
CA PRO B 27 -7.04 47.05 29.21
C PRO B 27 -5.79 47.49 28.50
N ALA B 28 -5.89 47.61 27.17
CA ALA B 28 -4.79 48.08 26.33
C ALA B 28 -4.76 49.61 26.33
N ASP B 29 -4.05 50.19 27.30
CA ASP B 29 -4.04 51.64 27.46
C ASP B 29 -2.75 52.32 27.03
N ASP B 30 -1.77 51.58 26.50
CA ASP B 30 -0.49 52.18 26.13
C ASP B 30 -0.41 52.54 24.65
N GLU B 31 -1.53 52.43 23.92
CA GLU B 31 -1.56 52.77 22.50
C GLU B 31 -2.98 53.15 22.14
N GLU B 32 -3.14 54.34 21.56
CA GLU B 32 -4.47 54.90 21.33
C GLU B 32 -5.32 54.01 20.43
N ALA B 33 -4.73 53.52 19.34
CA ALA B 33 -5.49 52.71 18.38
C ALA B 33 -6.08 51.46 18.99
N LEU B 34 -5.53 51.00 20.11
CA LEU B 34 -5.96 49.76 20.76
C LEU B 34 -6.86 50.00 21.96
N ARG B 35 -7.15 51.25 22.29
CA ARG B 35 -8.10 51.49 23.36
C ARG B 35 -9.46 50.96 22.95
N GLY B 36 -10.11 50.24 23.85
CA GLY B 36 -11.27 49.45 23.56
C GLY B 36 -11.03 47.96 23.64
N LEU B 37 -9.76 47.54 23.57
CA LEU B 37 -9.37 46.14 23.60
C LEU B 37 -8.64 45.81 24.89
N GLU B 38 -8.60 44.52 25.21
CA GLU B 38 -7.67 44.01 26.20
C GLU B 38 -6.36 43.61 25.54
N ALA B 39 -5.31 43.53 26.35
CA ALA B 39 -3.98 43.16 25.88
C ALA B 39 -3.35 42.15 26.84
N ALA B 40 -2.52 41.27 26.29
CA ALA B 40 -1.75 40.32 27.08
C ALA B 40 -0.46 40.02 26.34
N GLU B 41 0.50 39.46 27.06
CA GLU B 41 1.74 38.98 26.47
C GLU B 41 1.85 37.46 26.65
N LEU B 42 2.58 36.85 25.74
CA LEU B 42 2.71 35.42 25.63
C LEU B 42 4.16 35.14 25.25
N THR B 43 4.71 34.04 25.76
CA THR B 43 6.08 33.67 25.45
C THR B 43 6.09 32.53 24.44
N VAL B 44 6.97 32.64 23.45
CA VAL B 44 7.24 31.54 22.52
C VAL B 44 8.74 31.32 22.42
N PRO B 45 9.18 30.11 22.11
CA PRO B 45 10.62 29.89 21.85
C PRO B 45 11.04 30.53 20.54
N LEU B 46 12.24 31.11 20.53
CA LEU B 46 12.85 31.53 19.28
C LEU B 46 12.93 30.38 18.29
N ASP B 47 13.34 29.21 18.77
CA ASP B 47 13.61 28.05 17.95
C ASP B 47 12.86 26.88 18.56
N TYR B 48 11.86 26.34 17.85
CA TYR B 48 11.09 25.25 18.44
C TYR B 48 11.89 23.96 18.53
N ARG B 49 13.06 23.90 17.91
CA ARG B 49 13.98 22.80 18.16
C ARG B 49 14.76 22.98 19.45
N ALA B 50 14.69 24.15 20.07
CA ALA B 50 15.41 24.46 21.31
C ALA B 50 14.45 25.09 22.31
N PRO B 51 13.45 24.33 22.77
CA PRO B 51 12.41 24.92 23.62
C PRO B 51 12.89 25.43 24.96
N ALA B 52 13.99 24.91 25.50
CA ALA B 52 14.51 25.40 26.77
C ALA B 52 15.54 26.51 26.57
N GLY B 53 15.65 27.03 25.35
CA GLY B 53 16.56 28.09 25.03
C GLY B 53 15.90 29.46 25.00
N ARG B 54 16.42 30.31 24.14
CA ARG B 54 15.97 31.70 24.05
C ARG B 54 14.49 31.77 23.66
N THR B 55 13.81 32.77 24.19
CA THR B 55 12.38 32.97 23.97
C THR B 55 12.13 34.40 23.50
N LEU B 56 10.90 34.61 22.99
CA LEU B 56 10.38 35.92 22.58
C LEU B 56 9.08 36.17 23.31
N THR B 57 8.61 37.40 23.25
CA THR B 57 7.27 37.73 23.71
C THR B 57 6.43 38.22 22.54
N LEU B 58 5.19 37.73 22.48
CA LEU B 58 4.20 38.20 21.54
C LEU B 58 3.16 39.03 22.27
N GLY B 59 2.73 40.13 21.64
CA GLY B 59 1.65 40.93 22.15
C GLY B 59 0.33 40.57 21.49
N LEU B 60 -0.65 40.23 22.32
CA LEU B 60 -2.00 39.88 21.90
C LEU B 60 -2.98 40.97 22.31
N VAL B 61 -4.11 41.03 21.59
CA VAL B 61 -5.26 41.83 21.99
C VAL B 61 -6.51 40.99 21.82
N ARG B 62 -7.59 41.43 22.49
CA ARG B 62 -8.83 40.69 22.49
C ARG B 62 -10.04 41.60 22.67
N HIS B 63 -11.13 41.22 22.00
CA HIS B 63 -12.45 41.83 22.16
C HIS B 63 -13.41 40.68 22.43
N ARG B 64 -13.91 40.57 23.66
CA ARG B 64 -14.71 39.41 24.01
C ARG B 64 -16.09 39.46 23.36
N ALA B 65 -16.65 38.27 23.15
CA ALA B 65 -17.97 38.16 22.54
C ALA B 65 -18.98 39.02 23.29
N THR B 66 -19.73 39.85 22.55
CA THR B 66 -20.63 40.79 23.20
C THR B 66 -21.90 40.14 23.75
N ALA B 67 -22.22 38.90 23.35
CA ALA B 67 -23.38 38.17 23.86
C ALA B 67 -22.88 36.90 24.51
N PRO B 68 -22.50 36.94 25.78
CA PRO B 68 -21.96 35.74 26.45
C PRO B 68 -22.85 34.51 26.31
N GLU B 69 -24.16 34.68 26.30
CA GLU B 69 -25.03 33.50 26.20
C GLU B 69 -25.04 32.92 24.80
N ARG B 70 -24.53 33.65 23.80
CA ARG B 70 -24.40 33.16 22.44
C ARG B 70 -22.97 32.87 22.03
N ARG B 71 -22.00 33.01 22.94
CA ARG B 71 -20.59 32.81 22.57
C ARG B 71 -20.36 31.40 22.06
N ARG B 72 -19.66 31.29 20.93
CA ARG B 72 -19.33 29.97 20.40
C ARG B 72 -17.84 29.67 20.34
N GLY B 73 -16.96 30.66 20.40
CA GLY B 73 -15.54 30.37 20.47
C GLY B 73 -14.69 31.60 20.19
N VAL B 74 -13.42 31.33 19.82
CA VAL B 74 -12.44 32.37 19.50
C VAL B 74 -12.33 32.48 17.99
N LEU B 75 -12.33 33.72 17.48
CA LEU B 75 -11.98 34.03 16.10
C LEU B 75 -10.60 34.67 16.14
N LEU B 76 -9.58 33.92 15.74
CA LEU B 76 -8.22 34.43 15.68
C LEU B 76 -7.99 35.13 14.35
N VAL B 77 -7.49 36.35 14.44
CA VAL B 77 -7.19 37.16 13.27
C VAL B 77 -5.75 36.88 12.85
N GLY B 78 -5.54 36.61 11.56
CA GLY B 78 -4.20 36.40 11.05
C GLY B 78 -3.37 37.65 11.34
N PRO B 79 -2.09 37.46 11.71
CA PRO B 79 -1.30 38.57 12.28
C PRO B 79 -0.85 39.59 11.24
N GLY B 80 -1.83 40.27 10.64
CA GLY B 80 -1.57 41.32 9.69
C GLY B 80 -2.10 40.94 8.33
N ASP B 81 -2.45 41.94 7.52
CA ASP B 81 -2.90 41.64 6.16
C ASP B 81 -1.67 41.56 5.27
N ASP B 82 -1.28 42.68 4.68
CA ASP B 82 -0.09 42.67 3.87
C ASP B 82 1.13 42.46 4.76
N LEU B 83 2.05 41.63 4.32
CA LEU B 83 3.22 41.32 5.12
C LEU B 83 4.01 42.59 5.39
N GLY B 84 4.28 42.85 6.67
CA GLY B 84 4.82 44.11 7.13
C GLY B 84 3.87 44.92 7.99
N ASN B 85 2.58 44.58 7.98
CA ASN B 85 1.57 45.27 8.76
C ASN B 85 1.30 44.51 10.06
N ARG B 86 0.72 45.23 11.03
CA ARG B 86 0.53 44.72 12.38
C ARG B 86 -0.83 44.04 12.52
N GLY B 87 -0.82 42.82 13.07
CA GLY B 87 -2.07 42.11 13.32
C GLY B 87 -2.92 42.76 14.39
N THR B 88 -2.30 43.32 15.44
CA THR B 88 -3.08 43.97 16.49
C THR B 88 -3.88 45.14 15.92
N LEU B 89 -3.28 45.91 15.01
CA LEU B 89 -4.00 47.02 14.39
C LEU B 89 -5.10 46.52 13.46
N LEU B 90 -4.85 45.42 12.74
CA LEU B 90 -5.91 44.80 11.95
C LEU B 90 -7.07 44.38 12.84
N GLY B 91 -6.77 43.79 14.00
CA GLY B 91 -7.82 43.41 14.92
C GLY B 91 -8.67 44.59 15.35
N ALA B 92 -8.02 45.71 15.68
CA ALA B 92 -8.78 46.91 16.03
C ALA B 92 -9.68 47.35 14.88
N GLN B 93 -9.15 47.35 13.66
CA GLN B 93 -9.97 47.72 12.50
C GLN B 93 -11.18 46.80 12.38
N LEU B 94 -10.97 45.50 12.60
CA LEU B 94 -12.03 44.51 12.43
C LEU B 94 -13.10 44.66 13.49
N VAL B 95 -12.70 44.98 14.73
CA VAL B 95 -13.68 45.16 15.79
C VAL B 95 -14.65 46.28 15.43
N GLY B 96 -14.20 47.25 14.63
CA GLY B 96 -15.04 48.36 14.23
C GLY B 96 -15.98 48.07 13.06
N GLN B 97 -15.68 47.04 12.25
CA GLN B 97 -16.38 46.84 10.99
C GLN B 97 -16.97 45.45 10.78
N LEU B 98 -16.65 44.47 11.63
CA LEU B 98 -17.23 43.15 11.49
C LEU B 98 -18.73 43.19 11.80
N PRO B 99 -19.49 42.23 11.24
CA PRO B 99 -20.91 42.16 11.56
C PRO B 99 -21.15 42.04 13.07
N LYS B 100 -22.20 42.72 13.53
CA LYS B 100 -22.53 42.67 14.96
C LYS B 100 -22.68 41.23 15.45
N GLU B 101 -23.24 40.34 14.63
CA GLU B 101 -23.48 39.00 15.14
C GLU B 101 -22.20 38.19 15.21
N VAL B 102 -21.20 38.48 14.36
CA VAL B 102 -19.89 37.85 14.55
C VAL B 102 -19.27 38.31 15.87
N LEU B 103 -19.33 39.61 16.13
CA LEU B 103 -18.81 40.17 17.38
C LEU B 103 -19.59 39.67 18.58
N ALA B 104 -20.85 39.29 18.37
CA ALA B 104 -21.67 38.78 19.47
C ALA B 104 -21.27 37.37 19.87
N GLN B 105 -20.85 36.54 18.92
CA GLN B 105 -20.63 35.13 19.19
C GLN B 105 -19.16 34.73 19.32
N TYR B 106 -18.22 35.60 18.95
CA TYR B 106 -16.80 35.25 18.99
C TYR B 106 -16.02 36.22 19.87
N ASP B 107 -15.11 35.68 20.66
CA ASP B 107 -13.96 36.44 21.14
C ASP B 107 -13.03 36.68 19.97
N VAL B 108 -12.82 37.93 19.58
CA VAL B 108 -11.86 38.25 18.53
C VAL B 108 -10.50 38.48 19.17
N VAL B 109 -9.52 37.67 18.78
CA VAL B 109 -8.15 37.74 19.27
C VAL B 109 -7.23 38.07 18.11
N ALA B 110 -6.31 39.01 18.33
CA ALA B 110 -5.36 39.44 17.31
C ALA B 110 -3.98 39.53 17.94
N PHE B 111 -2.94 39.53 17.11
CA PHE B 111 -1.58 39.56 17.64
C PHE B 111 -0.63 40.07 16.57
N ASP B 112 0.49 40.64 17.02
CA ASP B 112 1.60 40.94 16.13
C ASP B 112 2.50 39.71 16.07
N HIS B 113 2.87 39.31 14.86
CA HIS B 113 3.70 38.11 14.76
C HIS B 113 5.12 38.45 15.20
N ARG B 114 5.89 37.39 15.43
CA ARG B 114 7.25 37.53 15.96
C ARG B 114 8.06 38.55 15.17
N PHE B 115 8.76 39.40 15.91
CA PHE B 115 9.81 40.30 15.44
C PHE B 115 9.31 41.66 14.97
N MET B 116 8.05 42.02 15.24
CA MET B 116 7.58 43.34 14.86
CA MET B 116 7.56 43.33 14.84
C MET B 116 6.49 43.81 15.81
N GLY B 117 6.25 45.12 15.77
CA GLY B 117 5.20 45.75 16.55
C GLY B 117 5.38 45.52 18.04
N ARG B 118 4.33 44.99 18.65
CA ARG B 118 4.28 44.69 20.07
C ARG B 118 4.88 43.32 20.42
N SER B 119 5.58 42.68 19.47
CA SER B 119 6.06 41.30 19.65
C SER B 119 7.56 41.21 19.39
N SER B 120 8.35 41.68 20.35
CA SER B 120 9.80 41.59 20.29
C SER B 120 10.34 42.21 18.99
N PRO B 121 10.04 43.49 18.74
CA PRO B 121 10.40 44.10 17.45
C PRO B 121 11.91 44.13 17.23
N VAL B 122 12.29 44.02 15.96
CA VAL B 122 13.68 44.06 15.52
C VAL B 122 13.83 45.25 14.59
N VAL B 123 14.74 46.17 14.91
CA VAL B 123 15.05 47.29 14.04
C VAL B 123 16.53 47.23 13.68
N CYS B 124 16.87 47.84 12.54
CA CYS B 124 18.19 47.66 11.96
C CYS B 124 18.78 48.95 11.39
N GLY B 125 18.22 50.11 11.71
CA GLY B 125 18.72 51.37 11.19
C GLY B 125 18.41 51.65 9.74
N LEU B 126 17.32 51.10 9.21
CA LEU B 126 16.96 51.34 7.82
C LEU B 126 16.50 52.78 7.62
N GLU B 127 17.00 53.43 6.56
CA GLU B 127 16.54 54.75 6.21
C GLU B 127 15.13 54.66 5.63
N PRO B 128 14.37 55.78 5.66
CA PRO B 128 13.04 55.77 5.05
C PRO B 128 13.00 55.20 3.64
N GLU B 129 13.94 55.58 2.78
CA GLU B 129 13.93 55.03 1.41
C GLU B 129 14.17 53.53 1.43
N GLU B 130 14.99 53.05 2.34
CA GLU B 130 15.28 51.62 2.41
C GLU B 130 14.06 50.82 2.82
N ARG B 131 13.12 51.44 3.54
CA ARG B 131 11.94 50.71 3.98
C ARG B 131 10.99 50.40 2.84
N PHE B 132 11.12 51.08 1.70
CA PHE B 132 10.35 50.80 0.50
C PHE B 132 11.09 49.86 -0.45
N TRP B 133 11.90 48.95 0.09
CA TRP B 133 12.69 48.07 -0.76
C TRP B 133 11.83 47.23 -1.69
N VAL B 134 10.62 46.84 -1.27
CA VAL B 134 9.79 45.97 -2.08
C VAL B 134 9.42 46.63 -3.41
N PHE B 135 8.87 47.85 -3.36
CA PHE B 135 8.41 48.53 -4.56
C PHE B 135 9.43 49.54 -5.07
N HIS B 136 10.67 49.48 -4.58
CA HIS B 136 11.70 50.43 -5.00
C HIS B 136 11.94 50.36 -6.50
N HIS B 137 11.88 51.52 -7.15
CA HIS B 137 12.11 51.61 -8.59
C HIS B 137 13.56 52.00 -8.84
N PRO B 138 14.28 51.29 -9.71
CA PRO B 138 15.73 51.51 -9.79
C PRO B 138 16.13 52.69 -10.68
N ARG B 139 17.13 53.43 -10.22
CA ARG B 139 17.88 54.33 -11.10
C ARG B 139 18.39 53.59 -12.32
N ASP B 140 19.21 52.57 -12.07
CA ASP B 140 19.78 51.67 -13.06
C ASP B 140 20.14 50.41 -12.30
N PHE B 141 20.42 49.33 -13.04
CA PHE B 141 20.58 48.04 -12.39
C PHE B 141 21.75 48.04 -11.41
N ASP B 142 22.91 48.57 -11.82
CA ASP B 142 24.07 48.55 -10.93
C ASP B 142 23.79 49.30 -9.64
N HIS B 143 23.11 50.45 -9.74
CA HIS B 143 22.77 51.21 -8.54
C HIS B 143 21.82 50.40 -7.65
N GLU B 144 20.91 49.64 -8.27
CA GLU B 144 19.94 48.89 -7.47
C GLU B 144 20.59 47.71 -6.78
N VAL B 145 21.52 47.03 -7.46
CA VAL B 145 22.29 45.98 -6.81
C VAL B 145 22.87 46.49 -5.51
N ARG B 146 23.51 47.66 -5.56
CA ARG B 146 24.12 48.22 -4.35
C ARG B 146 23.06 48.62 -3.34
N PHE B 147 21.96 49.23 -3.80
CA PHE B 147 20.89 49.61 -2.89
C PHE B 147 20.35 48.41 -2.12
N GLN B 148 19.98 47.34 -2.83
CA GLN B 148 19.36 46.19 -2.18
C GLN B 148 20.37 45.41 -1.36
N ALA B 149 21.60 45.25 -1.86
CA ALA B 149 22.62 44.56 -1.08
C ALA B 149 22.87 45.27 0.24
N ASN B 150 22.82 46.61 0.25
CA ASN B 150 23.08 47.34 1.48
C ASN B 150 21.92 47.24 2.47
N VAL B 151 20.69 47.06 1.97
CA VAL B 151 19.57 46.75 2.85
C VAL B 151 19.85 45.45 3.60
N ALA B 152 20.15 44.38 2.86
CA ALA B 152 20.49 43.10 3.48
C ALA B 152 21.65 43.24 4.44
N ALA B 153 22.64 44.08 4.09
CA ALA B 153 23.80 44.27 4.96
C ALA B 153 23.38 44.78 6.34
N LYS B 154 22.48 45.77 6.38
CA LYS B 154 22.05 46.33 7.66
C LYS B 154 21.32 45.27 8.50
N VAL B 155 20.47 44.47 7.87
CA VAL B 155 19.75 43.44 8.63
C VAL B 155 20.73 42.36 9.09
N ALA B 156 21.68 41.99 8.24
CA ALA B 156 22.71 41.04 8.65
C ALA B 156 23.45 41.53 9.88
N GLU B 157 23.82 42.82 9.90
CA GLU B 157 24.64 43.32 11.01
C GLU B 157 23.87 43.31 12.33
N HIS B 158 22.58 43.64 12.30
CA HIS B 158 21.86 43.89 13.53
C HIS B 158 20.90 42.78 13.93
N ALA B 159 20.66 41.79 13.07
CA ALA B 159 19.65 40.78 13.38
C ALA B 159 20.05 39.36 12.98
N LEU B 160 21.32 39.13 12.66
CA LEU B 160 21.74 37.83 12.13
C LEU B 160 21.25 36.67 13.01
N ASP B 161 21.24 36.86 14.33
CA ASP B 161 21.00 35.75 15.23
C ASP B 161 19.54 35.30 15.26
N ILE B 162 18.58 36.16 14.87
CA ILE B 162 17.18 35.73 14.82
C ILE B 162 16.72 35.41 13.40
N LEU B 163 17.50 35.73 12.38
CA LEU B 163 17.05 35.53 11.01
C LEU B 163 16.71 34.08 10.66
N PRO B 164 17.40 33.05 11.19
CA PRO B 164 17.01 31.67 10.85
C PRO B 164 15.65 31.28 11.36
N TYR B 165 15.04 32.08 12.25
CA TYR B 165 13.84 31.70 12.96
C TYR B 165 12.65 32.56 12.56
N ALA B 166 12.81 33.40 11.55
CA ALA B 166 11.73 34.18 10.95
C ALA B 166 11.14 33.34 9.83
N SER B 167 10.08 32.61 10.13
CA SER B 167 9.47 31.75 9.13
C SER B 167 7.98 31.61 9.38
N SER B 168 7.28 31.30 8.29
CA SER B 168 5.84 31.09 8.37
C SER B 168 5.50 29.86 9.22
N ARG B 169 6.33 28.82 9.17
CA ARG B 169 6.06 27.64 9.98
C ARG B 169 6.19 27.96 11.47
N ASN B 170 7.14 28.83 11.85
CA ASN B 170 7.27 29.21 13.25
C ASN B 170 6.08 30.04 13.71
N ILE B 171 5.54 30.89 12.82
CA ILE B 171 4.36 31.65 13.17
C ILE B 171 3.16 30.72 13.33
N ALA B 172 3.10 29.66 12.52
CA ALA B 172 2.03 28.68 12.68
C ALA B 172 2.13 27.95 14.02
N ARG B 173 3.36 27.65 14.45
CA ARG B 173 3.55 27.10 15.79
C ARG B 173 3.18 28.12 16.86
N ASP B 174 3.56 29.40 16.66
CA ASP B 174 3.13 30.45 17.57
C ASP B 174 1.61 30.50 17.71
N ILE B 175 0.89 30.31 16.60
CA ILE B 175 -0.57 30.27 16.66
C ILE B 175 -1.04 29.13 17.55
N GLU B 176 -0.41 27.95 17.43
CA GLU B 176 -0.75 26.84 18.30
C GLU B 176 -0.52 27.18 19.77
N VAL B 177 0.56 27.90 20.06
CA VAL B 177 0.81 28.31 21.45
C VAL B 177 -0.30 29.23 21.92
N ILE B 178 -0.66 30.23 21.10
CA ILE B 178 -1.78 31.11 21.43
C ILE B 178 -3.04 30.28 21.69
N ARG B 179 -3.36 29.36 20.79
CA ARG B 179 -4.55 28.54 20.95
C ARG B 179 -4.55 27.81 22.29
N GLY B 180 -3.45 27.15 22.62
CA GLY B 180 -3.35 26.48 23.90
C GLY B 180 -3.48 27.43 25.08
N ALA B 181 -2.81 28.57 25.00
CA ALA B 181 -2.86 29.54 26.10
C ALA B 181 -4.27 30.07 26.31
N LEU B 182 -5.06 30.18 25.23
CA LEU B 182 -6.46 30.58 25.34
C LEU B 182 -7.34 29.46 25.87
N GLY B 183 -6.81 28.23 26.00
CA GLY B 183 -7.60 27.13 26.51
C GLY B 183 -8.62 26.55 25.55
N GLU B 184 -8.40 26.70 24.25
CA GLU B 184 -9.36 26.28 23.23
C GLU B 184 -8.85 25.03 22.52
N ASP B 185 -9.75 24.04 22.36
CA ASP B 185 -9.41 22.87 21.57
C ASP B 185 -9.43 23.18 20.08
N ARG B 186 -10.34 24.05 19.67
CA ARG B 186 -10.49 24.49 18.29
C ARG B 186 -10.61 26.01 18.27
N ILE B 187 -10.07 26.63 17.23
CA ILE B 187 -10.23 28.06 17.03
C ILE B 187 -10.67 28.29 15.59
N SER B 188 -11.42 29.36 15.40
CA SER B 188 -11.69 29.85 14.06
C SER B 188 -10.61 30.87 13.68
N TYR B 189 -10.54 31.15 12.39
CA TYR B 189 -9.45 31.96 11.85
C TYR B 189 -9.97 32.85 10.73
N LEU B 190 -9.53 34.10 10.72
CA LEU B 190 -9.83 35.05 9.66
C LEU B 190 -8.53 35.73 9.26
N GLY B 191 -8.14 35.59 7.99
CA GLY B 191 -6.88 36.13 7.54
C GLY B 191 -6.99 36.75 6.17
N TYR B 192 -6.06 37.68 5.89
CA TYR B 192 -5.97 38.40 4.63
C TYR B 192 -4.53 38.40 4.12
N SER B 193 -4.39 38.32 2.79
CA SER B 193 -3.09 38.50 2.13
C SER B 193 -2.08 37.54 2.74
N TYR B 194 -0.99 38.01 3.33
CA TYR B 194 -0.05 37.09 3.96
C TYR B 194 -0.74 36.21 4.99
N GLY B 195 -1.75 36.75 5.68
CA GLY B 195 -2.52 35.94 6.61
C GLY B 195 -3.24 34.77 5.98
N THR B 196 -3.45 34.79 4.65
CA THR B 196 -4.03 33.62 3.98
C THR B 196 -2.97 32.54 3.75
N TYR B 197 -1.72 32.93 3.53
CA TYR B 197 -0.66 31.94 3.48
C TYR B 197 -0.48 31.29 4.85
N LEU B 198 -0.46 32.11 5.91
CA LEU B 198 -0.34 31.58 7.27
C LEU B 198 -1.51 30.67 7.61
N GLY B 199 -2.72 31.06 7.18
CA GLY B 199 -3.87 30.20 7.44
C GLY B 199 -3.75 28.87 6.74
N ALA B 200 -3.24 28.88 5.50
CA ALA B 200 -3.02 27.62 4.79
C ALA B 200 -1.96 26.77 5.50
N VAL B 201 -0.88 27.41 5.96
CA VAL B 201 0.19 26.66 6.62
C VAL B 201 -0.28 26.12 7.96
N TRP B 202 -0.92 26.96 8.78
CA TRP B 202 -1.40 26.50 10.08
C TRP B 202 -2.44 25.39 9.94
N THR B 203 -3.39 25.52 8.99
CA THR B 203 -4.33 24.42 8.81
C THR B 203 -3.64 23.18 8.27
N GLN B 204 -2.64 23.36 7.39
CA GLN B 204 -1.95 22.21 6.86
C GLN B 204 -1.23 21.44 7.96
N MET B 205 -0.65 22.17 8.92
CA MET B 205 0.13 21.56 9.99
C MET B 205 -0.75 21.08 11.14
N PHE B 206 -1.75 21.89 11.51
CA PHE B 206 -2.47 21.73 12.77
C PHE B 206 -3.99 21.85 12.60
N GLY B 207 -4.51 21.66 11.39
CA GLY B 207 -5.87 21.99 11.06
C GLY B 207 -6.93 21.14 11.73
N GLU B 208 -6.54 20.02 12.36
CA GLU B 208 -7.50 19.32 13.20
C GLU B 208 -8.00 20.22 14.32
N HIS B 209 -7.29 21.31 14.62
CA HIS B 209 -7.69 22.27 15.63
C HIS B 209 -8.40 23.48 15.07
N ALA B 210 -8.79 23.45 13.80
CA ALA B 210 -9.55 24.54 13.21
C ALA B 210 -11.05 24.30 13.33
N ASP B 211 -11.78 25.36 13.62
CA ASP B 211 -13.24 25.32 13.61
C ASP B 211 -13.71 25.84 12.25
N ARG B 212 -13.86 27.15 12.11
CA ARG B 212 -14.23 27.77 10.84
C ARG B 212 -13.11 28.70 10.40
N VAL B 213 -12.80 28.69 9.10
CA VAL B 213 -11.63 29.38 8.56
C VAL B 213 -12.06 30.21 7.36
N VAL B 214 -11.78 31.52 7.40
CA VAL B 214 -12.05 32.43 6.30
C VAL B 214 -10.75 33.05 5.88
N LEU B 215 -10.39 32.89 4.61
CA LEU B 215 -9.23 33.52 4.00
C LEU B 215 -9.73 34.44 2.90
N ASP B 216 -9.25 35.69 2.91
CA ASP B 216 -9.79 36.74 2.07
C ASP B 216 -8.65 37.49 1.41
N SER B 217 -8.67 37.58 0.08
CA SER B 217 -7.62 38.19 -0.74
C SER B 217 -6.36 37.33 -0.68
N ILE B 218 -6.26 36.38 -1.61
CA ILE B 218 -5.56 35.13 -1.41
C ILE B 218 -4.15 35.18 -2.00
N CYS B 219 -3.17 34.82 -1.19
CA CYS B 219 -1.82 34.52 -1.66
CA CYS B 219 -1.82 34.50 -1.66
C CYS B 219 -1.82 33.23 -2.47
N SER B 220 -1.15 33.22 -3.63
CA SER B 220 -1.04 31.97 -4.37
C SER B 220 -0.09 31.00 -3.67
N PRO B 221 -0.44 29.72 -3.57
CA PRO B 221 0.49 28.74 -2.97
C PRO B 221 1.77 28.56 -3.75
N ASP B 222 1.81 28.98 -5.01
CA ASP B 222 2.99 28.76 -5.84
C ASP B 222 3.90 29.98 -5.89
N TRP B 223 3.64 31.00 -5.06
CA TRP B 223 4.38 32.24 -5.09
C TRP B 223 5.65 32.22 -4.26
N VAL B 224 5.80 31.28 -3.34
CA VAL B 224 6.82 31.40 -2.28
C VAL B 224 8.22 31.48 -2.88
N TRP B 225 8.91 32.63 -2.76
CA TRP B 225 8.34 33.95 -2.50
C TRP B 225 8.60 34.96 -3.62
N ARG B 226 9.39 34.59 -4.64
CA ARG B 226 9.63 35.58 -5.70
C ARG B 226 8.43 35.71 -6.64
N GLY B 227 7.59 34.68 -6.74
CA GLY B 227 6.42 34.76 -7.61
C GLY B 227 5.43 35.82 -7.15
N LEU B 228 5.40 36.09 -5.85
CA LEU B 228 4.65 37.22 -5.31
C LEU B 228 5.04 38.50 -6.02
N PHE B 229 6.34 38.66 -6.33
CA PHE B 229 6.84 39.85 -6.98
C PHE B 229 6.62 39.78 -8.49
N THR B 230 7.03 38.68 -9.13
CA THR B 230 7.04 38.67 -10.58
C THR B 230 5.64 38.54 -11.18
N ASP B 231 4.65 38.09 -10.40
CA ASP B 231 3.26 38.08 -10.87
C ASP B 231 2.56 39.43 -10.73
N PHE B 232 3.16 40.39 -10.03
CA PHE B 232 2.46 41.65 -9.78
C PHE B 232 2.32 42.53 -11.02
N PRO B 233 3.37 42.78 -11.81
CA PRO B 233 3.31 43.88 -12.79
C PRO B 233 2.13 43.77 -13.74
N PRO B 234 1.78 42.57 -14.23
CA PRO B 234 0.59 42.48 -15.10
C PRO B 234 -0.68 42.93 -14.39
N ASN B 235 -0.79 42.63 -13.10
CA ASN B 235 -1.94 43.03 -12.32
C ASN B 235 -1.89 44.51 -11.97
N GLY B 236 -0.68 45.04 -11.76
CA GLY B 236 -0.54 46.49 -11.60
C GLY B 236 -0.99 47.24 -12.84
N GLU B 237 -0.56 46.76 -14.03
CA GLU B 237 -0.97 47.40 -15.29
C GLU B 237 -2.48 47.35 -15.45
N ARG B 238 -3.07 46.18 -15.22
CA ARG B 238 -4.51 46.01 -15.40
C ARG B 238 -5.30 46.93 -14.48
N ALA B 239 -4.89 47.03 -13.21
CA ALA B 239 -5.59 47.87 -12.25
C ALA B 239 -5.42 49.35 -12.57
N LEU B 240 -4.24 49.74 -13.03
CA LEU B 240 -4.02 51.13 -13.43
C LEU B 240 -4.91 51.49 -14.62
N THR B 241 -5.02 50.58 -15.58
CA THR B 241 -5.81 50.85 -16.78
C THR B 241 -7.29 50.91 -16.44
N ARG B 242 -7.74 50.07 -15.49
CA ARG B 242 -9.13 50.16 -15.05
C ARG B 242 -9.43 51.54 -14.46
N TRP B 243 -8.53 52.07 -13.63
CA TRP B 243 -8.71 53.44 -13.16
C TRP B 243 -8.72 54.43 -14.31
N ALA B 244 -7.83 54.23 -15.29
CA ALA B 244 -7.73 55.17 -16.40
C ALA B 244 -9.01 55.21 -17.23
N ARG B 245 -9.66 54.05 -17.42
CA ARG B 245 -10.98 54.02 -18.03
C ARG B 245 -11.98 54.83 -17.20
N TRP B 246 -11.99 54.63 -15.88
CA TRP B 246 -12.88 55.40 -15.03
C TRP B 246 -12.61 56.89 -15.13
N ALA B 247 -11.32 57.27 -15.23
CA ALA B 247 -10.96 58.68 -15.27
C ALA B 247 -11.33 59.29 -16.60
N ALA B 248 -11.20 58.53 -17.69
CA ALA B 248 -11.44 59.05 -19.04
C ALA B 248 -12.91 59.38 -19.26
N ALA B 249 -13.81 58.71 -18.57
CA ALA B 249 -15.23 59.02 -18.63
C ALA B 249 -15.59 60.26 -17.82
N ARG B 250 -14.62 60.84 -17.12
CA ARG B 250 -14.84 61.94 -16.19
C ARG B 250 -13.89 63.10 -16.51
N ASP B 251 -13.46 63.20 -17.77
CA ASP B 251 -12.59 64.28 -18.19
C ASP B 251 -13.12 65.64 -17.74
N ALA B 252 -14.43 65.85 -17.83
CA ALA B 252 -15.02 67.11 -17.43
C ALA B 252 -14.59 67.51 -16.01
N ASP B 253 -14.58 66.55 -15.09
CA ASP B 253 -14.32 66.84 -13.68
C ASP B 253 -12.86 66.64 -13.28
N LEU B 254 -12.11 65.83 -14.02
CA LEU B 254 -10.74 65.50 -13.66
C LEU B 254 -9.69 66.18 -14.52
N GLY B 255 -9.99 66.40 -15.80
CA GLY B 255 -9.07 67.11 -16.68
C GLY B 255 -7.87 66.33 -17.12
N LEU B 256 -7.91 65.00 -17.02
CA LEU B 256 -6.77 64.15 -17.30
C LEU B 256 -6.77 63.57 -18.71
N GLY B 257 -7.86 63.73 -19.46
CA GLY B 257 -7.99 63.12 -20.77
C GLY B 257 -9.30 62.40 -20.94
N ALA B 258 -9.73 62.20 -22.20
CA ALA B 258 -11.03 61.64 -22.51
C ALA B 258 -10.96 60.23 -23.05
N THR B 259 -9.75 59.68 -23.20
CA THR B 259 -9.51 58.27 -23.48
C THR B 259 -8.61 57.74 -22.38
N ASP B 260 -8.63 56.41 -22.20
CA ASP B 260 -7.73 55.83 -21.21
C ASP B 260 -6.28 56.02 -21.63
N GLY B 261 -6.03 56.11 -22.95
CA GLY B 261 -4.68 56.41 -23.41
C GLY B 261 -4.19 57.76 -22.94
N ALA B 262 -5.03 58.78 -23.07
CA ALA B 262 -4.61 60.13 -22.69
C ALA B 262 -4.37 60.24 -21.20
N VAL B 263 -5.25 59.65 -20.39
CA VAL B 263 -5.07 59.67 -18.94
C VAL B 263 -3.76 58.99 -18.58
N ARG B 264 -3.49 57.84 -19.19
CA ARG B 264 -2.24 57.13 -18.91
C ARG B 264 -1.04 57.97 -19.32
N ALA B 265 -1.13 58.65 -20.47
CA ALA B 265 -0.01 59.50 -20.89
C ALA B 265 0.20 60.64 -19.90
N ALA B 266 -0.88 61.20 -19.39
CA ALA B 266 -0.74 62.22 -18.34
C ALA B 266 0.06 61.67 -17.17
N TYR B 267 -0.26 60.46 -16.72
CA TYR B 267 0.46 59.88 -15.59
C TYR B 267 1.90 59.53 -15.97
N ASP B 268 2.07 58.88 -17.13
CA ASP B 268 3.41 58.55 -17.60
C ASP B 268 4.30 59.79 -17.68
N GLY B 269 3.72 60.94 -18.04
CA GLY B 269 4.51 62.16 -18.04
C GLY B 269 5.06 62.49 -16.67
N VAL B 270 4.32 62.13 -15.62
CA VAL B 270 4.81 62.34 -14.26
C VAL B 270 5.94 61.37 -13.96
N LEU B 271 5.89 60.16 -14.51
CA LEU B 271 6.96 59.18 -14.30
C LEU B 271 8.19 59.54 -15.13
N ALA B 272 7.98 59.87 -16.40
CA ALA B 272 9.04 60.39 -17.25
C ALA B 272 9.89 61.41 -16.48
N ARG B 273 9.23 62.23 -15.67
CA ARG B 273 9.93 63.30 -14.97
C ARG B 273 10.77 62.76 -13.81
N VAL B 274 10.17 61.96 -12.94
CA VAL B 274 10.94 61.47 -11.79
C VAL B 274 12.06 60.54 -12.26
N ASP B 275 11.83 59.82 -13.35
CA ASP B 275 12.83 58.91 -13.92
C ASP B 275 13.98 59.64 -14.59
N THR B 276 13.95 60.98 -14.62
CA THR B 276 15.06 61.79 -15.08
C THR B 276 15.37 62.90 -14.08
N ASP B 277 15.02 62.66 -12.81
CA ASP B 277 15.35 63.57 -11.71
C ASP B 277 14.85 64.99 -11.98
N ARG B 278 13.73 65.11 -12.69
CA ARG B 278 13.01 66.36 -12.82
C ARG B 278 11.93 66.43 -11.74
N GLU B 279 11.75 67.61 -11.16
CA GLU B 279 10.96 67.74 -9.94
C GLU B 279 9.47 67.45 -10.19
N VAL B 280 8.85 66.81 -9.20
CA VAL B 280 7.42 66.53 -9.21
C VAL B 280 6.95 66.58 -7.75
N THR B 281 5.91 67.36 -7.49
CA THR B 281 5.32 67.48 -6.17
C THR B 281 3.81 67.27 -6.25
N VAL B 282 3.23 66.82 -5.14
CA VAL B 282 1.79 66.83 -4.93
C VAL B 282 1.54 67.59 -3.63
N ALA B 283 0.80 68.70 -3.72
CA ALA B 283 0.67 69.63 -2.61
C ALA B 283 2.04 69.99 -2.03
N GLY B 284 3.00 70.20 -2.92
CA GLY B 284 4.34 70.58 -2.51
C GLY B 284 5.08 69.53 -1.72
N PHE B 285 4.72 68.25 -1.87
CA PHE B 285 5.47 67.17 -1.25
C PHE B 285 6.24 66.43 -2.33
N PRO B 286 7.55 66.20 -2.18
CA PRO B 286 8.36 65.71 -3.30
C PRO B 286 8.17 64.22 -3.55
N LEU B 287 8.00 63.87 -4.82
CA LEU B 287 8.00 62.49 -5.30
C LEU B 287 9.37 62.11 -5.86
N ASP B 288 9.74 60.85 -5.65
CA ASP B 288 10.90 60.25 -6.33
C ASP B 288 10.42 59.12 -7.23
N ARG B 289 11.37 58.32 -7.75
CA ARG B 289 11.00 57.24 -8.67
C ARG B 289 10.09 56.22 -8.02
N THR B 290 10.26 55.98 -6.72
CA THR B 290 9.48 54.97 -6.04
C THR B 290 8.10 55.50 -5.65
N LEU B 291 8.06 56.66 -5.01
CA LEU B 291 6.80 57.18 -4.48
C LEU B 291 5.82 57.54 -5.58
N ALA B 292 6.32 58.01 -6.74
CA ALA B 292 5.43 58.32 -7.84
C ALA B 292 4.67 57.11 -8.34
N ARG B 293 5.20 55.91 -8.12
CA ARG B 293 4.50 54.66 -8.43
C ARG B 293 3.80 54.08 -7.22
N LEU B 294 4.42 54.17 -6.04
CA LEU B 294 3.87 53.50 -4.86
C LEU B 294 2.65 54.22 -4.30
N ILE B 295 2.59 55.55 -4.40
CA ILE B 295 1.36 56.24 -4.01
C ILE B 295 0.19 55.73 -4.82
N VAL B 296 0.43 55.42 -6.10
CA VAL B 296 -0.63 54.95 -6.97
C VAL B 296 -1.01 53.51 -6.65
N VAL B 297 0.00 52.66 -6.42
CA VAL B 297 -0.28 51.29 -5.96
C VAL B 297 -1.13 51.32 -4.70
N GLY B 298 -0.75 52.19 -3.76
CA GLY B 298 -1.50 52.31 -2.53
C GLY B 298 -2.96 52.68 -2.79
N MET B 299 -3.20 53.62 -3.70
CA MET B 299 -4.58 53.98 -4.00
C MET B 299 -5.32 52.80 -4.63
N LEU B 300 -4.66 52.07 -5.52
CA LEU B 300 -5.32 51.01 -6.26
C LEU B 300 -5.62 49.77 -5.43
N ASN B 301 -5.24 49.75 -4.15
CA ASN B 301 -5.68 48.67 -3.27
C ASN B 301 -7.18 48.70 -3.02
N SER B 302 -7.88 49.79 -3.37
CA SER B 302 -9.34 49.78 -3.37
C SER B 302 -9.87 50.70 -4.46
N ASP B 303 -10.77 50.18 -5.31
CA ASP B 303 -11.31 51.04 -6.35
C ASP B 303 -12.20 52.15 -5.80
N ARG B 304 -12.53 52.13 -4.51
CA ARG B 304 -13.19 53.29 -3.91
C ARG B 304 -12.26 54.48 -3.83
N ASN B 305 -10.95 54.28 -3.96
CA ASN B 305 -9.97 55.35 -3.93
C ASN B 305 -9.78 56.02 -5.28
N TYR B 306 -10.51 55.60 -6.31
CA TYR B 306 -10.33 56.21 -7.63
C TYR B 306 -10.45 57.72 -7.61
N PRO B 307 -11.39 58.33 -6.88
CA PRO B 307 -11.41 59.81 -6.83
C PRO B 307 -10.17 60.41 -6.19
N PHE B 308 -9.70 59.85 -5.08
CA PHE B 308 -8.44 60.31 -4.50
C PHE B 308 -7.32 60.29 -5.53
N LEU B 309 -7.25 59.20 -6.30
CA LEU B 309 -6.18 59.04 -7.27
C LEU B 309 -6.29 60.07 -8.39
N GLY B 310 -7.51 60.43 -8.79
CA GLY B 310 -7.68 61.51 -9.74
C GLY B 310 -7.14 62.82 -9.19
N ASP B 311 -7.51 63.14 -7.95
CA ASP B 311 -7.02 64.35 -7.29
C ASP B 311 -5.49 64.36 -7.24
N ILE B 312 -4.89 63.21 -6.95
CA ILE B 312 -3.43 63.13 -6.80
C ILE B 312 -2.75 63.34 -8.15
N VAL B 313 -3.18 62.60 -9.17
CA VAL B 313 -2.57 62.72 -10.49
C VAL B 313 -2.73 64.12 -11.03
N ARG B 314 -3.91 64.72 -10.83
CA ARG B 314 -4.11 66.10 -11.26
C ARG B 314 -3.13 67.03 -10.55
N SER B 315 -2.91 66.79 -9.26
CA SER B 315 -2.01 67.65 -8.49
C SER B 315 -0.56 67.50 -8.92
N ALA B 316 -0.17 66.30 -9.36
CA ALA B 316 1.20 66.10 -9.83
C ALA B 316 1.44 66.77 -11.17
N VAL B 317 0.46 66.71 -12.07
CA VAL B 317 0.55 67.33 -13.39
C VAL B 317 0.48 68.85 -13.26
N HIS B 318 -0.69 69.38 -12.92
CA HIS B 318 -0.82 70.82 -12.68
C HIS B 318 -0.76 71.09 -11.18
N GLY B 319 -1.91 71.11 -10.52
CA GLY B 319 -1.97 70.98 -9.08
C GLY B 319 -2.16 72.29 -8.35
N GLY B 320 -1.34 72.53 -7.36
CA GLY B 320 -1.78 73.23 -6.18
C GLY B 320 -2.23 72.22 -5.15
N GLN B 321 -2.96 72.72 -4.16
CA GLN B 321 -3.36 71.88 -3.04
C GLN B 321 -4.27 70.73 -3.49
N LEU B 322 -4.39 69.74 -2.62
CA LEU B 322 -5.34 68.63 -2.76
C LEU B 322 -6.65 68.98 -2.09
N GLU B 323 -7.72 68.30 -2.51
CA GLU B 323 -8.96 68.37 -1.77
C GLU B 323 -8.71 67.86 -0.34
N PRO B 324 -9.43 68.37 0.66
CA PRO B 324 -9.12 67.96 2.04
C PRO B 324 -9.20 66.46 2.28
N ALA B 325 -10.23 65.79 1.78
CA ALA B 325 -10.34 64.35 1.93
C ALA B 325 -9.05 63.66 1.49
N THR B 326 -8.58 63.98 0.28
CA THR B 326 -7.38 63.34 -0.25
C THR B 326 -6.17 63.61 0.64
N MET B 327 -6.05 64.84 1.15
CA MET B 327 -4.92 65.16 2.01
C MET B 327 -4.88 64.26 3.24
N GLY B 328 -6.03 64.05 3.88
CA GLY B 328 -6.05 63.19 5.06
C GLY B 328 -5.67 61.76 4.73
N PHE B 329 -6.21 61.24 3.64
CA PHE B 329 -5.96 59.84 3.28
C PHE B 329 -4.49 59.63 2.91
N LEU B 330 -3.92 60.55 2.12
CA LEU B 330 -2.51 60.43 1.77
C LEU B 330 -1.62 60.57 3.00
N GLY B 331 -1.97 61.48 3.90
CA GLY B 331 -1.16 61.66 5.10
C GLY B 331 -1.17 60.43 5.99
N GLN B 332 -2.36 59.85 6.18
CA GLN B 332 -2.51 58.52 6.75
C GLN B 332 -1.47 57.55 6.20
N MET B 333 -1.49 57.36 4.88
CA MET B 333 -0.79 56.25 4.24
C MET B 333 0.70 56.49 4.13
N PHE B 334 1.09 57.72 3.80
CA PHE B 334 2.50 58.08 3.78
C PHE B 334 2.73 59.07 4.91
N GLY B 335 3.09 60.32 4.64
CA GLY B 335 3.21 61.27 5.74
C GLY B 335 4.25 60.92 6.77
N GLN B 336 4.15 59.71 7.35
CA GLN B 336 5.18 59.12 8.21
C GLN B 336 6.04 58.15 7.42
N PRO B 337 7.24 57.83 7.91
CA PRO B 337 7.99 56.72 7.32
C PRO B 337 7.34 55.37 7.61
N LYS B 338 7.56 54.43 6.69
CA LYS B 338 7.03 53.08 6.86
C LYS B 338 7.59 52.47 8.15
N GLU B 339 6.72 51.83 8.92
CA GLU B 339 7.10 51.28 10.22
C GLU B 339 8.22 50.26 10.07
N GLU B 340 9.29 50.43 10.85
CA GLU B 340 10.55 49.75 10.53
C GLU B 340 10.55 48.28 10.91
N SER B 341 10.10 47.93 12.12
CA SER B 341 10.18 46.53 12.52
C SER B 341 9.35 45.64 11.59
N GLY B 342 8.25 46.19 11.05
CA GLY B 342 7.49 45.44 10.06
C GLY B 342 8.25 45.23 8.77
N THR B 343 9.01 46.23 8.34
CA THR B 343 9.86 46.08 7.16
C THR B 343 10.92 45.02 7.39
N VAL B 344 11.56 45.04 8.56
CA VAL B 344 12.59 44.06 8.89
C VAL B 344 11.99 42.65 8.92
N ALA B 345 10.83 42.51 9.57
CA ALA B 345 10.22 41.18 9.65
C ALA B 345 9.77 40.70 8.28
N GLN B 346 9.30 41.63 7.44
CA GLN B 346 8.91 41.31 6.07
C GLN B 346 10.09 40.75 5.28
N LEU B 347 11.24 41.43 5.34
CA LEU B 347 12.46 40.91 4.72
C LEU B 347 12.80 39.53 5.27
N ALA B 348 12.81 39.39 6.59
CA ALA B 348 13.29 38.16 7.21
C ALA B 348 12.41 36.97 6.84
N ILE B 349 11.09 37.19 6.74
CA ILE B 349 10.17 36.11 6.40
C ILE B 349 10.30 35.73 4.93
N LEU B 350 10.35 36.73 4.04
CA LEU B 350 10.42 36.44 2.61
C LEU B 350 11.70 35.69 2.26
N ALA B 351 12.80 35.98 2.96
CA ALA B 351 14.05 35.25 2.78
C ALA B 351 14.18 34.05 3.71
N GLY B 352 13.54 34.08 4.88
CA GLY B 352 13.65 32.99 5.82
C GLY B 352 12.80 31.78 5.46
N ASP B 353 11.73 31.98 4.70
CA ASP B 353 10.91 30.86 4.26
C ASP B 353 11.56 30.08 3.12
N TRP B 354 12.38 30.72 2.30
CA TRP B 354 12.72 30.15 1.00
C TRP B 354 13.92 30.90 0.41
N ALA B 355 14.83 30.15 -0.22
CA ALA B 355 16.07 30.70 -0.74
C ALA B 355 15.84 31.33 -2.11
N TRP B 356 16.12 32.63 -2.21
CA TRP B 356 15.95 33.35 -3.45
C TRP B 356 17.12 33.07 -4.40
N PRO B 357 16.90 33.21 -5.71
CA PRO B 357 18.03 33.19 -6.65
C PRO B 357 19.06 34.22 -6.23
N ARG B 358 20.34 33.88 -6.43
CA ARG B 358 21.41 34.79 -6.06
C ARG B 358 22.22 35.29 -7.24
N ASN B 359 22.04 34.72 -8.43
CA ASN B 359 22.71 35.21 -9.63
C ASN B 359 22.08 36.52 -10.08
N VAL B 360 22.90 37.58 -10.18
CA VAL B 360 22.32 38.90 -10.46
C VAL B 360 21.94 39.07 -11.92
N ASP B 361 22.54 38.32 -12.85
CA ASP B 361 22.18 38.47 -14.25
C ASP B 361 20.71 38.09 -14.49
N LEU B 362 20.23 37.06 -13.79
CA LEU B 362 18.82 36.68 -13.88
C LEU B 362 17.92 37.88 -13.61
N TYR B 363 18.23 38.65 -12.57
CA TYR B 363 17.40 39.79 -12.20
C TYR B 363 17.49 40.90 -13.24
N GLU B 364 18.67 41.12 -13.82
CA GLU B 364 18.76 42.16 -14.83
C GLU B 364 17.95 41.80 -16.06
N ARG B 365 18.06 40.54 -16.53
CA ARG B 365 17.24 40.09 -17.64
C ARG B 365 15.75 40.29 -17.32
N ASP B 366 15.31 39.83 -16.15
CA ASP B 366 13.90 39.94 -15.81
C ASP B 366 13.47 41.39 -15.67
N MET B 367 14.30 42.23 -15.05
CA MET B 367 13.95 43.65 -14.93
C MET B 367 13.74 44.28 -16.30
N GLU B 368 14.66 44.03 -17.24
CA GLU B 368 14.58 44.70 -18.54
C GLU B 368 13.38 44.20 -19.34
N ARG B 369 13.08 42.91 -19.23
CA ARG B 369 11.93 42.35 -19.93
C ARG B 369 10.62 42.89 -19.37
N ALA B 370 10.48 42.88 -18.03
CA ALA B 370 9.25 43.38 -17.41
C ALA B 370 9.12 44.90 -17.56
N SER B 371 10.25 45.62 -17.62
CA SER B 371 10.23 47.04 -17.92
C SER B 371 9.50 47.32 -19.22
N ARG B 372 9.70 46.47 -20.22
CA ARG B 372 9.09 46.68 -21.54
C ARG B 372 7.65 46.23 -21.57
N THR B 373 7.35 45.06 -20.99
CA THR B 373 6.02 44.49 -21.12
C THR B 373 5.01 45.11 -20.16
N HIS B 374 5.45 45.55 -18.98
CA HIS B 374 4.56 46.11 -17.97
C HIS B 374 5.25 47.31 -17.31
N PRO B 375 5.22 48.46 -17.97
CA PRO B 375 6.09 49.57 -17.52
C PRO B 375 5.74 50.16 -16.16
N PHE B 376 4.50 50.06 -15.71
CA PHE B 376 4.11 50.75 -14.48
C PHE B 376 4.96 50.28 -13.29
N THR B 377 5.04 48.97 -13.07
CA THR B 377 5.81 48.42 -11.94
C THR B 377 6.75 47.31 -12.36
N GLY B 378 6.96 47.10 -13.66
CA GLY B 378 7.74 45.96 -14.11
C GLY B 378 9.15 45.93 -13.55
N ALA B 379 9.84 47.07 -13.62
CA ALA B 379 11.25 47.11 -13.20
C ALA B 379 11.35 46.98 -11.68
N ALA B 380 10.42 47.57 -10.95
CA ALA B 380 10.48 47.53 -9.50
C ALA B 380 10.25 46.12 -8.96
N MET B 381 9.42 45.34 -9.63
CA MET B 381 9.01 44.03 -9.13
CA MET B 381 9.03 44.05 -9.09
C MET B 381 9.94 42.91 -9.57
N ALA B 382 10.41 42.97 -10.82
CA ALA B 382 11.16 41.86 -11.39
C ALA B 382 12.66 41.99 -11.18
N GLY B 383 13.13 43.13 -10.68
CA GLY B 383 14.55 43.39 -10.55
C GLY B 383 15.12 42.83 -9.25
N ILE B 384 16.36 43.23 -8.98
CA ILE B 384 17.11 42.67 -7.87
C ILE B 384 16.51 43.13 -6.54
N LYS B 385 16.40 42.20 -5.59
CA LYS B 385 15.85 42.49 -4.27
C LYS B 385 16.76 41.92 -3.19
N ALA B 386 16.69 42.54 -2.01
CA ALA B 386 17.59 42.21 -0.90
C ALA B 386 17.65 40.72 -0.54
N PRO B 387 16.57 39.94 -0.60
CA PRO B 387 16.70 38.50 -0.27
C PRO B 387 17.70 37.75 -1.14
N ALA B 388 18.05 38.29 -2.32
CA ALA B 388 19.06 37.65 -3.17
C ALA B 388 20.45 37.67 -2.55
N PHE B 389 20.66 38.49 -1.53
CA PHE B 389 21.93 38.62 -0.83
C PHE B 389 21.80 38.18 0.63
N TRP B 390 20.82 37.33 0.93
CA TRP B 390 20.50 37.09 2.33
C TRP B 390 21.62 36.30 3.01
N PRO B 391 21.91 36.60 4.29
CA PRO B 391 23.05 35.95 4.95
C PRO B 391 22.75 34.62 5.60
N VAL B 392 21.49 34.20 5.66
CA VAL B 392 21.15 32.89 6.24
C VAL B 392 20.23 32.15 5.28
N PRO B 393 20.26 30.82 5.27
CA PRO B 393 19.33 30.05 4.47
C PRO B 393 18.10 29.70 5.29
N PRO B 394 17.05 29.20 4.65
CA PRO B 394 15.88 28.73 5.42
C PRO B 394 16.25 27.58 6.35
N SER B 395 15.67 27.59 7.55
CA SER B 395 15.87 26.51 8.52
C SER B 395 15.06 25.27 8.20
N GLU B 396 13.95 25.39 7.46
CA GLU B 396 13.08 24.27 7.14
C GLU B 396 12.66 24.36 5.68
N PRO B 397 12.30 23.22 5.07
CA PRO B 397 11.61 23.28 3.77
C PRO B 397 10.29 24.04 3.88
N VAL B 398 9.85 24.57 2.74
CA VAL B 398 8.53 25.17 2.62
CA VAL B 398 8.53 25.19 2.66
C VAL B 398 7.48 24.13 2.91
N THR B 399 6.41 24.54 3.60
CA THR B 399 5.26 23.67 3.82
C THR B 399 4.69 23.18 2.49
N ARG B 400 4.42 21.89 2.41
CA ARG B 400 3.73 21.31 1.25
C ARG B 400 2.22 21.47 1.47
N LEU B 401 1.61 22.47 0.83
CA LEU B 401 0.16 22.62 0.88
C LEU B 401 -0.49 21.63 -0.06
N GLY B 402 -1.61 21.06 0.36
CA GLY B 402 -2.33 20.14 -0.49
C GLY B 402 -3.65 19.64 0.03
N PRO B 403 -4.32 18.81 -0.79
CA PRO B 403 -5.70 18.39 -0.49
C PRO B 403 -5.82 17.41 0.67
N ASP B 404 -4.71 17.01 1.30
CA ASP B 404 -4.76 16.32 2.58
C ASP B 404 -4.83 17.28 3.77
N ASN B 405 -4.99 18.58 3.51
CA ASN B 405 -5.18 19.56 4.57
C ASN B 405 -6.27 19.08 5.52
N PRO B 406 -6.00 18.99 6.83
CA PRO B 406 -6.99 18.38 7.73
C PRO B 406 -8.08 19.30 8.23
N ALA B 407 -8.14 20.57 7.84
CA ALA B 407 -9.20 21.45 8.32
C ALA B 407 -10.56 20.98 7.82
N ASP B 408 -11.55 21.07 8.71
CA ASP B 408 -12.89 20.63 8.34
CA ASP B 408 -12.91 20.65 8.37
C ASP B 408 -13.45 21.45 7.19
N SER B 409 -13.23 22.76 7.17
CA SER B 409 -13.72 23.59 6.08
C SER B 409 -12.92 24.88 6.02
N ILE B 410 -12.79 25.40 4.79
CA ILE B 410 -12.11 26.66 4.55
C ILE B 410 -12.91 27.44 3.50
N LEU B 411 -13.33 28.65 3.84
CA LEU B 411 -13.98 29.54 2.89
C LEU B 411 -12.96 30.58 2.38
N LEU B 412 -12.81 30.64 1.07
CA LEU B 412 -11.96 31.61 0.39
C LEU B 412 -12.83 32.72 -0.21
N VAL B 413 -12.42 33.97 -0.01
CA VAL B 413 -13.15 35.14 -0.49
C VAL B 413 -12.19 35.97 -1.34
N GLN B 414 -12.63 36.35 -2.54
CA GLN B 414 -11.72 36.99 -3.48
C GLN B 414 -12.45 38.00 -4.35
N ALA B 415 -11.93 39.23 -4.39
CA ALA B 415 -12.43 40.22 -5.36
C ALA B 415 -11.88 39.89 -6.73
N ALA B 416 -12.77 39.85 -7.73
CA ALA B 416 -12.40 39.37 -9.06
C ALA B 416 -11.28 40.18 -9.68
N ASP B 417 -11.21 41.48 -9.37
CA ASP B 417 -10.27 42.39 -10.02
C ASP B 417 -9.20 42.92 -9.07
N ASP B 418 -9.02 42.28 -7.91
CA ASP B 418 -8.01 42.71 -6.97
C ASP B 418 -6.63 42.65 -7.60
N MET B 419 -5.78 43.57 -7.19
CA MET B 419 -4.48 43.81 -7.82
C MET B 419 -3.37 42.93 -7.23
N SER B 420 -3.05 43.15 -5.95
CA SER B 420 -1.88 42.52 -5.36
C SER B 420 -2.10 41.04 -5.04
N THR B 421 -3.34 40.63 -4.78
CA THR B 421 -3.69 39.21 -4.66
C THR B 421 -4.77 38.96 -5.69
N PRO B 422 -4.45 38.39 -6.85
CA PRO B 422 -5.40 38.34 -7.96
C PRO B 422 -6.26 37.08 -7.95
N LEU B 423 -7.31 37.10 -8.78
CA LEU B 423 -8.25 35.99 -8.81
C LEU B 423 -7.54 34.67 -9.13
N ALA B 424 -6.54 34.71 -10.02
CA ALA B 424 -5.81 33.50 -10.36
C ALA B 424 -5.15 32.88 -9.15
N ALA B 425 -4.68 33.71 -8.20
CA ALA B 425 -4.03 33.19 -7.01
C ALA B 425 -5.03 32.49 -6.10
N ALA B 426 -6.23 33.06 -5.95
CA ALA B 426 -7.27 32.40 -5.17
C ALA B 426 -7.69 31.08 -5.81
N ARG B 427 -7.82 31.05 -7.13
CA ARG B 427 -8.21 29.82 -7.81
C ARG B 427 -7.16 28.73 -7.60
N ARG B 428 -5.88 29.10 -7.63
CA ARG B 428 -4.83 28.12 -7.37
C ARG B 428 -4.90 27.61 -5.93
N MET B 429 -5.11 28.50 -4.96
CA MET B 429 -5.25 28.04 -3.59
C MET B 429 -6.43 27.08 -3.45
N ARG B 430 -7.56 27.41 -4.09
CA ARG B 430 -8.72 26.51 -4.08
C ARG B 430 -8.36 25.14 -4.65
N GLU B 431 -7.63 25.12 -5.77
CA GLU B 431 -7.21 23.84 -6.37
C GLU B 431 -6.35 23.04 -5.40
N VAL B 432 -5.43 23.72 -4.72
CA VAL B 432 -4.45 23.02 -3.89
C VAL B 432 -5.09 22.50 -2.61
N LEU B 433 -5.91 23.30 -1.95
CA LEU B 433 -6.55 22.87 -0.72
C LEU B 433 -7.60 21.79 -0.95
N GLY B 434 -8.15 21.69 -2.15
CA GLY B 434 -9.08 20.62 -2.47
C GLY B 434 -10.48 20.82 -1.91
N ASP B 435 -11.17 19.69 -1.75
CA ASP B 435 -12.63 19.71 -1.55
C ASP B 435 -13.05 20.32 -0.23
N THR B 436 -12.14 20.45 0.73
CA THR B 436 -12.56 21.07 1.98
C THR B 436 -12.73 22.59 1.85
N SER B 437 -12.25 23.19 0.77
CA SER B 437 -12.36 24.63 0.56
C SER B 437 -13.44 24.97 -0.47
N ARG B 438 -13.97 26.19 -0.35
CA ARG B 438 -14.89 26.77 -1.30
C ARG B 438 -14.45 28.19 -1.61
N LEU B 439 -14.65 28.64 -2.84
CA LEU B 439 -14.26 29.98 -3.27
C LEU B 439 -15.48 30.82 -3.59
N LEU B 440 -15.59 31.97 -2.94
CA LEU B 440 -16.53 33.04 -3.29
C LEU B 440 -15.77 34.10 -4.07
N THR B 441 -16.18 34.35 -5.31
CA THR B 441 -15.66 35.44 -6.12
C THR B 441 -16.65 36.60 -6.11
N VAL B 442 -16.17 37.81 -5.80
CA VAL B 442 -17.00 39.01 -5.85
C VAL B 442 -16.68 39.73 -7.15
N ALA B 443 -17.67 39.80 -8.05
CA ALA B 443 -17.47 40.31 -9.40
C ALA B 443 -17.35 41.84 -9.42
N ASP B 444 -16.70 42.34 -10.48
CA ASP B 444 -16.65 43.77 -10.79
C ASP B 444 -16.17 44.59 -9.59
N THR B 445 -15.06 44.13 -9.01
CA THR B 445 -14.56 44.68 -7.77
C THR B 445 -13.04 44.59 -7.79
N ALA B 446 -12.38 45.74 -7.77
CA ALA B 446 -10.92 45.81 -7.65
C ALA B 446 -10.64 46.36 -6.26
N HIS B 447 -10.64 45.46 -5.28
CA HIS B 447 -10.50 45.85 -3.88
C HIS B 447 -9.81 44.75 -3.11
N HIS B 448 -8.94 45.16 -2.20
CA HIS B 448 -8.15 44.27 -1.34
C HIS B 448 -8.78 44.22 0.06
N ARG B 449 -9.08 43.01 0.53
CA ARG B 449 -9.75 42.78 1.82
C ARG B 449 -11.25 43.05 1.69
N VAL B 450 -12.00 42.08 1.18
CA VAL B 450 -13.40 42.29 0.81
C VAL B 450 -14.30 42.28 2.04
N PHE B 451 -14.26 41.17 2.80
CA PHE B 451 -15.06 41.03 4.00
C PHE B 451 -14.26 41.49 5.21
N PRO B 452 -14.79 42.41 6.04
CA PRO B 452 -16.05 43.16 5.93
C PRO B 452 -15.89 44.52 5.25
N PHE B 453 -14.64 44.88 4.93
CA PHE B 453 -14.29 46.28 4.68
C PHE B 453 -14.98 46.88 3.45
N TYR B 454 -15.30 46.09 2.43
CA TYR B 454 -15.90 46.66 1.24
C TYR B 454 -17.41 46.90 1.40
N GLY B 455 -18.04 46.26 2.36
CA GLY B 455 -19.50 46.36 2.49
C GLY B 455 -20.26 45.72 1.34
N ASN B 456 -19.72 44.66 0.75
CA ASN B 456 -20.43 43.96 -0.32
C ASN B 456 -21.55 43.13 0.30
N PRO B 457 -22.82 43.38 -0.03
CA PRO B 457 -23.90 42.64 0.65
C PRO B 457 -23.77 41.14 0.49
N GLY B 458 -23.48 40.67 -0.73
CA GLY B 458 -23.39 39.24 -0.97
C GLY B 458 -22.30 38.57 -0.17
N ALA B 459 -21.09 39.15 -0.17
CA ALA B 459 -20.00 38.57 0.59
C ALA B 459 -20.29 38.61 2.08
N ASP B 460 -20.81 39.73 2.58
CA ASP B 460 -21.10 39.83 4.00
C ASP B 460 -22.11 38.77 4.42
N GLU B 461 -23.13 38.54 3.60
CA GLU B 461 -24.16 37.57 3.95
C GLU B 461 -23.61 36.15 3.94
N LEU B 462 -22.84 35.79 2.92
CA LEU B 462 -22.31 34.44 2.82
C LEU B 462 -21.29 34.16 3.93
N VAL B 463 -20.38 35.10 4.18
CA VAL B 463 -19.37 34.87 5.21
C VAL B 463 -20.02 34.83 6.58
N THR B 464 -21.00 35.70 6.84
CA THR B 464 -21.65 35.69 8.14
C THR B 464 -22.39 34.37 8.36
N ALA B 465 -23.06 33.87 7.32
CA ALA B 465 -23.77 32.60 7.43
C ALA B 465 -22.82 31.46 7.72
N TYR B 466 -21.60 31.52 7.18
CA TYR B 466 -20.59 30.50 7.49
C TYR B 466 -20.10 30.63 8.93
N LEU B 467 -19.64 31.83 9.32
CA LEU B 467 -19.08 32.01 10.66
C LEU B 467 -20.12 31.76 11.75
N VAL B 468 -21.36 32.16 11.53
CA VAL B 468 -22.38 32.02 12.57
C VAL B 468 -23.02 30.64 12.54
N ASP B 469 -23.46 30.19 11.38
CA ASP B 469 -24.24 28.98 11.24
C ASP B 469 -23.49 27.82 10.60
N GLY B 470 -22.27 28.05 10.12
CA GLY B 470 -21.52 26.99 9.44
C GLY B 470 -22.02 26.63 8.05
N GLU B 471 -22.87 27.45 7.45
CA GLU B 471 -23.33 27.19 6.08
C GLU B 471 -22.20 27.44 5.09
N LEU B 472 -21.99 26.49 4.19
CA LEU B 472 -21.06 26.65 3.07
C LEU B 472 -21.77 26.24 1.77
N PRO B 473 -21.51 26.95 0.67
CA PRO B 473 -22.11 26.55 -0.61
C PRO B 473 -21.58 25.19 -1.05
N ALA B 474 -22.35 24.56 -1.95
CA ALA B 474 -21.99 23.23 -2.43
C ALA B 474 -20.80 23.25 -3.38
N ALA B 475 -20.54 24.39 -4.00
CA ALA B 475 -19.44 24.58 -4.92
C ALA B 475 -19.11 26.07 -4.91
N ASP B 476 -18.08 26.45 -5.67
CA ASP B 476 -17.71 27.85 -5.76
C ASP B 476 -18.87 28.70 -6.28
N VAL B 477 -18.92 29.95 -5.81
CA VAL B 477 -20.02 30.85 -6.15
C VAL B 477 -19.46 32.23 -6.47
N THR B 478 -20.30 33.01 -7.14
CA THR B 478 -20.03 34.41 -7.45
C THR B 478 -21.12 35.28 -6.84
N ARG B 479 -20.72 36.47 -6.40
CA ARG B 479 -21.68 37.48 -5.97
C ARG B 479 -21.40 38.80 -6.66
N PRO B 480 -22.43 39.57 -6.98
CA PRO B 480 -22.23 40.82 -7.72
C PRO B 480 -21.86 41.98 -6.82
N ASN B 481 -21.32 43.02 -7.47
CA ASN B 481 -21.08 44.31 -6.85
C ASN B 481 -22.22 45.21 -7.26
N PRO B 482 -23.16 45.56 -6.38
CA PRO B 482 -24.28 46.41 -6.82
C PRO B 482 -23.88 47.84 -7.12
N ALA B 483 -22.68 48.27 -6.75
CA ALA B 483 -22.21 49.65 -6.98
C ALA B 483 -20.80 49.62 -7.56
N PRO B 484 -20.65 49.14 -8.78
CA PRO B 484 -19.31 49.01 -9.37
C PRO B 484 -18.79 50.36 -9.85
N MET B 485 -17.46 50.50 -9.81
CA MET B 485 -16.86 51.76 -10.22
C MET B 485 -16.90 51.95 -11.73
N VAL B 486 -16.87 50.85 -12.48
CA VAL B 486 -16.99 50.91 -13.93
C VAL B 486 -17.85 49.74 -14.40
N PRO B 487 -18.42 49.83 -15.60
CA PRO B 487 -19.27 48.75 -16.11
C PRO B 487 -18.51 47.46 -16.32
N THR B 488 -19.28 46.37 -16.40
CA THR B 488 -18.74 45.03 -16.60
C THR B 488 -18.03 44.92 -17.94
N PRO C 8 5.87 -17.77 -35.53
CA PRO C 8 6.90 -17.08 -34.75
C PRO C 8 7.32 -17.88 -33.52
N HIS C 9 8.57 -17.69 -33.08
CA HIS C 9 9.12 -18.45 -31.96
C HIS C 9 9.53 -17.49 -30.86
N LEU C 10 9.25 -17.89 -29.61
CA LEU C 10 9.65 -17.11 -28.46
C LEU C 10 11.01 -17.51 -27.92
N LEU C 11 11.44 -18.75 -28.16
CA LEU C 11 12.71 -19.26 -27.64
C LEU C 11 12.73 -19.16 -26.12
N THR C 12 11.59 -19.47 -25.50
CA THR C 12 11.45 -19.34 -24.06
C THR C 12 12.43 -20.25 -23.30
N ASP C 13 12.69 -21.45 -23.82
CA ASP C 13 13.55 -22.38 -23.09
C ASP C 13 14.97 -21.85 -22.96
N ALA C 14 15.48 -21.19 -24.01
CA ALA C 14 16.79 -20.55 -23.90
C ALA C 14 16.74 -19.40 -22.89
N VAL C 15 15.69 -18.58 -22.96
CA VAL C 15 15.54 -17.47 -22.01
C VAL C 15 15.61 -18.00 -20.57
N ARG C 16 14.80 -19.02 -20.27
CA ARG C 16 14.74 -19.51 -18.89
C ARG C 16 16.07 -20.11 -18.47
N ALA C 17 16.80 -20.72 -19.40
CA ALA C 17 18.11 -21.29 -19.08
C ALA C 17 19.05 -20.23 -18.51
N PHE C 18 18.95 -18.99 -19.01
CA PHE C 18 19.83 -17.92 -18.56
C PHE C 18 19.23 -17.09 -17.43
N GLN C 19 17.96 -17.29 -17.09
CA GLN C 19 17.38 -16.61 -15.94
C GLN C 19 17.98 -17.09 -14.62
N ALA C 20 18.65 -18.24 -14.63
CA ALA C 20 19.16 -18.85 -13.41
C ALA C 20 20.37 -18.14 -12.82
N GLN C 21 20.81 -17.02 -13.41
CA GLN C 21 21.95 -16.28 -12.88
C GLN C 21 21.57 -15.50 -11.63
N SER C 22 22.60 -15.13 -10.87
CA SER C 22 22.46 -14.19 -9.76
C SER C 22 23.57 -13.15 -9.87
N PRO C 23 23.27 -11.94 -10.35
CA PRO C 23 24.35 -10.97 -10.60
C PRO C 23 24.96 -10.41 -9.32
N VAL C 24 26.24 -10.07 -9.42
CA VAL C 24 26.99 -9.47 -8.31
C VAL C 24 26.90 -7.95 -8.47
N TRP C 25 26.23 -7.29 -7.52
CA TRP C 25 26.09 -5.84 -7.56
C TRP C 25 27.19 -5.15 -6.76
N ARG C 26 27.58 -3.97 -7.22
CA ARG C 26 28.55 -3.12 -6.53
C ARG C 26 28.17 -1.67 -6.77
N PRO C 27 28.66 -0.76 -5.93
CA PRO C 27 28.55 0.67 -6.26
C PRO C 27 29.14 0.96 -7.64
N ALA C 28 28.40 1.73 -8.43
CA ALA C 28 28.84 2.09 -9.78
C ALA C 28 29.81 3.27 -9.66
N ASP C 29 31.11 2.97 -9.72
CA ASP C 29 32.14 3.94 -9.40
C ASP C 29 33.16 4.15 -10.51
N ASP C 30 32.99 3.51 -11.66
CA ASP C 30 33.89 3.72 -12.80
C ASP C 30 33.35 4.77 -13.77
N GLU C 31 32.21 5.37 -13.48
CA GLU C 31 31.62 6.37 -14.36
C GLU C 31 30.90 7.41 -13.51
N GLU C 32 31.33 8.67 -13.63
CA GLU C 32 30.80 9.73 -12.78
C GLU C 32 29.28 9.85 -12.92
N ALA C 33 28.76 9.69 -14.13
CA ALA C 33 27.33 9.89 -14.37
C ALA C 33 26.47 8.87 -13.64
N LEU C 34 27.05 7.75 -13.22
CA LEU C 34 26.33 6.71 -12.51
C LEU C 34 26.58 6.74 -11.01
N ARG C 35 27.10 7.85 -10.49
CA ARG C 35 27.39 7.96 -9.06
C ARG C 35 26.07 7.89 -8.28
N GLY C 36 26.04 7.02 -7.27
CA GLY C 36 24.83 6.79 -6.50
C GLY C 36 24.04 5.56 -6.91
N LEU C 37 24.51 4.83 -7.93
CA LEU C 37 23.82 3.66 -8.45
C LEU C 37 24.64 2.40 -8.19
N GLU C 38 23.94 1.27 -8.12
CA GLU C 38 24.60 -0.03 -8.17
C GLU C 38 24.84 -0.42 -9.63
N ALA C 39 25.89 -1.20 -9.86
CA ALA C 39 26.18 -1.75 -11.18
C ALA C 39 26.36 -3.25 -11.10
N ALA C 40 26.11 -3.93 -12.22
CA ALA C 40 26.30 -5.38 -12.31
C ALA C 40 26.33 -5.80 -13.76
N GLU C 41 26.91 -6.99 -13.99
CA GLU C 41 26.97 -7.62 -15.30
C GLU C 41 26.07 -8.84 -15.35
N LEU C 42 25.55 -9.11 -16.54
CA LEU C 42 24.67 -10.23 -16.77
C LEU C 42 25.00 -10.84 -18.12
N THR C 43 24.92 -12.17 -18.22
CA THR C 43 25.26 -12.87 -19.44
C THR C 43 24.00 -13.26 -20.19
N VAL C 44 23.99 -13.01 -21.50
CA VAL C 44 22.93 -13.46 -22.37
C VAL C 44 23.57 -14.18 -23.55
N PRO C 45 22.86 -15.09 -24.21
CA PRO C 45 23.41 -15.70 -25.42
C PRO C 45 23.35 -14.73 -26.58
N LEU C 46 24.39 -14.75 -27.41
CA LEU C 46 24.36 -14.04 -28.68
C LEU C 46 23.12 -14.44 -29.47
N ASP C 47 22.89 -15.74 -29.60
CA ASP C 47 21.81 -16.32 -30.38
C ASP C 47 20.98 -17.17 -29.43
N TYR C 48 19.71 -16.80 -29.22
CA TYR C 48 18.87 -17.60 -28.34
C TYR C 48 18.52 -18.95 -28.95
N ARG C 49 18.74 -19.12 -30.26
CA ARG C 49 18.69 -20.46 -30.84
C ARG C 49 19.89 -21.30 -30.45
N ALA C 50 20.94 -20.70 -29.90
CA ALA C 50 22.19 -21.40 -29.58
C ALA C 50 22.62 -21.05 -28.16
N PRO C 51 21.83 -21.46 -27.17
CA PRO C 51 22.12 -21.08 -25.78
C PRO C 51 23.42 -21.66 -25.23
N ALA C 52 23.90 -22.77 -25.79
CA ALA C 52 25.18 -23.33 -25.35
C ALA C 52 26.37 -22.64 -26.00
N GLY C 53 26.13 -21.73 -26.93
CA GLY C 53 27.18 -21.14 -27.74
C GLY C 53 27.72 -19.84 -27.18
N ARG C 54 28.12 -18.98 -28.10
CA ARG C 54 28.72 -17.71 -27.74
C ARG C 54 27.75 -16.84 -26.93
N THR C 55 28.28 -16.11 -25.95
CA THR C 55 27.51 -15.23 -25.11
C THR C 55 28.12 -13.83 -25.13
N LEU C 56 27.40 -12.89 -24.53
CA LEU C 56 27.91 -11.54 -24.30
C LEU C 56 27.38 -11.06 -22.95
N THR C 57 27.85 -9.88 -22.54
CA THR C 57 27.51 -9.32 -21.24
C THR C 57 26.74 -8.02 -21.39
N LEU C 58 25.73 -7.84 -20.55
CA LEU C 58 25.01 -6.58 -20.43
C LEU C 58 25.39 -5.88 -19.14
N GLY C 59 25.49 -4.56 -19.19
CA GLY C 59 25.69 -3.74 -18.01
C GLY C 59 24.37 -3.21 -17.48
N LEU C 60 24.07 -3.53 -16.22
CA LEU C 60 22.88 -3.08 -15.52
C LEU C 60 23.25 -2.02 -14.49
N VAL C 61 22.28 -1.17 -14.16
CA VAL C 61 22.34 -0.32 -12.97
C VAL C 61 21.03 -0.43 -12.22
N ARG C 62 21.06 -0.04 -10.93
CA ARG C 62 19.90 -0.13 -10.06
C ARG C 62 19.90 0.99 -9.03
N HIS C 63 18.72 1.52 -8.76
CA HIS C 63 18.45 2.37 -7.60
C HIS C 63 17.35 1.70 -6.79
N ARG C 64 17.70 1.18 -5.61
CA ARG C 64 16.72 0.44 -4.81
C ARG C 64 15.57 1.34 -4.37
N ALA C 65 14.41 0.72 -4.16
CA ALA C 65 13.33 1.36 -3.43
C ALA C 65 13.85 2.02 -2.17
N THR C 66 13.60 3.33 -2.02
CA THR C 66 14.10 4.03 -0.85
C THR C 66 13.33 3.69 0.41
N ALA C 67 12.12 3.14 0.28
CA ALA C 67 11.30 2.74 1.42
C ALA C 67 11.12 1.24 1.44
N PRO C 68 12.07 0.48 2.01
CA PRO C 68 11.96 -0.99 2.00
C PRO C 68 10.59 -1.52 2.39
N GLU C 69 9.81 -0.78 3.18
CA GLU C 69 8.52 -1.29 3.64
C GLU C 69 7.42 -1.09 2.62
N ARG C 70 7.53 -0.09 1.75
CA ARG C 70 6.53 0.16 0.72
C ARG C 70 6.96 -0.38 -0.65
N ARG C 71 8.11 -1.04 -0.73
CA ARG C 71 8.59 -1.62 -1.98
C ARG C 71 7.54 -2.54 -2.60
N ARG C 72 7.13 -2.24 -3.84
CA ARG C 72 6.18 -3.11 -4.53
C ARG C 72 6.78 -3.89 -5.69
N GLY C 73 7.98 -3.54 -6.15
CA GLY C 73 8.62 -4.35 -7.19
C GLY C 73 9.71 -3.58 -7.92
N VAL C 74 9.96 -4.01 -9.15
CA VAL C 74 11.00 -3.42 -10.01
C VAL C 74 10.33 -2.63 -11.12
N LEU C 75 10.83 -1.42 -11.34
CA LEU C 75 10.49 -0.62 -12.52
C LEU C 75 11.68 -0.71 -13.47
N LEU C 76 11.51 -1.44 -14.57
CA LEU C 76 12.57 -1.58 -15.55
C LEU C 76 12.48 -0.44 -16.56
N VAL C 77 13.61 0.24 -16.78
CA VAL C 77 13.68 1.35 -17.71
C VAL C 77 14.10 0.83 -19.06
N GLY C 78 13.30 1.10 -20.09
CA GLY C 78 13.67 0.75 -21.45
C GLY C 78 15.08 1.22 -21.75
N PRO C 79 15.87 0.39 -22.49
CA PRO C 79 17.32 0.65 -22.62
C PRO C 79 17.67 1.78 -23.57
N GLY C 80 17.27 2.99 -23.20
CA GLY C 80 17.53 4.18 -23.99
C GLY C 80 16.26 4.77 -24.54
N ASP C 81 16.27 6.09 -24.73
CA ASP C 81 15.12 6.74 -25.33
C ASP C 81 15.23 6.60 -26.84
N ASP C 82 15.87 7.58 -27.47
CA ASP C 82 16.09 7.48 -28.90
C ASP C 82 17.11 6.39 -29.19
N LEU C 83 16.83 5.60 -30.23
CA LEU C 83 17.73 4.53 -30.61
C LEU C 83 19.10 5.10 -30.89
N GLY C 84 20.11 4.59 -30.19
CA GLY C 84 21.45 5.13 -30.21
C GLY C 84 21.96 5.56 -28.85
N ASN C 85 21.07 5.83 -27.91
CA ASN C 85 21.40 6.34 -26.59
C ASN C 85 21.46 5.20 -25.57
N ARG C 86 22.11 5.46 -24.44
CA ARG C 86 22.38 4.44 -23.43
C ARG C 86 21.29 4.40 -22.37
N GLY C 87 20.75 3.20 -22.14
CA GLY C 87 19.74 3.03 -21.11
C GLY C 87 20.23 3.35 -19.71
N THR C 88 21.50 3.04 -19.42
CA THR C 88 22.02 3.30 -18.08
C THR C 88 22.05 4.80 -17.78
N LEU C 89 22.40 5.61 -18.78
CA LEU C 89 22.38 7.05 -18.60
C LEU C 89 20.94 7.56 -18.47
N LEU C 90 20.02 6.98 -19.24
CA LEU C 90 18.61 7.34 -19.08
C LEU C 90 18.14 7.03 -17.66
N GLY C 91 18.54 5.88 -17.12
CA GLY C 91 18.15 5.53 -15.76
C GLY C 91 18.68 6.53 -14.74
N ALA C 92 19.94 6.93 -14.89
CA ALA C 92 20.51 7.92 -13.98
C ALA C 92 19.77 9.25 -14.07
N GLN C 93 19.34 9.63 -15.28
CA GLN C 93 18.48 10.79 -15.42
C GLN C 93 17.18 10.62 -14.66
N LEU C 94 16.56 9.44 -14.77
CA LEU C 94 15.26 9.23 -14.16
C LEU C 94 15.35 9.25 -12.64
N VAL C 95 16.44 8.75 -12.08
CA VAL C 95 16.61 8.79 -10.63
C VAL C 95 16.56 10.23 -10.13
N GLY C 96 17.13 11.15 -10.90
CA GLY C 96 17.15 12.56 -10.50
C GLY C 96 15.80 13.25 -10.57
N GLN C 97 14.83 12.70 -11.30
CA GLN C 97 13.62 13.46 -11.62
C GLN C 97 12.30 12.72 -11.47
N LEU C 98 12.30 11.41 -11.19
CA LEU C 98 11.05 10.70 -10.96
C LEU C 98 10.37 11.19 -9.69
N PRO C 99 9.04 11.13 -9.62
CA PRO C 99 8.35 11.47 -8.37
C PRO C 99 8.90 10.68 -7.18
N LYS C 100 8.87 11.32 -6.01
CA LYS C 100 9.44 10.70 -4.82
C LYS C 100 8.78 9.36 -4.52
N GLU C 101 7.46 9.28 -4.69
CA GLU C 101 6.74 8.06 -4.31
C GLU C 101 6.85 6.96 -5.36
N VAL C 102 7.38 7.26 -6.53
CA VAL C 102 7.84 6.20 -7.43
C VAL C 102 9.20 5.68 -6.97
N LEU C 103 10.12 6.58 -6.58
CA LEU C 103 11.46 6.19 -6.13
C LEU C 103 11.48 5.39 -4.83
N ALA C 104 10.43 5.54 -4.02
CA ALA C 104 10.19 4.84 -2.76
C ALA C 104 9.63 3.43 -2.96
N GLN C 105 8.69 3.27 -3.90
CA GLN C 105 7.98 2.00 -4.04
C GLN C 105 8.59 1.05 -5.08
N TYR C 106 9.57 1.50 -5.87
CA TYR C 106 10.13 0.70 -6.95
C TYR C 106 11.65 0.68 -6.89
N ASP C 107 12.23 -0.49 -7.14
CA ASP C 107 13.62 -0.56 -7.59
C ASP C 107 13.69 -0.13 -9.04
N VAL C 108 14.43 0.93 -9.32
CA VAL C 108 14.63 1.39 -10.70
C VAL C 108 15.85 0.66 -11.25
N VAL C 109 15.64 -0.17 -12.26
CA VAL C 109 16.71 -0.89 -12.93
C VAL C 109 16.78 -0.40 -14.38
N ALA C 110 18.00 -0.14 -14.85
CA ALA C 110 18.25 0.29 -16.22
C ALA C 110 19.43 -0.51 -16.78
N PHE C 111 19.60 -0.46 -18.10
CA PHE C 111 20.67 -1.22 -18.73
C PHE C 111 20.91 -0.69 -20.13
N ASP C 112 22.13 -0.89 -20.62
CA ASP C 112 22.47 -0.65 -22.01
C ASP C 112 22.16 -1.92 -22.81
N HIS C 113 21.42 -1.78 -23.91
CA HIS C 113 21.09 -2.97 -24.66
C HIS C 113 22.33 -3.52 -25.37
N ARG C 114 22.20 -4.75 -25.85
CA ARG C 114 23.32 -5.46 -26.45
C ARG C 114 24.01 -4.62 -27.52
N PHE C 115 25.35 -4.63 -27.47
CA PHE C 115 26.25 -4.14 -28.53
C PHE C 115 26.59 -2.66 -28.40
N MET C 116 26.29 -2.02 -27.27
CA MET C 116 26.61 -0.62 -27.11
CA MET C 116 26.61 -0.62 -27.11
C MET C 116 26.89 -0.31 -25.64
N GLY C 117 27.58 0.81 -25.43
CA GLY C 117 27.89 1.30 -24.10
C GLY C 117 28.58 0.30 -23.20
N ARG C 118 27.93 -0.03 -22.09
CA ARG C 118 28.48 -0.94 -21.11
C ARG C 118 28.14 -2.40 -21.40
N SER C 119 27.56 -2.70 -22.56
CA SER C 119 27.02 -4.02 -22.87
C SER C 119 27.66 -4.55 -24.15
N SER C 120 28.92 -4.99 -24.04
CA SER C 120 29.66 -5.60 -25.14
C SER C 120 29.69 -4.71 -26.38
N PRO C 121 30.21 -3.48 -26.26
CA PRO C 121 30.13 -2.53 -27.38
C PRO C 121 30.86 -3.00 -28.62
N VAL C 122 30.30 -2.65 -29.78
CA VAL C 122 30.87 -2.92 -31.09
C VAL C 122 31.21 -1.58 -31.73
N VAL C 123 32.47 -1.40 -32.13
CA VAL C 123 32.87 -0.23 -32.91
C VAL C 123 33.53 -0.67 -34.20
N CYS C 124 33.47 0.20 -35.21
CA CYS C 124 33.79 -0.20 -36.57
C CYS C 124 34.64 0.83 -37.30
N GLY C 125 35.22 1.80 -36.61
CA GLY C 125 36.00 2.85 -37.26
C GLY C 125 35.18 3.88 -37.99
N LEU C 126 33.94 4.11 -37.54
CA LEU C 126 33.13 5.17 -38.13
C LEU C 126 33.72 6.53 -37.79
N GLU C 127 33.86 7.38 -38.80
CA GLU C 127 34.30 8.74 -38.56
C GLU C 127 33.13 9.56 -38.05
N PRO C 128 33.41 10.70 -37.40
CA PRO C 128 32.31 11.48 -36.81
C PRO C 128 31.18 11.79 -37.78
N GLU C 129 31.49 12.14 -39.03
CA GLU C 129 30.43 12.44 -39.98
C GLU C 129 29.57 11.21 -40.26
N GLU C 130 30.21 10.04 -40.32
CA GLU C 130 29.48 8.80 -40.57
C GLU C 130 28.54 8.46 -39.43
N ARG C 131 28.82 8.94 -38.23
CA ARG C 131 27.94 8.64 -37.11
C ARG C 131 26.61 9.35 -37.20
N PHE C 132 26.52 10.41 -38.02
CA PHE C 132 25.25 11.09 -38.28
C PHE C 132 24.53 10.53 -39.50
N TRP C 133 24.66 9.22 -39.78
CA TRP C 133 24.09 8.68 -41.00
C TRP C 133 22.57 8.82 -41.04
N VAL C 134 21.91 8.85 -39.89
CA VAL C 134 20.45 8.94 -39.86
C VAL C 134 20.00 10.26 -40.50
N PHE C 135 20.46 11.38 -39.96
CA PHE C 135 20.02 12.70 -40.41
C PHE C 135 20.92 13.31 -41.47
N HIS C 136 21.87 12.54 -41.98
CA HIS C 136 22.81 13.04 -42.98
C HIS C 136 22.09 13.64 -44.17
N HIS C 137 22.46 14.90 -44.52
CA HIS C 137 21.88 15.58 -45.67
C HIS C 137 22.79 15.41 -46.88
N PRO C 138 22.26 14.98 -48.02
CA PRO C 138 23.13 14.65 -49.16
C PRO C 138 23.62 15.87 -49.93
N ARG C 139 24.88 15.81 -50.37
CA ARG C 139 25.35 16.69 -51.44
C ARG C 139 24.53 16.47 -52.70
N ASP C 140 24.42 15.21 -53.09
CA ASP C 140 23.68 14.78 -54.27
C ASP C 140 23.53 13.28 -54.13
N PHE C 141 22.67 12.69 -54.95
CA PHE C 141 22.27 11.32 -54.69
C PHE C 141 23.43 10.35 -54.85
N ASP C 142 24.21 10.48 -55.93
CA ASP C 142 25.29 9.53 -56.16
C ASP C 142 26.36 9.63 -55.08
N HIS C 143 26.63 10.84 -54.58
CA HIS C 143 27.56 10.99 -53.47
C HIS C 143 27.02 10.30 -52.21
N GLU C 144 25.69 10.36 -52.01
CA GLU C 144 25.10 9.80 -50.80
C GLU C 144 25.06 8.28 -50.86
N VAL C 145 24.84 7.72 -52.06
CA VAL C 145 24.94 6.27 -52.24
C VAL C 145 26.28 5.78 -51.71
N ARG C 146 27.36 6.41 -52.18
CA ARG C 146 28.69 6.01 -51.75
C ARG C 146 28.86 6.20 -50.25
N PHE C 147 28.40 7.34 -49.72
CA PHE C 147 28.55 7.60 -48.30
C PHE C 147 27.87 6.52 -47.46
N GLN C 148 26.60 6.21 -47.79
CA GLN C 148 25.84 5.27 -46.97
C GLN C 148 26.31 3.83 -47.20
N ALA C 149 26.66 3.49 -48.45
CA ALA C 149 27.20 2.15 -48.70
C ALA C 149 28.49 1.94 -47.92
N ASN C 150 29.33 2.97 -47.82
CA ASN C 150 30.61 2.81 -47.14
C ASN C 150 30.44 2.72 -45.63
N VAL C 151 29.38 3.30 -45.07
CA VAL C 151 29.06 3.09 -43.66
C VAL C 151 28.72 1.61 -43.43
N ALA C 152 27.82 1.07 -44.24
CA ALA C 152 27.46 -0.34 -44.12
C ALA C 152 28.69 -1.25 -44.29
N ALA C 153 29.59 -0.88 -45.21
CA ALA C 153 30.78 -1.69 -45.47
C ALA C 153 31.67 -1.80 -44.24
N LYS C 154 31.84 -0.70 -43.49
CA LYS C 154 32.66 -0.74 -42.29
C LYS C 154 32.06 -1.66 -41.23
N VAL C 155 30.74 -1.57 -41.03
CA VAL C 155 30.10 -2.43 -40.06
C VAL C 155 30.17 -3.88 -40.48
N ALA C 156 29.92 -4.15 -41.77
CA ALA C 156 30.08 -5.51 -42.27
C ALA C 156 31.47 -6.05 -41.98
N GLU C 157 32.50 -5.23 -42.23
CA GLU C 157 33.87 -5.71 -42.08
C GLU C 157 34.17 -6.09 -40.63
N HIS C 158 33.70 -5.29 -39.68
CA HIS C 158 34.10 -5.44 -38.28
C HIS C 158 33.04 -6.07 -37.38
N ALA C 159 31.84 -6.35 -37.89
CA ALA C 159 30.78 -6.84 -37.02
C ALA C 159 29.89 -7.91 -37.66
N LEU C 160 30.28 -8.48 -38.81
CA LEU C 160 29.41 -9.39 -39.54
C LEU C 160 28.90 -10.52 -38.65
N ASP C 161 29.76 -11.03 -37.77
CA ASP C 161 29.41 -12.20 -36.97
C ASP C 161 28.27 -11.94 -35.99
N ILE C 162 28.08 -10.69 -35.55
CA ILE C 162 27.02 -10.40 -34.57
C ILE C 162 25.82 -9.69 -35.19
N LEU C 163 25.89 -9.25 -36.45
CA LEU C 163 24.77 -8.53 -37.05
C LEU C 163 23.46 -9.33 -37.11
N PRO C 164 23.46 -10.65 -37.33
CA PRO C 164 22.18 -11.36 -37.35
C PRO C 164 21.44 -11.32 -36.03
N TYR C 165 22.12 -10.96 -34.95
CA TYR C 165 21.61 -11.10 -33.59
C TYR C 165 21.34 -9.75 -32.94
N ALA C 166 21.40 -8.68 -33.71
CA ALA C 166 20.96 -7.36 -33.27
C ALA C 166 19.50 -7.22 -33.66
N SER C 167 18.59 -7.44 -32.71
CA SER C 167 17.17 -7.36 -33.02
C SER C 167 16.38 -6.97 -31.77
N SER C 168 15.23 -6.35 -32.02
CA SER C 168 14.35 -5.95 -30.93
C SER C 168 13.81 -7.18 -30.19
N ARG C 169 13.49 -8.25 -30.92
CA ARG C 169 13.05 -9.47 -30.26
C ARG C 169 14.15 -10.03 -29.36
N ASN C 170 15.41 -9.94 -29.78
CA ASN C 170 16.49 -10.40 -28.89
C ASN C 170 16.62 -9.52 -27.65
N ILE C 171 16.41 -8.21 -27.81
CA ILE C 171 16.44 -7.35 -26.63
C ILE C 171 15.28 -7.67 -25.71
N ALA C 172 14.12 -8.02 -26.27
CA ALA C 172 12.99 -8.41 -25.45
C ALA C 172 13.28 -9.71 -24.69
N ARG C 173 14.00 -10.64 -25.32
CA ARG C 173 14.45 -11.83 -24.59
C ARG C 173 15.49 -11.45 -23.53
N ASP C 174 16.37 -10.50 -23.84
CA ASP C 174 17.32 -10.03 -22.84
C ASP C 174 16.59 -9.46 -21.62
N ILE C 175 15.48 -8.76 -21.86
CA ILE C 175 14.71 -8.21 -20.74
C ILE C 175 14.18 -9.35 -19.86
N GLU C 176 13.69 -10.42 -20.49
CA GLU C 176 13.23 -11.59 -19.74
C GLU C 176 14.37 -12.18 -18.91
N VAL C 177 15.58 -12.26 -19.46
CA VAL C 177 16.71 -12.73 -18.67
C VAL C 177 16.91 -11.83 -17.46
N ILE C 178 16.87 -10.51 -17.68
CA ILE C 178 17.03 -9.56 -16.58
C ILE C 178 15.97 -9.81 -15.52
N ARG C 179 14.71 -9.90 -15.94
CA ARG C 179 13.61 -10.16 -15.00
C ARG C 179 13.91 -11.38 -14.15
N GLY C 180 14.27 -12.50 -14.80
CA GLY C 180 14.50 -13.72 -14.06
C GLY C 180 15.73 -13.64 -13.17
N ALA C 181 16.77 -12.95 -13.63
CA ALA C 181 17.98 -12.79 -12.83
C ALA C 181 17.74 -11.89 -11.63
N LEU C 182 16.75 -10.99 -11.69
CA LEU C 182 16.38 -10.20 -10.52
C LEU C 182 15.49 -10.97 -9.56
N GLY C 183 15.04 -12.16 -9.94
CA GLY C 183 14.17 -12.96 -9.10
C GLY C 183 12.73 -12.52 -9.08
N GLU C 184 12.26 -11.88 -10.15
CA GLU C 184 10.94 -11.26 -10.18
C GLU C 184 10.03 -12.02 -11.11
N ASP C 185 8.79 -12.25 -10.65
CA ASP C 185 7.76 -12.85 -11.50
C ASP C 185 7.21 -11.83 -12.49
N ARG C 186 6.90 -10.64 -12.01
CA ARG C 186 6.37 -9.56 -12.84
C ARG C 186 7.25 -8.33 -12.67
N ILE C 187 7.36 -7.53 -13.74
CA ILE C 187 8.08 -6.26 -13.68
C ILE C 187 7.20 -5.17 -14.25
N SER C 188 7.40 -3.96 -13.74
CA SER C 188 6.88 -2.76 -14.36
C SER C 188 7.91 -2.19 -15.33
N TYR C 189 7.45 -1.40 -16.29
CA TYR C 189 8.29 -0.95 -17.39
C TYR C 189 7.96 0.48 -17.76
N LEU C 190 9.00 1.28 -17.98
CA LEU C 190 8.88 2.67 -18.40
C LEU C 190 9.87 2.89 -19.54
N GLY C 191 9.36 3.26 -20.72
CA GLY C 191 10.21 3.45 -21.88
C GLY C 191 9.77 4.63 -22.73
N TYR C 192 10.73 5.14 -23.49
CA TYR C 192 10.54 6.29 -24.37
C TYR C 192 11.04 5.96 -25.77
N SER C 193 10.36 6.50 -26.79
CA SER C 193 10.84 6.48 -28.17
C SER C 193 11.09 5.03 -28.56
N TYR C 194 12.32 4.64 -28.91
CA TYR C 194 12.56 3.24 -29.25
C TYR C 194 12.16 2.32 -28.12
N GLY C 195 12.34 2.77 -26.87
CA GLY C 195 11.87 2.02 -25.72
C GLY C 195 10.38 1.75 -25.71
N THR C 196 9.59 2.52 -26.48
CA THR C 196 8.17 2.21 -26.55
C THR C 196 7.90 1.11 -27.56
N TYR C 197 8.70 1.01 -28.62
CA TYR C 197 8.63 -0.17 -29.46
C TYR C 197 9.05 -1.41 -28.68
N LEU C 198 10.13 -1.31 -27.89
CA LEU C 198 10.60 -2.44 -27.11
C LEU C 198 9.59 -2.87 -26.07
N GLY C 199 8.96 -1.91 -25.40
CA GLY C 199 7.90 -2.27 -24.46
C GLY C 199 6.73 -2.96 -25.14
N ALA C 200 6.41 -2.52 -26.37
CA ALA C 200 5.33 -3.17 -27.11
C ALA C 200 5.72 -4.58 -27.54
N VAL C 201 6.97 -4.76 -27.99
CA VAL C 201 7.44 -6.09 -28.38
C VAL C 201 7.50 -7.02 -27.17
N TRP C 202 8.14 -6.56 -26.10
CA TRP C 202 8.29 -7.40 -24.91
C TRP C 202 6.93 -7.76 -24.32
N THR C 203 5.98 -6.81 -24.28
CA THR C 203 4.65 -7.18 -23.78
C THR C 203 3.94 -8.11 -24.74
N GLN C 204 4.12 -7.95 -26.06
CA GLN C 204 3.47 -8.85 -27.01
C GLN C 204 3.98 -10.27 -26.84
N MET C 205 5.28 -10.40 -26.58
CA MET C 205 5.94 -11.71 -26.45
C MET C 205 5.77 -12.30 -25.07
N PHE C 206 5.91 -11.48 -24.03
CA PHE C 206 6.07 -11.95 -22.65
C PHE C 206 5.21 -11.17 -21.67
N GLY C 207 4.15 -10.52 -22.14
CA GLY C 207 3.41 -9.55 -21.34
C GLY C 207 2.64 -10.15 -20.18
N GLU C 208 2.49 -11.47 -20.13
CA GLU C 208 1.95 -12.09 -18.92
C GLU C 208 2.84 -11.82 -17.72
N HIS C 209 4.07 -11.37 -17.93
CA HIS C 209 4.99 -11.02 -16.84
C HIS C 209 5.06 -9.52 -16.57
N ALA C 210 4.12 -8.73 -17.10
CA ALA C 210 4.12 -7.30 -16.90
C ALA C 210 3.19 -6.93 -15.74
N ASP C 211 3.66 -6.02 -14.89
CA ASP C 211 2.84 -5.41 -13.85
C ASP C 211 2.19 -4.15 -14.44
N ARG C 212 2.89 -3.02 -14.33
CA ARG C 212 2.43 -1.74 -14.87
C ARG C 212 3.43 -1.28 -15.93
N VAL C 213 2.90 -0.82 -17.07
CA VAL C 213 3.70 -0.48 -18.24
C VAL C 213 3.35 0.94 -18.66
N VAL C 214 4.35 1.82 -18.70
CA VAL C 214 4.19 3.20 -19.15
C VAL C 214 5.08 3.41 -20.37
N LEU C 215 4.47 3.80 -21.49
CA LEU C 215 5.20 4.13 -22.72
C LEU C 215 4.96 5.59 -23.06
N ASP C 216 6.04 6.34 -23.26
CA ASP C 216 5.99 7.80 -23.34
C ASP C 216 6.73 8.28 -24.58
N SER C 217 6.03 9.00 -25.47
CA SER C 217 6.55 9.47 -26.75
C SER C 217 6.74 8.28 -27.69
N ILE C 218 5.70 7.98 -28.47
CA ILE C 218 5.41 6.63 -28.95
C ILE C 218 5.89 6.42 -30.37
N CYS C 219 6.57 5.29 -30.58
CA CYS C 219 6.88 4.83 -31.93
CA CYS C 219 6.87 4.79 -31.92
C CYS C 219 5.63 4.23 -32.57
N SER C 220 5.38 4.57 -33.82
CA SER C 220 4.26 3.95 -34.52
C SER C 220 4.56 2.48 -34.81
N PRO C 221 3.60 1.58 -34.60
CA PRO C 221 3.82 0.18 -35.01
C PRO C 221 3.94 -0.01 -36.50
N ASP C 222 3.46 0.93 -37.33
CA ASP C 222 3.57 0.85 -38.78
C ASP C 222 4.94 1.26 -39.30
N TRP C 223 5.86 1.67 -38.44
CA TRP C 223 7.06 2.35 -38.87
C TRP C 223 8.22 1.43 -39.25
N VAL C 224 8.19 0.17 -38.80
CA VAL C 224 9.37 -0.70 -38.87
C VAL C 224 9.82 -0.89 -40.32
N TRP C 225 10.96 -0.32 -40.72
CA TRP C 225 11.68 0.75 -40.02
C TRP C 225 11.93 1.97 -40.90
N ARG C 226 11.60 1.92 -42.18
CA ARG C 226 11.80 3.14 -42.96
C ARG C 226 10.68 4.16 -42.77
N GLY C 227 9.50 3.72 -42.32
CA GLY C 227 8.45 4.68 -42.01
C GLY C 227 8.85 5.64 -40.90
N LEU C 228 9.67 5.18 -39.96
CA LEU C 228 10.26 6.08 -38.97
C LEU C 228 10.96 7.25 -39.65
N PHE C 229 11.60 6.99 -40.79
CA PHE C 229 12.31 8.02 -41.52
C PHE C 229 11.35 8.87 -42.35
N THR C 230 10.52 8.23 -43.18
CA THR C 230 9.74 8.95 -44.17
C THR C 230 8.55 9.70 -43.58
N ASP C 231 8.12 9.34 -42.36
CA ASP C 231 7.08 10.12 -41.69
C ASP C 231 7.62 11.36 -40.99
N PHE C 232 8.95 11.51 -40.87
CA PHE C 232 9.50 12.58 -40.04
C PHE C 232 9.36 13.95 -40.72
N PRO C 233 9.65 14.09 -42.01
CA PRO C 233 9.75 15.44 -42.60
C PRO C 233 8.50 16.28 -42.38
N PRO C 234 7.29 15.75 -42.62
CA PRO C 234 6.10 16.57 -42.35
C PRO C 234 6.04 17.06 -40.91
N ASN C 235 6.50 16.24 -39.97
CA ASN C 235 6.51 16.62 -38.56
C ASN C 235 7.64 17.60 -38.26
N GLY C 236 8.80 17.44 -38.92
CA GLY C 236 9.84 18.43 -38.79
C GLY C 236 9.39 19.79 -39.28
N GLU C 237 8.66 19.83 -40.41
CA GLU C 237 8.14 21.09 -40.92
C GLU C 237 7.18 21.73 -39.93
N ARG C 238 6.30 20.92 -39.33
CA ARG C 238 5.32 21.44 -38.40
C ARG C 238 5.99 22.02 -37.15
N ALA C 239 6.99 21.31 -36.61
CA ALA C 239 7.65 21.77 -35.39
C ALA C 239 8.55 22.97 -35.67
N LEU C 240 9.15 23.05 -36.86
CA LEU C 240 9.95 24.22 -37.21
C LEU C 240 9.07 25.43 -37.40
N THR C 241 7.90 25.24 -38.02
CA THR C 241 6.96 26.32 -38.26
C THR C 241 6.35 26.84 -36.97
N ARG C 242 6.27 25.98 -35.94
CA ARG C 242 5.75 26.42 -34.64
C ARG C 242 6.76 27.28 -33.90
N TRP C 243 8.04 26.91 -33.95
CA TRP C 243 9.08 27.77 -33.40
C TRP C 243 9.18 29.08 -34.17
N ALA C 244 8.92 29.04 -35.48
CA ALA C 244 9.02 30.23 -36.31
C ALA C 244 7.93 31.24 -35.97
N ARG C 245 6.72 30.76 -35.67
CA ARG C 245 5.68 31.65 -35.16
C ARG C 245 6.10 32.30 -33.85
N TRP C 246 6.72 31.53 -32.96
CA TRP C 246 7.18 32.04 -31.67
C TRP C 246 8.28 33.08 -31.85
N ALA C 247 9.26 32.79 -32.72
CA ALA C 247 10.35 33.74 -32.93
C ALA C 247 9.91 34.98 -33.68
N ALA C 248 8.85 34.89 -34.48
CA ALA C 248 8.33 36.04 -35.20
C ALA C 248 7.73 37.07 -34.24
N ALA C 249 7.27 36.65 -33.07
CA ALA C 249 6.77 37.57 -32.06
C ALA C 249 7.88 38.24 -31.26
N ARG C 250 9.13 37.83 -31.48
CA ARG C 250 10.28 38.32 -30.72
C ARG C 250 11.31 38.95 -31.65
N ASP C 251 10.83 39.48 -32.78
CA ASP C 251 11.70 40.13 -33.77
C ASP C 251 12.56 41.23 -33.14
N ALA C 252 12.06 41.88 -32.08
CA ALA C 252 12.81 42.96 -31.47
C ALA C 252 14.04 42.46 -30.71
N ASP C 253 14.02 41.21 -30.27
CA ASP C 253 15.17 40.60 -29.61
C ASP C 253 16.02 39.75 -30.55
N LEU C 254 15.38 39.03 -31.47
CA LEU C 254 16.07 38.05 -32.30
C LEU C 254 16.52 38.63 -33.63
N GLY C 255 15.69 39.46 -34.26
CA GLY C 255 16.04 40.06 -35.54
C GLY C 255 15.92 39.11 -36.71
N LEU C 256 15.15 38.04 -36.56
CA LEU C 256 14.97 37.06 -37.63
C LEU C 256 13.72 37.33 -38.46
N GLY C 257 12.90 38.29 -38.08
CA GLY C 257 11.69 38.63 -38.80
C GLY C 257 10.47 38.67 -37.91
N ALA C 258 9.42 39.27 -38.45
CA ALA C 258 8.18 39.50 -37.71
C ALA C 258 7.02 38.65 -38.22
N THR C 259 7.30 37.67 -39.07
CA THR C 259 6.31 36.74 -39.57
C THR C 259 6.97 35.36 -39.69
N ASP C 260 6.17 34.30 -39.61
CA ASP C 260 6.73 32.96 -39.77
C ASP C 260 7.53 32.87 -41.07
N GLY C 261 6.95 33.39 -42.16
CA GLY C 261 7.64 33.35 -43.44
C GLY C 261 9.00 34.02 -43.40
N ALA C 262 9.11 35.15 -42.69
CA ALA C 262 10.36 35.88 -42.66
C ALA C 262 11.42 35.12 -41.87
N VAL C 263 11.07 34.62 -40.69
CA VAL C 263 12.00 33.81 -39.91
CA VAL C 263 12.02 33.84 -39.92
C VAL C 263 12.41 32.57 -40.68
N ARG C 264 11.45 31.91 -41.33
CA ARG C 264 11.77 30.71 -42.08
C ARG C 264 12.70 31.03 -43.25
N ALA C 265 12.45 32.14 -43.95
CA ALA C 265 13.33 32.54 -45.05
C ALA C 265 14.73 32.86 -44.54
N ALA C 266 14.84 33.42 -43.33
CA ALA C 266 16.16 33.66 -42.76
C ALA C 266 16.92 32.36 -42.53
N TYR C 267 16.27 31.37 -41.92
CA TYR C 267 16.93 30.09 -41.68
C TYR C 267 17.23 29.38 -43.01
N ASP C 268 16.26 29.33 -43.92
CA ASP C 268 16.50 28.78 -45.26
C ASP C 268 17.71 29.43 -45.92
N GLY C 269 17.96 30.71 -45.61
CA GLY C 269 19.15 31.36 -46.13
C GLY C 269 20.42 30.73 -45.61
N VAL C 270 20.41 30.29 -44.35
CA VAL C 270 21.53 29.55 -43.80
C VAL C 270 21.70 28.24 -44.56
N LEU C 271 20.59 27.54 -44.80
CA LEU C 271 20.64 26.25 -45.48
C LEU C 271 21.16 26.41 -46.91
N ALA C 272 20.70 27.44 -47.61
CA ALA C 272 21.21 27.71 -48.95
C ALA C 272 22.73 27.90 -48.95
N ARG C 273 23.29 28.39 -47.85
CA ARG C 273 24.73 28.59 -47.77
C ARG C 273 25.47 27.26 -47.57
N VAL C 274 25.09 26.48 -46.55
CA VAL C 274 25.81 25.22 -46.33
C VAL C 274 25.57 24.26 -47.49
N ASP C 275 24.39 24.33 -48.12
CA ASP C 275 24.08 23.47 -49.25
C ASP C 275 24.88 23.83 -50.51
N THR C 276 25.57 24.98 -50.51
CA THR C 276 26.45 25.36 -51.61
C THR C 276 27.88 25.55 -51.15
N ASP C 277 28.21 24.96 -49.99
CA ASP C 277 29.58 24.91 -49.47
C ASP C 277 30.10 26.28 -49.04
N ARG C 278 29.20 27.18 -48.70
CA ARG C 278 29.58 28.49 -48.18
C ARG C 278 29.59 28.46 -46.66
N GLU C 279 30.51 29.22 -46.09
CA GLU C 279 30.74 29.20 -44.64
C GLU C 279 29.50 29.65 -43.88
N VAL C 280 29.11 28.84 -42.89
CA VAL C 280 28.21 29.25 -41.82
C VAL C 280 28.83 28.81 -40.50
N THR C 281 28.96 29.75 -39.56
CA THR C 281 29.49 29.45 -38.24
C THR C 281 28.52 29.91 -37.16
N VAL C 282 28.53 29.17 -36.05
CA VAL C 282 27.81 29.54 -34.84
C VAL C 282 28.87 29.79 -33.78
N ALA C 283 29.13 31.07 -33.48
CA ALA C 283 30.19 31.48 -32.57
C ALA C 283 31.49 30.74 -32.87
N GLY C 284 31.87 30.73 -34.16
CA GLY C 284 33.12 30.14 -34.59
C GLY C 284 33.05 28.67 -34.95
N PHE C 285 31.98 27.98 -34.58
CA PHE C 285 31.80 26.54 -34.81
C PHE C 285 31.21 26.33 -36.21
N PRO C 286 31.96 25.71 -37.13
CA PRO C 286 31.47 25.61 -38.51
C PRO C 286 30.39 24.56 -38.68
N LEU C 287 29.36 24.91 -39.44
CA LEU C 287 28.25 24.03 -39.77
C LEU C 287 28.46 23.41 -41.14
N ASP C 288 27.68 22.36 -41.42
CA ASP C 288 27.65 21.72 -42.73
C ASP C 288 26.19 21.41 -43.08
N ARG C 289 25.99 20.66 -44.16
CA ARG C 289 24.63 20.36 -44.60
C ARG C 289 23.84 19.62 -43.53
N THR C 290 24.51 18.73 -42.78
CA THR C 290 23.83 17.93 -41.76
C THR C 290 23.62 18.74 -40.47
N LEU C 291 24.69 19.34 -39.95
CA LEU C 291 24.60 20.01 -38.66
C LEU C 291 23.64 21.20 -38.69
N ALA C 292 23.57 21.91 -39.82
CA ALA C 292 22.70 23.08 -39.90
C ALA C 292 21.23 22.71 -39.73
N ARG C 293 20.88 21.46 -40.03
CA ARG C 293 19.53 20.93 -39.82
C ARG C 293 19.42 20.13 -38.54
N LEU C 294 20.48 19.41 -38.17
CA LEU C 294 20.44 18.52 -37.02
C LEU C 294 20.50 19.28 -35.69
N ILE C 295 21.22 20.40 -35.64
CA ILE C 295 21.19 21.22 -34.43
C ILE C 295 19.78 21.71 -34.18
N VAL C 296 19.08 22.11 -35.25
CA VAL C 296 17.71 22.58 -35.12
C VAL C 296 16.78 21.45 -34.67
N VAL C 297 16.88 20.28 -35.33
CA VAL C 297 16.12 19.11 -34.89
C VAL C 297 16.37 18.85 -33.41
N GLY C 298 17.62 18.94 -32.97
CA GLY C 298 17.95 18.66 -31.60
C GLY C 298 17.31 19.64 -30.63
N MET C 299 17.26 20.92 -31.00
CA MET C 299 16.55 21.88 -30.16
C MET C 299 15.06 21.58 -30.13
N LEU C 300 14.48 21.26 -31.29
CA LEU C 300 13.05 21.08 -31.41
C LEU C 300 12.54 19.84 -30.69
N ASN C 301 13.40 19.05 -30.04
CA ASN C 301 12.91 17.96 -29.20
C ASN C 301 12.27 18.48 -27.91
N SER C 302 12.40 19.75 -27.60
CA SER C 302 11.66 20.35 -26.48
C SER C 302 11.37 21.80 -26.80
N ASP C 303 10.09 22.18 -26.78
CA ASP C 303 9.76 23.58 -27.00
C ASP C 303 10.29 24.50 -25.90
N ARG C 304 10.79 23.94 -24.79
CA ARG C 304 11.52 24.77 -23.83
C ARG C 304 12.79 25.34 -24.43
N ASN C 305 13.32 24.71 -25.48
CA ASN C 305 14.58 25.12 -26.08
C ASN C 305 14.42 26.26 -27.09
N TYR C 306 13.18 26.71 -27.34
CA TYR C 306 12.96 27.76 -28.32
C TYR C 306 13.90 28.95 -28.16
N PRO C 307 14.19 29.44 -26.96
CA PRO C 307 15.16 30.55 -26.85
C PRO C 307 16.57 30.16 -27.23
N PHE C 308 17.02 28.95 -26.87
CA PHE C 308 18.32 28.49 -27.33
C PHE C 308 18.36 28.48 -28.85
N LEU C 309 17.26 28.06 -29.48
CA LEU C 309 17.24 28.05 -30.93
C LEU C 309 17.28 29.46 -31.48
N GLY C 310 16.44 30.36 -30.92
CA GLY C 310 16.49 31.75 -31.34
C GLY C 310 17.89 32.32 -31.35
N ASP C 311 18.64 32.07 -30.27
CA ASP C 311 20.02 32.54 -30.17
C ASP C 311 20.90 31.91 -31.26
N ILE C 312 20.73 30.61 -31.49
CA ILE C 312 21.58 29.90 -32.44
C ILE C 312 21.36 30.42 -33.85
N VAL C 313 20.09 30.58 -34.26
CA VAL C 313 19.81 31.00 -35.62
C VAL C 313 20.21 32.46 -35.82
N ARG C 314 19.98 33.30 -34.82
CA ARG C 314 20.46 34.68 -34.89
C ARG C 314 21.97 34.71 -35.10
N SER C 315 22.70 33.94 -34.30
CA SER C 315 24.15 33.86 -34.48
C SER C 315 24.52 33.34 -35.86
N ALA C 316 23.74 32.39 -36.38
CA ALA C 316 24.02 31.85 -37.71
C ALA C 316 23.84 32.93 -38.78
N VAL C 317 22.75 33.69 -38.68
CA VAL C 317 22.44 34.69 -39.70
C VAL C 317 23.27 35.95 -39.51
N HIS C 318 23.47 36.39 -38.26
CA HIS C 318 24.27 37.58 -37.99
C HIS C 318 25.42 37.31 -37.02
N GLY C 319 25.08 37.21 -35.74
CA GLY C 319 25.91 37.77 -34.69
C GLY C 319 26.83 36.83 -33.94
N GLY C 320 28.11 36.92 -34.28
CA GLY C 320 29.19 36.45 -33.44
C GLY C 320 28.85 35.39 -32.41
N GLN C 321 28.58 35.81 -31.17
CA GLN C 321 28.66 34.90 -30.04
C GLN C 321 27.30 34.58 -29.42
N LEU C 322 27.31 33.49 -28.65
CA LEU C 322 26.13 32.92 -28.01
C LEU C 322 26.06 33.36 -26.55
N GLU C 323 24.83 33.48 -26.05
CA GLU C 323 24.63 33.70 -24.63
C GLU C 323 25.16 32.51 -23.84
N PRO C 324 25.67 32.73 -22.62
CA PRO C 324 26.30 31.62 -21.90
C PRO C 324 25.41 30.40 -21.73
N ALA C 325 24.12 30.58 -21.47
CA ALA C 325 23.21 29.45 -21.37
C ALA C 325 23.24 28.60 -22.63
N THR C 326 22.92 29.22 -23.76
CA THR C 326 22.92 28.51 -25.05
C THR C 326 24.24 27.77 -25.27
N MET C 327 25.36 28.38 -24.88
CA MET C 327 26.66 27.77 -25.12
C MET C 327 26.78 26.41 -24.44
N GLY C 328 26.44 26.34 -23.15
CA GLY C 328 26.57 25.09 -22.43
C GLY C 328 25.69 23.99 -23.02
N PHE C 329 24.42 24.30 -23.26
CA PHE C 329 23.50 23.33 -23.84
C PHE C 329 24.03 22.81 -25.17
N LEU C 330 24.29 23.72 -26.11
CA LEU C 330 24.85 23.34 -27.40
C LEU C 330 26.15 22.56 -27.22
N GLY C 331 26.98 22.95 -26.26
CA GLY C 331 28.26 22.31 -26.09
C GLY C 331 28.15 20.86 -25.67
N GLN C 332 27.21 20.57 -24.76
CA GLN C 332 27.03 19.19 -24.32
C GLN C 332 26.39 18.32 -25.39
N MET C 333 25.54 18.91 -26.24
CA MET C 333 24.83 18.12 -27.24
C MET C 333 25.69 17.85 -28.47
N PHE C 334 26.58 18.77 -28.85
CA PHE C 334 27.34 18.65 -30.07
C PHE C 334 28.83 18.93 -29.92
N GLY C 335 29.32 19.18 -28.71
CA GLY C 335 30.74 19.46 -28.53
C GLY C 335 31.63 18.27 -28.82
N GLN C 336 31.08 17.05 -28.67
CA GLN C 336 31.82 15.82 -28.89
C GLN C 336 31.19 15.01 -30.02
N PRO C 337 31.96 14.15 -30.68
CA PRO C 337 31.35 13.29 -31.71
C PRO C 337 30.31 12.36 -31.12
N LYS C 338 29.33 11.99 -31.95
CA LYS C 338 28.32 11.02 -31.52
C LYS C 338 28.99 9.76 -31.01
N GLU C 339 28.44 9.19 -29.94
CA GLU C 339 29.02 8.00 -29.33
C GLU C 339 28.90 6.81 -30.27
N GLU C 340 30.01 6.11 -30.52
CA GLU C 340 30.09 5.27 -31.71
C GLU C 340 29.34 3.95 -31.56
N SER C 341 29.51 3.25 -30.44
CA SER C 341 28.88 1.95 -30.30
C SER C 341 27.36 2.06 -30.42
N GLY C 342 26.77 3.13 -29.88
CA GLY C 342 25.35 3.34 -30.07
C GLY C 342 24.96 3.55 -31.51
N THR C 343 25.84 4.19 -32.29
CA THR C 343 25.60 4.35 -33.72
C THR C 343 25.60 2.99 -34.42
N VAL C 344 26.58 2.14 -34.10
CA VAL C 344 26.66 0.82 -34.71
C VAL C 344 25.44 -0.01 -34.35
N ALA C 345 25.07 0.01 -33.07
CA ALA C 345 23.91 -0.78 -32.64
C ALA C 345 22.63 -0.24 -33.27
N GLN C 346 22.55 1.08 -33.44
CA GLN C 346 21.40 1.69 -34.10
C GLN C 346 21.26 1.17 -35.53
N LEU C 347 22.36 1.20 -36.29
CA LEU C 347 22.40 0.61 -37.61
C LEU C 347 21.98 -0.86 -37.57
N ALA C 348 22.57 -1.62 -36.65
CA ALA C 348 22.40 -3.06 -36.64
C ALA C 348 20.95 -3.45 -36.36
N ILE C 349 20.28 -2.71 -35.46
CA ILE C 349 18.90 -3.02 -35.12
C ILE C 349 17.94 -2.57 -36.22
N LEU C 350 18.15 -1.37 -36.77
CA LEU C 350 17.23 -0.89 -37.79
C LEU C 350 17.27 -1.77 -39.02
N ALA C 351 18.43 -2.38 -39.31
CA ALA C 351 18.55 -3.31 -40.43
C ALA C 351 18.33 -4.76 -40.01
N GLY C 352 18.62 -5.08 -38.74
CA GLY C 352 18.43 -6.43 -38.25
C GLY C 352 16.99 -6.81 -37.97
N ASP C 353 16.12 -5.84 -37.71
CA ASP C 353 14.72 -6.14 -37.48
C ASP C 353 13.97 -6.42 -38.77
N TRP C 354 14.40 -5.80 -39.88
CA TRP C 354 13.51 -5.67 -41.02
C TRP C 354 14.35 -5.36 -42.25
N ALA C 355 14.05 -6.03 -43.36
CA ALA C 355 14.80 -5.85 -44.60
C ALA C 355 14.34 -4.59 -45.32
N TRP C 356 15.26 -3.66 -45.52
CA TRP C 356 14.96 -2.42 -46.22
C TRP C 356 14.92 -2.65 -47.72
N PRO C 357 14.22 -1.78 -48.46
CA PRO C 357 14.33 -1.82 -49.92
C PRO C 357 15.77 -1.58 -50.35
N ARG C 358 16.17 -2.25 -51.43
CA ARG C 358 17.54 -2.15 -51.92
C ARG C 358 17.63 -1.52 -53.31
N ASN C 359 16.52 -1.35 -54.01
CA ASN C 359 16.57 -0.63 -55.28
C ASN C 359 16.91 0.83 -55.01
N VAL C 360 17.97 1.30 -55.65
CA VAL C 360 18.48 2.63 -55.34
C VAL C 360 17.59 3.71 -55.95
N ASP C 361 16.91 3.43 -57.05
CA ASP C 361 16.13 4.48 -57.72
C ASP C 361 14.83 4.79 -56.98
N LEU C 362 14.33 3.86 -56.16
CA LEU C 362 13.24 4.17 -55.25
C LEU C 362 13.63 5.33 -54.33
N TYR C 363 14.85 5.28 -53.79
CA TYR C 363 15.29 6.29 -52.85
C TYR C 363 15.52 7.64 -53.53
N GLU C 364 16.05 7.64 -54.76
CA GLU C 364 16.25 8.92 -55.43
C GLU C 364 14.92 9.60 -55.69
N ARG C 365 13.92 8.83 -56.15
CA ARG C 365 12.60 9.37 -56.41
C ARG C 365 11.96 9.90 -55.13
N ASP C 366 12.12 9.18 -54.02
CA ASP C 366 11.55 9.66 -52.75
C ASP C 366 12.29 10.88 -52.23
N MET C 367 13.63 10.87 -52.32
CA MET C 367 14.42 12.04 -51.90
C MET C 367 13.97 13.29 -52.63
N GLU C 368 13.84 13.21 -53.96
CA GLU C 368 13.48 14.40 -54.74
C GLU C 368 12.10 14.90 -54.34
N ARG C 369 11.15 13.99 -54.17
CA ARG C 369 9.80 14.36 -53.78
C ARG C 369 9.80 15.08 -52.43
N ALA C 370 10.40 14.45 -51.42
CA ALA C 370 10.32 14.99 -50.07
C ALA C 370 11.11 16.27 -49.92
N SER C 371 12.18 16.44 -50.69
CA SER C 371 12.91 17.70 -50.67
C SER C 371 12.06 18.84 -51.21
N ARG C 372 11.07 18.55 -52.05
CA ARG C 372 10.16 19.55 -52.59
C ARG C 372 8.97 19.78 -51.65
N THR C 373 8.34 18.70 -51.17
CA THR C 373 7.15 18.84 -50.35
C THR C 373 7.47 19.26 -48.92
N HIS C 374 8.64 18.87 -48.41
CA HIS C 374 9.01 19.13 -47.01
C HIS C 374 10.51 19.43 -46.96
N PRO C 375 10.91 20.66 -47.32
CA PRO C 375 12.33 20.91 -47.60
C PRO C 375 13.25 20.85 -46.40
N PHE C 376 12.75 20.99 -45.18
CA PHE C 376 13.62 21.09 -44.02
C PHE C 376 14.46 19.82 -43.83
N THR C 377 13.80 18.65 -43.81
CA THR C 377 14.50 17.39 -43.63
C THR C 377 14.10 16.32 -44.66
N GLY C 378 13.34 16.68 -45.69
CA GLY C 378 12.82 15.66 -46.59
C GLY C 378 13.90 14.86 -47.28
N ALA C 379 14.95 15.53 -47.76
CA ALA C 379 16.01 14.83 -48.48
C ALA C 379 16.81 13.93 -47.55
N ALA C 380 17.10 14.42 -46.34
CA ALA C 380 17.89 13.66 -45.39
C ALA C 380 17.16 12.42 -44.90
N MET C 381 15.83 12.48 -44.85
CA MET C 381 15.00 11.41 -44.29
CA MET C 381 15.06 11.39 -44.29
C MET C 381 14.56 10.41 -45.33
N ALA C 382 14.23 10.87 -46.54
CA ALA C 382 13.64 10.02 -47.57
C ALA C 382 14.68 9.38 -48.49
N GLY C 383 15.94 9.77 -48.40
CA GLY C 383 16.96 9.30 -49.31
C GLY C 383 17.59 7.98 -48.89
N ILE C 384 18.65 7.61 -49.61
CA ILE C 384 19.30 6.33 -49.42
C ILE C 384 19.96 6.26 -48.05
N LYS C 385 19.84 5.10 -47.40
CA LYS C 385 20.41 4.89 -46.07
C LYS C 385 21.13 3.55 -46.01
N ALA C 386 22.11 3.47 -45.11
CA ALA C 386 22.97 2.29 -45.01
C ALA C 386 22.24 0.96 -44.96
N PRO C 387 21.10 0.82 -44.26
CA PRO C 387 20.41 -0.49 -44.26
C PRO C 387 20.00 -0.99 -45.63
N ALA C 388 19.95 -0.12 -46.64
CA ALA C 388 19.68 -0.57 -48.01
C ALA C 388 20.82 -1.43 -48.55
N PHE C 389 21.97 -1.42 -47.89
CA PHE C 389 23.15 -2.15 -48.33
C PHE C 389 23.57 -3.22 -47.32
N TRP C 390 22.63 -3.70 -46.52
CA TRP C 390 23.00 -4.46 -45.34
C TRP C 390 23.48 -5.87 -45.74
N PRO C 391 24.51 -6.40 -45.06
CA PRO C 391 25.07 -7.69 -45.46
C PRO C 391 24.37 -8.91 -44.89
N VAL C 392 23.43 -8.73 -43.96
CA VAL C 392 22.70 -9.86 -43.40
C VAL C 392 21.21 -9.59 -43.45
N PRO C 393 20.39 -10.63 -43.53
CA PRO C 393 18.95 -10.45 -43.46
C PRO C 393 18.47 -10.53 -42.03
N PRO C 394 17.25 -10.10 -41.77
CA PRO C 394 16.68 -10.31 -40.44
C PRO C 394 16.56 -11.80 -40.15
N SER C 395 16.91 -12.17 -38.92
CA SER C 395 16.83 -13.58 -38.50
C SER C 395 15.40 -14.04 -38.27
N GLU C 396 14.48 -13.12 -37.98
CA GLU C 396 13.10 -13.46 -37.66
C GLU C 396 12.17 -12.47 -38.34
N PRO C 397 10.91 -12.84 -38.56
CA PRO C 397 9.90 -11.85 -38.94
C PRO C 397 9.70 -10.82 -37.83
N VAL C 398 9.22 -9.64 -38.25
CA VAL C 398 8.86 -8.60 -37.29
C VAL C 398 7.74 -9.09 -36.40
N THR C 399 7.81 -8.70 -35.12
CA THR C 399 6.75 -9.00 -34.18
C THR C 399 5.42 -8.43 -34.68
N ARG C 400 4.38 -9.26 -34.59
CA ARG C 400 3.03 -8.87 -34.99
C ARG C 400 2.38 -8.25 -33.75
N LEU C 401 2.36 -6.92 -33.68
CA LEU C 401 1.71 -6.25 -32.57
C LEU C 401 0.20 -6.24 -32.78
N GLY C 402 -0.56 -6.43 -31.72
CA GLY C 402 -2.00 -6.44 -31.87
C GLY C 402 -2.78 -6.53 -30.57
N PRO C 403 -4.11 -6.48 -30.70
CA PRO C 403 -4.97 -6.47 -29.51
C PRO C 403 -4.92 -7.73 -28.67
N ASP C 404 -4.32 -8.81 -29.17
CA ASP C 404 -4.09 -10.00 -28.38
C ASP C 404 -2.91 -9.85 -27.42
N ASN C 405 -2.33 -8.67 -27.35
CA ASN C 405 -1.26 -8.40 -26.40
C ASN C 405 -1.66 -8.85 -24.99
N PRO C 406 -0.87 -9.69 -24.33
CA PRO C 406 -1.27 -10.24 -23.03
C PRO C 406 -0.98 -9.36 -21.81
N ALA C 407 -0.45 -8.16 -21.99
CA ALA C 407 -0.21 -7.31 -20.84
C ALA C 407 -1.53 -6.91 -20.19
N ASP C 408 -1.52 -6.86 -18.85
CA ASP C 408 -2.71 -6.45 -18.11
C ASP C 408 -3.17 -5.05 -18.51
N SER C 409 -2.24 -4.10 -18.55
CA SER C 409 -2.56 -2.72 -18.88
C SER C 409 -1.31 -2.05 -19.43
N ILE C 410 -1.52 -1.07 -20.29
CA ILE C 410 -0.44 -0.25 -20.86
C ILE C 410 -0.94 1.18 -20.90
N LEU C 411 -0.18 2.10 -20.28
CA LEU C 411 -0.49 3.52 -20.32
C LEU C 411 0.43 4.22 -21.31
N LEU C 412 -0.17 4.86 -22.32
CA LEU C 412 0.56 5.61 -23.32
C LEU C 412 0.50 7.10 -22.99
N VAL C 413 1.66 7.76 -23.02
CA VAL C 413 1.79 9.19 -22.71
C VAL C 413 2.38 9.86 -23.95
N GLN C 414 1.78 10.99 -24.36
CA GLN C 414 2.18 11.62 -25.61
C GLN C 414 1.92 13.11 -25.56
N ALA C 415 2.94 13.91 -25.88
CA ALA C 415 2.75 15.34 -26.13
C ALA C 415 2.10 15.54 -27.49
N ALA C 416 1.06 16.38 -27.54
CA ALA C 416 0.24 16.49 -28.74
C ALA C 416 1.03 17.01 -29.93
N ASP C 417 2.08 17.81 -29.71
CA ASP C 417 2.82 18.42 -30.80
C ASP C 417 4.26 17.93 -30.89
N ASP C 418 4.59 16.81 -30.25
CA ASP C 418 5.93 16.25 -30.36
C ASP C 418 6.28 16.01 -31.82
N MET C 419 7.58 16.09 -32.12
CA MET C 419 8.08 16.06 -33.49
C MET C 419 8.46 14.66 -33.94
N SER C 420 9.47 14.06 -33.29
CA SER C 420 10.04 12.83 -33.80
C SER C 420 9.14 11.63 -33.55
N THR C 421 8.37 11.65 -32.46
CA THR C 421 7.31 10.67 -32.23
C THR C 421 5.98 11.42 -32.15
N PRO C 422 5.22 11.49 -33.24
CA PRO C 422 4.05 12.38 -33.29
C PRO C 422 2.78 11.75 -32.73
N LEU C 423 1.79 12.61 -32.49
CA LEU C 423 0.54 12.16 -31.91
C LEU C 423 -0.08 11.03 -32.71
N ALA C 424 -0.05 11.15 -34.05
CA ALA C 424 -0.62 10.10 -34.88
C ALA C 424 0.01 8.75 -34.61
N ALA C 425 1.32 8.74 -34.30
CA ALA C 425 1.99 7.49 -33.97
C ALA C 425 1.44 6.90 -32.68
N ALA C 426 1.26 7.73 -31.65
CA ALA C 426 0.64 7.25 -30.41
C ALA C 426 -0.77 6.74 -30.64
N ARG C 427 -1.57 7.46 -31.44
CA ARG C 427 -2.94 7.02 -31.69
C ARG C 427 -2.95 5.67 -32.39
N ARG C 428 -2.01 5.45 -33.31
CA ARG C 428 -1.92 4.17 -34.00
C ARG C 428 -1.52 3.06 -33.03
N MET C 429 -0.56 3.31 -32.14
CA MET C 429 -0.20 2.32 -31.13
C MET C 429 -1.39 2.01 -30.23
N ARG C 430 -2.20 3.02 -29.95
CA ARG C 430 -3.42 2.82 -29.18
C ARG C 430 -4.41 1.93 -29.93
N GLU C 431 -4.60 2.19 -31.23
CA GLU C 431 -5.45 1.34 -32.06
C GLU C 431 -4.98 -0.10 -32.03
N VAL C 432 -3.68 -0.31 -32.21
CA VAL C 432 -3.12 -1.64 -32.43
C VAL C 432 -3.20 -2.48 -31.16
N LEU C 433 -2.86 -1.88 -30.01
CA LEU C 433 -2.87 -2.63 -28.76
C LEU C 433 -4.27 -2.85 -28.22
N GLY C 434 -5.24 -2.03 -28.62
CA GLY C 434 -6.63 -2.25 -28.23
C GLY C 434 -6.90 -1.87 -26.79
N ASP C 435 -7.98 -2.45 -26.24
CA ASP C 435 -8.48 -2.07 -24.92
C ASP C 435 -7.48 -2.32 -23.80
N THR C 436 -6.37 -3.00 -24.06
CA THR C 436 -5.38 -3.16 -23.00
C THR C 436 -4.72 -1.82 -22.68
N SER C 437 -4.75 -0.87 -23.62
CA SER C 437 -4.00 0.36 -23.51
C SER C 437 -4.92 1.57 -23.34
N ARG C 438 -4.35 2.64 -22.79
CA ARG C 438 -5.00 3.95 -22.68
C ARG C 438 -4.01 5.03 -23.08
N LEU C 439 -4.51 6.06 -23.76
CA LEU C 439 -3.67 7.16 -24.22
C LEU C 439 -3.98 8.44 -23.48
N LEU C 440 -2.99 8.96 -22.75
CA LEU C 440 -2.99 10.31 -22.24
C LEU C 440 -2.32 11.25 -23.24
N THR C 441 -2.99 12.33 -23.61
CA THR C 441 -2.44 13.37 -24.47
C THR C 441 -2.23 14.63 -23.65
N VAL C 442 -0.99 15.14 -23.65
CA VAL C 442 -0.67 16.42 -23.02
C VAL C 442 -0.78 17.50 -24.09
N ALA C 443 -1.73 18.40 -23.93
CA ALA C 443 -2.06 19.38 -24.95
C ALA C 443 -1.02 20.52 -25.00
N ASP C 444 -0.99 21.19 -26.15
CA ASP C 444 -0.24 22.42 -26.32
C ASP C 444 1.21 22.25 -25.88
N THR C 445 1.84 21.19 -26.38
CA THR C 445 3.16 20.80 -25.91
C THR C 445 3.89 20.11 -27.05
N ALA C 446 5.04 20.68 -27.44
CA ALA C 446 5.94 20.07 -28.41
C ALA C 446 7.20 19.69 -27.62
N HIS C 447 7.17 18.51 -27.01
CA HIS C 447 8.25 18.06 -26.15
C HIS C 447 8.39 16.55 -26.28
N HIS C 448 9.62 16.08 -26.27
CA HIS C 448 9.95 14.66 -26.37
C HIS C 448 10.29 14.15 -24.97
N ARG C 449 9.55 13.14 -24.51
CA ARG C 449 9.71 12.54 -23.18
C ARG C 449 9.01 13.39 -22.13
N VAL C 450 7.69 13.22 -22.03
CA VAL C 450 6.88 14.12 -21.21
C VAL C 450 7.08 13.82 -19.72
N PHE C 451 6.86 12.58 -19.31
CA PHE C 451 6.98 12.20 -17.91
C PHE C 451 8.37 11.62 -17.64
N PRO C 452 9.11 12.10 -16.63
CA PRO C 452 8.82 13.23 -15.73
C PRO C 452 9.41 14.55 -16.18
N PHE C 453 10.06 14.56 -17.34
CA PHE C 453 11.05 15.59 -17.64
C PHE C 453 10.41 16.96 -17.84
N TYR C 454 9.23 17.01 -18.45
CA TYR C 454 8.57 18.29 -18.73
C TYR C 454 7.95 18.91 -17.49
N GLY C 455 7.76 18.14 -16.43
CA GLY C 455 7.05 18.62 -15.26
C GLY C 455 5.66 19.13 -15.57
N ASN C 456 4.89 18.38 -16.36
CA ASN C 456 3.49 18.70 -16.60
C ASN C 456 2.69 18.16 -15.42
N PRO C 457 2.08 19.02 -14.59
CA PRO C 457 1.43 18.50 -13.38
C PRO C 457 0.37 17.45 -13.67
N GLY C 458 -0.37 17.59 -14.78
CA GLY C 458 -1.43 16.65 -15.07
C GLY C 458 -0.91 15.27 -15.44
N ALA C 459 0.17 15.21 -16.21
CA ALA C 459 0.77 13.92 -16.55
C ALA C 459 1.53 13.34 -15.37
N ASP C 460 2.25 14.18 -14.61
CA ASP C 460 2.96 13.68 -13.44
C ASP C 460 1.99 13.07 -12.43
N GLU C 461 0.79 13.65 -12.32
CA GLU C 461 -0.20 13.14 -11.38
C GLU C 461 -0.82 11.85 -11.89
N LEU C 462 -1.20 11.82 -13.17
CA LEU C 462 -1.88 10.66 -13.73
C LEU C 462 -0.95 9.45 -13.82
N VAL C 463 0.29 9.67 -14.26
CA VAL C 463 1.22 8.55 -14.39
C VAL C 463 1.62 8.04 -13.01
N THR C 464 1.85 8.94 -12.06
CA THR C 464 2.18 8.53 -10.71
C THR C 464 1.06 7.68 -10.11
N ALA C 465 -0.20 8.08 -10.33
CA ALA C 465 -1.32 7.30 -9.80
C ALA C 465 -1.36 5.89 -10.39
N TYR C 466 -0.91 5.75 -11.63
CA TYR C 466 -0.87 4.42 -12.24
C TYR C 466 0.28 3.60 -11.67
N LEU C 467 1.47 4.20 -11.55
CA LEU C 467 2.62 3.44 -11.07
C LEU C 467 2.50 3.08 -9.60
N VAL C 468 1.98 3.99 -8.79
CA VAL C 468 1.92 3.77 -7.34
C VAL C 468 0.65 3.04 -6.95
N ASP C 469 -0.51 3.53 -7.41
CA ASP C 469 -1.80 3.05 -6.94
C ASP C 469 -2.53 2.18 -7.95
N GLY C 470 -2.00 2.02 -9.16
CA GLY C 470 -2.66 1.20 -10.16
C GLY C 470 -3.88 1.83 -10.80
N GLU C 471 -4.03 3.15 -10.72
CA GLU C 471 -5.19 3.84 -11.25
C GLU C 471 -5.04 4.01 -12.76
N LEU C 472 -5.90 3.34 -13.53
CA LEU C 472 -5.91 3.44 -14.98
C LEU C 472 -7.17 4.15 -15.44
N PRO C 473 -7.08 5.23 -16.23
CA PRO C 473 -8.30 5.83 -16.79
C PRO C 473 -9.15 4.78 -17.48
N ALA C 474 -10.46 4.96 -17.38
CA ALA C 474 -11.38 4.08 -18.09
C ALA C 474 -11.41 4.36 -19.59
N ALA C 475 -10.82 5.47 -20.03
CA ALA C 475 -10.76 5.80 -21.45
C ALA C 475 -9.57 6.74 -21.65
N ASP C 476 -9.41 7.21 -22.88
CA ASP C 476 -8.33 8.14 -23.18
C ASP C 476 -8.58 9.47 -22.47
N VAL C 477 -7.51 10.20 -22.19
CA VAL C 477 -7.59 11.42 -21.39
C VAL C 477 -6.65 12.46 -21.98
N THR C 478 -7.07 13.72 -21.93
CA THR C 478 -6.21 14.85 -22.24
C THR C 478 -5.95 15.65 -20.97
N ARG C 479 -4.74 16.21 -20.88
CA ARG C 479 -4.38 17.11 -19.80
C ARG C 479 -3.75 18.38 -20.37
N PRO C 480 -4.06 19.54 -19.82
CA PRO C 480 -3.57 20.80 -20.40
C PRO C 480 -2.14 21.11 -20.01
N ASN C 481 -1.56 22.05 -20.75
CA ASN C 481 -0.25 22.59 -20.42
C ASN C 481 -0.45 23.93 -19.71
N PRO C 482 -0.19 24.03 -18.40
CA PRO C 482 -0.36 25.34 -17.74
C PRO C 482 0.49 26.44 -18.37
N ALA C 483 1.76 26.16 -18.63
CA ALA C 483 2.70 27.16 -19.14
C ALA C 483 3.10 26.86 -20.58
N PRO C 484 2.22 27.09 -21.55
CA PRO C 484 2.59 26.82 -22.94
C PRO C 484 3.63 27.80 -23.45
N MET C 485 4.34 27.39 -24.50
CA MET C 485 5.32 28.26 -25.14
C MET C 485 4.66 29.20 -26.15
N VAL C 486 3.60 28.75 -26.80
CA VAL C 486 2.85 29.61 -27.72
C VAL C 486 1.42 29.70 -27.25
N PRO C 487 0.72 30.82 -27.51
CA PRO C 487 -0.69 30.92 -27.13
C PRO C 487 -1.50 29.74 -27.63
N THR C 488 -2.54 29.39 -26.88
CA THR C 488 -3.38 28.25 -27.21
C THR C 488 -4.14 28.50 -28.51
N PRO D 8 15.52 -27.81 -14.40
CA PRO D 8 14.28 -28.31 -15.00
C PRO D 8 13.92 -27.58 -16.28
N HIS D 9 13.16 -28.24 -17.16
CA HIS D 9 12.80 -27.68 -18.46
C HIS D 9 11.29 -27.62 -18.59
N LEU D 10 10.79 -26.52 -19.15
CA LEU D 10 9.37 -26.36 -19.40
C LEU D 10 8.97 -26.79 -20.80
N LEU D 11 9.92 -26.77 -21.75
CA LEU D 11 9.64 -27.12 -23.14
C LEU D 11 8.53 -26.24 -23.69
N THR D 12 8.57 -24.95 -23.33
CA THR D 12 7.54 -24.01 -23.75
C THR D 12 7.47 -23.90 -25.27
N ASP D 13 8.62 -23.92 -25.95
CA ASP D 13 8.63 -23.77 -27.41
C ASP D 13 7.75 -24.82 -28.08
N ALA D 14 7.88 -26.07 -27.64
CA ALA D 14 7.04 -27.14 -28.18
C ALA D 14 5.57 -26.93 -27.84
N VAL D 15 5.29 -26.57 -26.58
CA VAL D 15 3.91 -26.31 -26.18
C VAL D 15 3.27 -25.29 -27.11
N ARG D 16 3.95 -24.15 -27.30
CA ARG D 16 3.37 -23.07 -28.09
C ARG D 16 3.18 -23.48 -29.54
N ALA D 17 4.08 -24.33 -30.07
CA ALA D 17 3.93 -24.82 -31.43
C ALA D 17 2.60 -25.54 -31.63
N PHE D 18 2.09 -26.23 -30.61
CA PHE D 18 0.84 -26.96 -30.73
C PHE D 18 -0.37 -26.17 -30.25
N GLN D 19 -0.17 -25.01 -29.64
CA GLN D 19 -1.30 -24.16 -29.26
C GLN D 19 -2.02 -23.57 -30.46
N ALA D 20 -1.39 -23.59 -31.63
CA ALA D 20 -1.94 -22.92 -32.80
C ALA D 20 -3.09 -23.68 -33.45
N GLN D 21 -3.60 -24.73 -32.82
CA GLN D 21 -4.67 -25.53 -33.38
C GLN D 21 -6.03 -24.86 -33.22
N SER D 22 -6.96 -25.26 -34.08
CA SER D 22 -8.35 -24.84 -34.01
C SER D 22 -9.24 -26.08 -34.00
N PRO D 23 -9.67 -26.55 -32.82
CA PRO D 23 -10.42 -27.81 -32.78
C PRO D 23 -11.83 -27.67 -33.32
N VAL D 24 -12.29 -28.73 -33.99
CA VAL D 24 -13.65 -28.82 -34.51
C VAL D 24 -14.54 -29.41 -33.42
N TRP D 25 -15.53 -28.64 -32.97
CA TRP D 25 -16.46 -29.10 -31.95
C TRP D 25 -17.75 -29.62 -32.57
N ARG D 26 -18.34 -30.63 -31.93
CA ARG D 26 -19.59 -31.23 -32.35
C ARG D 26 -20.38 -31.64 -31.12
N PRO D 27 -21.70 -31.83 -31.26
CA PRO D 27 -22.47 -32.47 -30.19
C PRO D 27 -21.90 -33.84 -29.83
N ALA D 28 -21.74 -34.08 -28.54
CA ALA D 28 -21.18 -35.34 -28.04
C ALA D 28 -22.29 -36.38 -28.01
N ASP D 29 -22.36 -37.20 -29.06
CA ASP D 29 -23.50 -38.08 -29.28
C ASP D 29 -23.15 -39.56 -29.38
N ASP D 30 -21.88 -39.93 -29.26
CA ASP D 30 -21.48 -41.33 -29.30
C ASP D 30 -21.30 -41.94 -27.91
N GLU D 31 -21.65 -41.19 -26.86
CA GLU D 31 -21.59 -41.70 -25.50
C GLU D 31 -22.71 -41.04 -24.70
N GLU D 32 -23.66 -41.83 -24.21
CA GLU D 32 -24.86 -41.24 -23.62
C GLU D 32 -24.53 -40.42 -22.38
N ALA D 33 -23.45 -40.77 -21.68
CA ALA D 33 -23.08 -40.05 -20.46
C ALA D 33 -22.64 -38.62 -20.77
N LEU D 34 -22.27 -38.33 -22.02
CA LEU D 34 -21.82 -37.01 -22.42
C LEU D 34 -22.88 -36.24 -23.20
N ARG D 35 -24.14 -36.65 -23.14
CA ARG D 35 -25.16 -35.98 -23.92
C ARG D 35 -25.52 -34.66 -23.25
N GLY D 36 -25.61 -33.60 -24.06
CA GLY D 36 -25.67 -32.25 -23.57
C GLY D 36 -24.36 -31.49 -23.70
N LEU D 37 -23.29 -32.17 -24.13
CA LEU D 37 -21.95 -31.60 -24.17
C LEU D 37 -21.43 -31.53 -25.60
N GLU D 38 -20.53 -30.58 -25.83
CA GLU D 38 -19.73 -30.57 -27.05
C GLU D 38 -18.54 -31.53 -26.88
N ALA D 39 -18.09 -32.10 -28.00
CA ALA D 39 -16.89 -32.93 -28.01
C ALA D 39 -15.94 -32.43 -29.10
N ALA D 40 -14.65 -32.75 -28.93
CA ALA D 40 -13.64 -32.36 -29.90
C ALA D 40 -12.34 -33.11 -29.60
N GLU D 41 -11.48 -33.16 -30.62
CA GLU D 41 -10.16 -33.76 -30.52
C GLU D 41 -9.08 -32.70 -30.66
N LEU D 42 -7.96 -32.94 -29.98
CA LEU D 42 -6.82 -32.06 -29.99
C LEU D 42 -5.55 -32.91 -30.08
N THR D 43 -4.56 -32.42 -30.83
CA THR D 43 -3.32 -33.15 -31.02
C THR D 43 -2.26 -32.62 -30.07
N VAL D 44 -1.55 -33.53 -29.42
CA VAL D 44 -0.39 -33.17 -28.61
C VAL D 44 0.76 -34.07 -29.04
N PRO D 45 2.00 -33.62 -28.83
CA PRO D 45 3.14 -34.50 -29.11
C PRO D 45 3.29 -35.54 -28.03
N LEU D 46 3.63 -36.76 -28.45
CA LEU D 46 4.02 -37.79 -27.49
C LEU D 46 5.11 -37.27 -26.56
N ASP D 47 6.15 -36.68 -27.15
CA ASP D 47 7.33 -36.20 -26.47
C ASP D 47 7.47 -34.73 -26.79
N TYR D 48 7.38 -33.87 -25.77
CA TYR D 48 7.55 -32.45 -26.03
C TYR D 48 8.98 -32.08 -26.37
N ARG D 49 9.94 -32.98 -26.15
CA ARG D 49 11.28 -32.80 -26.70
C ARG D 49 11.34 -33.13 -28.18
N ALA D 50 10.27 -33.68 -28.77
CA ALA D 50 10.24 -34.09 -30.17
C ALA D 50 8.93 -33.65 -30.80
N PRO D 51 8.71 -32.34 -30.92
CA PRO D 51 7.41 -31.85 -31.42
C PRO D 51 7.13 -32.20 -32.88
N ALA D 52 8.15 -32.43 -33.69
CA ALA D 52 7.94 -32.86 -35.07
C ALA D 52 7.68 -34.35 -35.20
N GLY D 53 7.73 -35.09 -34.10
CA GLY D 53 7.64 -36.53 -34.12
C GLY D 53 6.23 -37.07 -33.94
N ARG D 54 6.17 -38.21 -33.28
CA ARG D 54 4.90 -38.89 -33.02
C ARG D 54 3.97 -38.02 -32.19
N THR D 55 2.68 -38.07 -32.51
CA THR D 55 1.66 -37.35 -31.77
C THR D 55 0.57 -38.30 -31.31
N LEU D 56 -0.32 -37.79 -30.46
CA LEU D 56 -1.53 -38.50 -30.09
C LEU D 56 -2.66 -37.49 -29.97
N THR D 57 -3.87 -37.99 -29.73
CA THR D 57 -5.06 -37.16 -29.66
C THR D 57 -5.67 -37.22 -28.28
N LEU D 58 -6.16 -36.08 -27.81
CA LEU D 58 -6.93 -35.99 -26.58
C LEU D 58 -8.39 -35.72 -26.92
N GLY D 59 -9.29 -36.30 -26.13
CA GLY D 59 -10.71 -36.04 -26.25
C GLY D 59 -11.15 -35.02 -25.21
N LEU D 60 -11.71 -33.91 -25.71
CA LEU D 60 -12.24 -32.84 -24.88
C LEU D 60 -13.77 -32.85 -24.91
N VAL D 61 -14.37 -32.31 -23.85
CA VAL D 61 -15.78 -31.92 -23.85
C VAL D 61 -15.90 -30.51 -23.31
N ARG D 62 -17.04 -29.87 -23.61
CA ARG D 62 -17.29 -28.50 -23.19
C ARG D 62 -18.77 -28.27 -22.92
N HIS D 63 -19.05 -27.47 -21.90
CA HIS D 63 -20.36 -26.88 -21.66
C HIS D 63 -20.20 -25.38 -21.64
N ARG D 64 -20.65 -24.70 -22.70
CA ARG D 64 -20.51 -23.26 -22.80
C ARG D 64 -21.19 -22.55 -21.63
N ALA D 65 -20.67 -21.37 -21.29
CA ALA D 65 -21.37 -20.46 -20.41
C ALA D 65 -22.81 -20.28 -20.85
N THR D 66 -23.75 -20.45 -19.92
CA THR D 66 -25.17 -20.34 -20.27
C THR D 66 -25.61 -18.90 -20.46
N ALA D 67 -24.88 -17.92 -19.91
CA ALA D 67 -25.19 -16.50 -20.09
C ALA D 67 -24.04 -15.84 -20.83
N PRO D 68 -24.03 -15.86 -22.18
CA PRO D 68 -22.91 -15.28 -22.93
C PRO D 68 -22.55 -13.87 -22.49
N GLU D 69 -23.48 -13.13 -21.86
CA GLU D 69 -23.18 -11.75 -21.45
C GLU D 69 -22.37 -11.67 -20.17
N ARG D 70 -22.54 -12.62 -19.25
CA ARG D 70 -21.75 -12.66 -18.02
C ARG D 70 -20.55 -13.59 -18.14
N ARG D 71 -20.30 -14.16 -19.32
CA ARG D 71 -19.19 -15.08 -19.53
C ARG D 71 -17.88 -14.44 -19.09
N ARG D 72 -17.18 -15.11 -18.17
CA ARG D 72 -15.93 -14.61 -17.63
C ARG D 72 -14.70 -15.34 -18.18
N GLY D 73 -14.84 -16.60 -18.59
CA GLY D 73 -13.70 -17.33 -19.14
C GLY D 73 -13.99 -18.82 -19.20
N VAL D 74 -12.92 -19.61 -19.13
CA VAL D 74 -12.99 -21.06 -19.15
C VAL D 74 -12.64 -21.59 -17.78
N LEU D 75 -13.44 -22.53 -17.29
CA LEU D 75 -13.12 -23.31 -16.10
C LEU D 75 -12.68 -24.69 -16.56
N LEU D 76 -11.38 -24.96 -16.48
CA LEU D 76 -10.86 -26.25 -16.90
C LEU D 76 -10.93 -27.23 -15.74
N VAL D 77 -11.51 -28.39 -15.99
CA VAL D 77 -11.67 -29.45 -14.99
C VAL D 77 -10.46 -30.37 -15.07
N GLY D 78 -9.77 -30.56 -13.95
CA GLY D 78 -8.69 -31.53 -13.88
C GLY D 78 -9.12 -32.86 -14.46
N PRO D 79 -8.24 -33.53 -15.22
CA PRO D 79 -8.67 -34.69 -16.03
C PRO D 79 -8.89 -35.96 -15.20
N GLY D 80 -9.88 -35.91 -14.32
CA GLY D 80 -10.24 -37.03 -13.47
C GLY D 80 -10.00 -36.71 -12.01
N ASP D 81 -10.77 -37.35 -11.14
CA ASP D 81 -10.56 -37.16 -9.72
C ASP D 81 -9.46 -38.12 -9.28
N ASP D 82 -9.82 -39.32 -8.89
CA ASP D 82 -8.83 -40.31 -8.52
C ASP D 82 -8.10 -40.78 -9.77
N LEU D 83 -6.79 -40.94 -9.66
CA LEU D 83 -5.98 -41.40 -10.78
C LEU D 83 -6.51 -42.74 -11.26
N GLY D 84 -6.88 -42.79 -12.53
CA GLY D 84 -7.56 -43.93 -13.12
C GLY D 84 -8.91 -43.61 -13.71
N ASN D 85 -9.53 -42.52 -13.27
CA ASN D 85 -10.86 -42.11 -13.71
C ASN D 85 -10.77 -41.10 -14.84
N ARG D 86 -11.87 -40.98 -15.58
CA ARG D 86 -11.90 -40.16 -16.79
C ARG D 86 -12.33 -38.73 -16.48
N GLY D 87 -11.57 -37.77 -17.01
CA GLY D 87 -11.92 -36.36 -16.80
C GLY D 87 -13.21 -35.97 -17.47
N THR D 88 -13.49 -36.52 -18.66
CA THR D 88 -14.72 -36.15 -19.37
C THR D 88 -15.94 -36.55 -18.56
N LEU D 89 -15.93 -37.74 -17.96
CA LEU D 89 -17.04 -38.15 -17.09
C LEU D 89 -17.12 -37.26 -15.86
N LEU D 90 -15.98 -36.87 -15.30
CA LEU D 90 -16.00 -35.93 -14.19
C LEU D 90 -16.67 -34.63 -14.61
N GLY D 91 -16.32 -34.13 -15.80
CA GLY D 91 -16.95 -32.91 -16.29
C GLY D 91 -18.45 -33.03 -16.41
N ALA D 92 -18.92 -34.18 -16.93
CA ALA D 92 -20.36 -34.38 -17.07
C ALA D 92 -21.05 -34.41 -15.72
N GLN D 93 -20.40 -35.00 -14.71
CA GLN D 93 -20.92 -34.92 -13.35
C GLN D 93 -21.00 -33.48 -12.88
N LEU D 94 -19.94 -32.70 -13.13
CA LEU D 94 -19.89 -31.34 -12.62
C LEU D 94 -20.95 -30.47 -13.27
N VAL D 95 -21.21 -30.66 -14.56
CA VAL D 95 -22.29 -29.92 -15.22
C VAL D 95 -23.61 -30.13 -14.48
N GLY D 96 -23.85 -31.36 -14.03
CA GLY D 96 -25.10 -31.66 -13.33
C GLY D 96 -25.25 -30.96 -11.98
N GLN D 97 -24.13 -30.60 -11.34
CA GLN D 97 -24.18 -30.25 -9.92
C GLN D 97 -23.45 -28.96 -9.52
N LEU D 98 -22.78 -28.28 -10.45
CA LEU D 98 -22.14 -27.01 -10.11
C LEU D 98 -23.19 -25.93 -9.86
N PRO D 99 -22.88 -24.92 -9.04
CA PRO D 99 -23.83 -23.82 -8.84
C PRO D 99 -24.18 -23.13 -10.16
N LYS D 100 -25.42 -22.63 -10.23
CA LYS D 100 -25.92 -22.06 -11.48
C LYS D 100 -25.05 -20.91 -11.96
N GLU D 101 -24.61 -20.05 -11.05
CA GLU D 101 -23.85 -18.88 -11.48
C GLU D 101 -22.45 -19.24 -11.95
N VAL D 102 -21.93 -20.39 -11.53
CA VAL D 102 -20.68 -20.87 -12.12
C VAL D 102 -20.93 -21.37 -13.54
N LEU D 103 -22.01 -22.14 -13.73
CA LEU D 103 -22.36 -22.60 -15.07
C LEU D 103 -22.74 -21.46 -16.00
N ALA D 104 -23.10 -20.29 -15.44
CA ALA D 104 -23.47 -19.15 -16.27
C ALA D 104 -22.27 -18.34 -16.71
N GLN D 105 -21.26 -18.21 -15.84
CA GLN D 105 -20.13 -17.33 -16.09
C GLN D 105 -18.91 -18.02 -16.69
N TYR D 106 -18.90 -19.35 -16.76
CA TYR D 106 -17.74 -20.09 -17.22
C TYR D 106 -18.11 -21.11 -18.29
N ASP D 107 -17.26 -21.23 -19.31
CA ASP D 107 -17.24 -22.44 -20.13
C ASP D 107 -16.57 -23.56 -19.34
N VAL D 108 -17.29 -24.64 -19.08
CA VAL D 108 -16.71 -25.79 -18.41
C VAL D 108 -16.13 -26.71 -19.47
N VAL D 109 -14.81 -26.89 -19.44
CA VAL D 109 -14.09 -27.76 -20.35
C VAL D 109 -13.46 -28.88 -19.54
N ALA D 110 -13.63 -30.11 -20.01
CA ALA D 110 -13.02 -31.29 -19.40
C ALA D 110 -12.32 -32.11 -20.47
N PHE D 111 -11.52 -33.10 -20.05
CA PHE D 111 -10.82 -33.93 -21.00
C PHE D 111 -10.30 -35.17 -20.29
N ASP D 112 -10.08 -36.22 -21.07
CA ASP D 112 -9.37 -37.42 -20.60
C ASP D 112 -7.88 -37.22 -20.84
N HIS D 113 -7.06 -37.46 -19.81
CA HIS D 113 -5.64 -37.24 -20.03
C HIS D 113 -5.06 -38.33 -20.93
N ARG D 114 -3.84 -38.08 -21.40
CA ARG D 114 -3.19 -38.95 -22.36
C ARG D 114 -3.21 -40.41 -21.88
N PHE D 115 -3.55 -41.31 -22.81
CA PHE D 115 -3.37 -42.76 -22.72
C PHE D 115 -4.56 -43.47 -22.09
N MET D 116 -5.70 -42.80 -21.95
CA MET D 116 -6.87 -43.46 -21.39
CA MET D 116 -6.87 -43.45 -21.38
C MET D 116 -8.14 -42.86 -21.97
N GLY D 117 -9.23 -43.62 -21.82
CA GLY D 117 -10.55 -43.20 -22.24
C GLY D 117 -10.65 -42.75 -23.68
N ARG D 118 -11.04 -41.50 -23.88
CA ARG D 118 -11.18 -40.91 -25.20
C ARG D 118 -9.88 -40.30 -25.73
N SER D 119 -8.75 -40.52 -25.06
CA SER D 119 -7.50 -39.84 -25.39
C SER D 119 -6.40 -40.88 -25.65
N SER D 120 -6.46 -41.50 -26.82
CA SER D 120 -5.45 -42.46 -27.27
C SER D 120 -5.24 -43.60 -26.26
N PRO D 121 -6.30 -44.33 -25.92
CA PRO D 121 -6.21 -45.32 -24.84
C PRO D 121 -5.19 -46.42 -25.15
N VAL D 122 -4.53 -46.87 -24.08
CA VAL D 122 -3.56 -47.95 -24.12
C VAL D 122 -4.12 -49.08 -23.28
N VAL D 123 -4.22 -50.29 -23.88
CA VAL D 123 -4.63 -51.47 -23.13
C VAL D 123 -3.59 -52.56 -23.36
N CYS D 124 -3.49 -53.45 -22.36
CA CYS D 124 -2.36 -54.38 -22.29
C CYS D 124 -2.77 -55.80 -21.94
N GLY D 125 -4.06 -56.13 -21.99
CA GLY D 125 -4.51 -57.47 -21.64
C GLY D 125 -4.54 -57.76 -20.16
N LEU D 126 -4.76 -56.74 -19.33
CA LEU D 126 -4.85 -56.96 -17.89
C LEU D 126 -6.16 -57.67 -17.56
N GLU D 127 -6.08 -58.71 -16.75
CA GLU D 127 -7.28 -59.37 -16.30
C GLU D 127 -7.95 -58.52 -15.23
N PRO D 128 -9.25 -58.72 -14.97
CA PRO D 128 -9.94 -57.89 -13.97
C PRO D 128 -9.24 -57.86 -12.62
N GLU D 129 -8.69 -58.97 -12.13
CA GLU D 129 -7.99 -58.93 -10.86
C GLU D 129 -6.76 -58.04 -10.93
N GLU D 130 -6.08 -58.05 -12.07
CA GLU D 130 -4.87 -57.25 -12.24
C GLU D 130 -5.18 -55.77 -12.22
N ARG D 131 -6.40 -55.39 -12.60
CA ARG D 131 -6.76 -53.99 -12.62
C ARG D 131 -6.90 -53.40 -11.23
N PHE D 132 -7.03 -54.24 -10.19
CA PHE D 132 -7.04 -53.78 -8.80
C PHE D 132 -5.64 -53.83 -8.16
N TRP D 133 -4.59 -53.61 -8.96
CA TRP D 133 -3.23 -53.74 -8.41
C TRP D 133 -2.97 -52.76 -7.28
N VAL D 134 -3.62 -51.59 -7.29
CA VAL D 134 -3.37 -50.61 -6.24
C VAL D 134 -3.75 -51.17 -4.87
N PHE D 135 -4.99 -51.62 -4.72
CA PHE D 135 -5.51 -52.06 -3.44
C PHE D 135 -5.40 -53.56 -3.25
N HIS D 136 -4.72 -54.25 -4.17
CA HIS D 136 -4.63 -55.70 -4.12
C HIS D 136 -4.05 -56.16 -2.79
N HIS D 137 -4.76 -57.10 -2.13
CA HIS D 137 -4.31 -57.64 -0.84
C HIS D 137 -3.58 -58.95 -1.08
N PRO D 138 -2.36 -59.11 -0.55
CA PRO D 138 -1.56 -60.29 -0.90
C PRO D 138 -2.02 -61.58 -0.21
N ARG D 139 -1.98 -62.68 -0.97
CA ARG D 139 -1.98 -64.01 -0.35
C ARG D 139 -0.78 -64.17 0.56
N ASP D 140 0.39 -63.80 0.06
CA ASP D 140 1.66 -63.87 0.77
C ASP D 140 2.66 -63.14 -0.12
N PHE D 141 3.81 -62.78 0.45
CA PHE D 141 4.70 -61.85 -0.24
C PHE D 141 5.17 -62.41 -1.57
N ASP D 142 5.63 -63.67 -1.58
CA ASP D 142 6.20 -64.21 -2.81
C ASP D 142 5.16 -64.33 -3.91
N HIS D 143 3.93 -64.68 -3.56
CA HIS D 143 2.84 -64.67 -4.53
C HIS D 143 2.59 -63.27 -5.07
N GLU D 144 2.70 -62.26 -4.20
CA GLU D 144 2.41 -60.89 -4.62
C GLU D 144 3.52 -60.34 -5.51
N VAL D 145 4.77 -60.70 -5.22
CA VAL D 145 5.88 -60.35 -6.11
C VAL D 145 5.56 -60.78 -7.53
N ARG D 146 5.19 -62.05 -7.70
CA ARG D 146 4.84 -62.56 -9.02
C ARG D 146 3.67 -61.81 -9.61
N PHE D 147 2.62 -61.60 -8.82
CA PHE D 147 1.43 -60.92 -9.31
C PHE D 147 1.77 -59.53 -9.83
N GLN D 148 2.50 -58.74 -9.04
CA GLN D 148 2.76 -57.36 -9.41
C GLN D 148 3.79 -57.27 -10.53
N ALA D 149 4.82 -58.14 -10.49
CA ALA D 149 5.79 -58.17 -11.58
C ALA D 149 5.12 -58.52 -12.90
N ASN D 150 4.15 -59.44 -12.88
CA ASN D 150 3.49 -59.83 -14.11
C ASN D 150 2.54 -58.76 -14.64
N VAL D 151 2.02 -57.88 -13.77
CA VAL D 151 1.28 -56.72 -14.25
C VAL D 151 2.21 -55.79 -15.02
N ALA D 152 3.36 -55.46 -14.42
CA ALA D 152 4.32 -54.60 -15.10
C ALA D 152 4.79 -55.22 -16.41
N ALA D 153 4.97 -56.54 -16.44
CA ALA D 153 5.43 -57.22 -17.65
C ALA D 153 4.46 -57.04 -18.81
N LYS D 154 3.16 -57.12 -18.54
CA LYS D 154 2.17 -56.94 -19.59
C LYS D 154 2.21 -55.51 -20.14
N VAL D 155 2.34 -54.52 -19.27
CA VAL D 155 2.41 -53.15 -19.75
C VAL D 155 3.70 -52.93 -20.53
N ALA D 156 4.82 -53.45 -20.04
CA ALA D 156 6.07 -53.34 -20.76
C ALA D 156 5.94 -53.93 -22.17
N GLU D 157 5.26 -55.08 -22.29
CA GLU D 157 5.18 -55.74 -23.58
C GLU D 157 4.39 -54.92 -24.59
N HIS D 158 3.28 -54.33 -24.18
CA HIS D 158 2.35 -53.70 -25.09
C HIS D 158 2.43 -52.18 -25.11
N ALA D 159 3.24 -51.57 -24.25
CA ALA D 159 3.23 -50.11 -24.15
C ALA D 159 4.61 -49.49 -23.97
N LEU D 160 5.70 -50.25 -24.13
CA LEU D 160 7.03 -49.74 -23.83
C LEU D 160 7.30 -48.41 -24.52
N ASP D 161 6.84 -48.27 -25.78
CA ASP D 161 7.18 -47.10 -26.58
C ASP D 161 6.65 -45.81 -25.98
N ILE D 162 5.52 -45.86 -25.26
CA ILE D 162 4.90 -44.64 -24.73
C ILE D 162 5.11 -44.46 -23.23
N LEU D 163 5.63 -45.46 -22.53
CA LEU D 163 5.81 -45.32 -21.08
C LEU D 163 6.70 -44.17 -20.66
N PRO D 164 7.76 -43.79 -21.40
CA PRO D 164 8.57 -42.65 -20.94
C PRO D 164 7.79 -41.35 -20.91
N TYR D 165 6.67 -41.28 -21.62
CA TYR D 165 5.96 -40.03 -21.86
C TYR D 165 4.65 -39.95 -21.11
N ALA D 166 4.43 -40.86 -20.16
CA ALA D 166 3.31 -40.78 -19.22
C ALA D 166 3.81 -40.06 -17.97
N SER D 167 3.54 -38.76 -17.88
CA SER D 167 4.02 -38.00 -16.73
C SER D 167 3.09 -36.84 -16.44
N SER D 168 3.08 -36.44 -15.17
CA SER D 168 2.28 -35.30 -14.75
C SER D 168 2.75 -34.02 -15.43
N ARG D 169 4.06 -33.86 -15.61
CA ARG D 169 4.56 -32.68 -16.31
C ARG D 169 4.07 -32.67 -17.75
N ASN D 170 4.00 -33.83 -18.41
CA ASN D 170 3.47 -33.86 -19.77
C ASN D 170 1.98 -33.53 -19.80
N ILE D 171 1.23 -33.95 -18.78
CA ILE D 171 -0.18 -33.59 -18.74
C ILE D 171 -0.33 -32.08 -18.50
N ALA D 172 0.56 -31.50 -17.70
CA ALA D 172 0.51 -30.06 -17.50
C ALA D 172 0.81 -29.32 -18.80
N ARG D 173 1.74 -29.84 -19.61
CA ARG D 173 1.96 -29.25 -20.94
C ARG D 173 0.75 -29.47 -21.84
N ASP D 174 0.10 -30.63 -21.75
CA ASP D 174 -1.14 -30.84 -22.50
C ASP D 174 -2.20 -29.81 -22.12
N ILE D 175 -2.27 -29.45 -20.84
CA ILE D 175 -3.22 -28.42 -20.41
C ILE D 175 -2.90 -27.10 -21.08
N GLU D 176 -1.62 -26.76 -21.18
CA GLU D 176 -1.22 -25.53 -21.86
C GLU D 176 -1.61 -25.57 -23.34
N VAL D 177 -1.48 -26.73 -23.98
CA VAL D 177 -1.96 -26.85 -25.36
C VAL D 177 -3.44 -26.58 -25.42
N ILE D 178 -4.20 -27.17 -24.50
CA ILE D 178 -5.65 -26.97 -24.46
C ILE D 178 -5.96 -25.48 -24.29
N ARG D 179 -5.30 -24.84 -23.32
CA ARG D 179 -5.49 -23.41 -23.08
C ARG D 179 -5.31 -22.63 -24.38
N GLY D 180 -4.19 -22.85 -25.08
CA GLY D 180 -3.91 -22.12 -26.29
C GLY D 180 -4.84 -22.46 -27.42
N ALA D 181 -5.26 -23.73 -27.51
CA ALA D 181 -6.20 -24.13 -28.56
C ALA D 181 -7.59 -23.55 -28.33
N LEU D 182 -7.93 -23.22 -27.08
CA LEU D 182 -9.19 -22.55 -26.81
C LEU D 182 -9.10 -21.04 -27.05
N GLY D 183 -7.91 -20.52 -27.34
CA GLY D 183 -7.73 -19.10 -27.55
C GLY D 183 -7.72 -18.27 -26.30
N GLU D 184 -7.30 -18.84 -25.17
CA GLU D 184 -7.43 -18.20 -23.87
C GLU D 184 -6.06 -17.83 -23.33
N ASP D 185 -5.94 -16.61 -22.80
CA ASP D 185 -4.71 -16.19 -22.13
C ASP D 185 -4.63 -16.78 -20.73
N ARG D 186 -5.73 -16.69 -19.98
CA ARG D 186 -5.82 -17.23 -18.63
C ARG D 186 -6.93 -18.27 -18.59
N ILE D 187 -6.79 -19.27 -17.73
CA ILE D 187 -7.85 -20.23 -17.46
C ILE D 187 -8.00 -20.40 -15.96
N SER D 188 -9.23 -20.65 -15.55
CA SER D 188 -9.52 -21.12 -14.21
C SER D 188 -9.50 -22.65 -14.19
N TYR D 189 -9.28 -23.21 -13.01
CA TYR D 189 -9.04 -24.65 -12.87
C TYR D 189 -9.71 -25.18 -11.62
N LEU D 190 -10.36 -26.34 -11.76
CA LEU D 190 -11.02 -27.03 -10.66
C LEU D 190 -10.62 -28.50 -10.72
N GLY D 191 -9.93 -28.98 -9.67
CA GLY D 191 -9.44 -30.36 -9.68
C GLY D 191 -9.61 -31.02 -8.33
N TYR D 192 -9.66 -32.36 -8.38
CA TYR D 192 -9.81 -33.22 -7.21
C TYR D 192 -8.76 -34.32 -7.22
N SER D 193 -8.27 -34.66 -6.03
CA SER D 193 -7.43 -35.85 -5.82
C SER D 193 -6.21 -35.73 -6.73
N TYR D 194 -5.99 -36.64 -7.68
CA TYR D 194 -4.84 -36.49 -8.56
C TYR D 194 -4.90 -35.16 -9.31
N GLY D 195 -6.10 -34.70 -9.64
CA GLY D 195 -6.28 -33.38 -10.22
C GLY D 195 -5.73 -32.24 -9.38
N THR D 196 -5.57 -32.44 -8.05
CA THR D 196 -4.96 -31.38 -7.25
C THR D 196 -3.45 -31.41 -7.35
N TYR D 197 -2.85 -32.58 -7.55
CA TYR D 197 -1.43 -32.59 -7.89
C TYR D 197 -1.19 -31.95 -9.25
N LEU D 198 -2.05 -32.25 -10.23
CA LEU D 198 -1.90 -31.65 -11.55
C LEU D 198 -2.06 -30.14 -11.51
N GLY D 199 -3.03 -29.66 -10.74
CA GLY D 199 -3.19 -28.22 -10.61
C GLY D 199 -1.98 -27.57 -9.97
N ALA D 200 -1.37 -28.24 -8.99
CA ALA D 200 -0.15 -27.73 -8.38
C ALA D 200 1.01 -27.72 -9.36
N VAL D 201 1.15 -28.79 -10.16
CA VAL D 201 2.22 -28.86 -11.16
C VAL D 201 2.01 -27.80 -12.24
N TRP D 202 0.81 -27.78 -12.83
CA TRP D 202 0.55 -26.82 -13.91
C TRP D 202 0.71 -25.39 -13.44
N THR D 203 0.25 -25.07 -12.22
CA THR D 203 0.47 -23.71 -11.73
C THR D 203 1.95 -23.45 -11.42
N GLN D 204 2.68 -24.47 -10.94
CA GLN D 204 4.09 -24.27 -10.65
C GLN D 204 4.87 -23.98 -11.94
N MET D 205 4.47 -24.65 -13.02
CA MET D 205 5.16 -24.54 -14.32
C MET D 205 4.65 -23.34 -15.10
N PHE D 206 3.33 -23.11 -15.10
CA PHE D 206 2.68 -22.20 -16.04
C PHE D 206 1.67 -21.29 -15.37
N GLY D 207 1.80 -21.07 -14.06
CA GLY D 207 0.76 -20.44 -13.27
C GLY D 207 0.52 -18.97 -13.57
N GLU D 208 1.43 -18.32 -14.31
CA GLU D 208 1.14 -16.98 -14.81
C GLU D 208 -0.08 -16.97 -15.73
N HIS D 209 -0.52 -18.14 -16.20
CA HIS D 209 -1.71 -18.24 -17.04
C HIS D 209 -2.94 -18.70 -16.25
N ALA D 210 -2.89 -18.66 -14.92
CA ALA D 210 -4.01 -19.06 -14.08
C ALA D 210 -4.84 -17.85 -13.70
N ASP D 211 -6.17 -17.98 -13.81
CA ASP D 211 -7.11 -17.01 -13.28
C ASP D 211 -7.45 -17.40 -11.83
N ARG D 212 -8.48 -18.23 -11.66
CA ARG D 212 -8.87 -18.74 -10.35
C ARG D 212 -8.71 -20.26 -10.33
N VAL D 213 -8.11 -20.76 -9.26
CA VAL D 213 -7.73 -22.17 -9.13
C VAL D 213 -8.35 -22.72 -7.84
N VAL D 214 -9.15 -23.78 -7.97
CA VAL D 214 -9.79 -24.44 -6.83
C VAL D 214 -9.30 -25.89 -6.80
N LEU D 215 -8.66 -26.30 -5.70
CA LEU D 215 -8.21 -27.67 -5.51
C LEU D 215 -8.94 -28.26 -4.32
N ASP D 216 -9.57 -29.43 -4.51
CA ASP D 216 -10.51 -30.00 -3.55
C ASP D 216 -10.15 -31.45 -3.27
N SER D 217 -9.91 -31.78 -1.99
CA SER D 217 -9.47 -33.11 -1.57
C SER D 217 -8.05 -33.37 -2.07
N ILE D 218 -7.07 -33.04 -1.24
CA ILE D 218 -5.74 -32.62 -1.70
C ILE D 218 -4.73 -33.76 -1.59
N CYS D 219 -3.99 -33.95 -2.67
CA CYS D 219 -2.80 -34.79 -2.65
CA CYS D 219 -2.78 -34.78 -2.65
C CYS D 219 -1.68 -34.09 -1.88
N SER D 220 -0.99 -34.83 -1.02
CA SER D 220 0.16 -34.24 -0.36
C SER D 220 1.31 -34.07 -1.35
N PRO D 221 2.01 -32.94 -1.33
CA PRO D 221 3.20 -32.80 -2.19
C PRO D 221 4.35 -33.73 -1.81
N ASP D 222 4.36 -34.27 -0.59
CA ASP D 222 5.40 -35.21 -0.15
C ASP D 222 5.16 -36.63 -0.63
N TRP D 223 4.06 -36.89 -1.33
CA TRP D 223 3.59 -38.26 -1.56
C TRP D 223 4.22 -38.94 -2.77
N VAL D 224 4.80 -38.18 -3.69
CA VAL D 224 5.18 -38.71 -5.01
C VAL D 224 6.21 -39.84 -4.85
N TRP D 225 5.83 -41.10 -5.11
CA TRP D 225 4.44 -41.55 -5.24
C TRP D 225 4.13 -42.72 -4.31
N ARG D 226 5.13 -43.26 -3.60
CA ARG D 226 4.81 -44.34 -2.68
C ARG D 226 4.19 -43.82 -1.38
N GLY D 227 4.48 -42.58 -1.00
CA GLY D 227 3.84 -42.01 0.18
C GLY D 227 2.33 -41.97 0.07
N LEU D 228 1.81 -41.76 -1.14
CA LEU D 228 0.38 -41.90 -1.39
C LEU D 228 -0.14 -43.25 -0.89
N PHE D 229 0.65 -44.31 -1.06
CA PHE D 229 0.26 -45.64 -0.61
C PHE D 229 0.49 -45.80 0.89
N THR D 230 1.69 -45.47 1.37
CA THR D 230 2.06 -45.82 2.74
C THR D 230 1.39 -44.91 3.79
N ASP D 231 0.91 -43.74 3.40
CA ASP D 231 0.15 -42.92 4.33
C ASP D 231 -1.31 -43.34 4.45
N PHE D 232 -1.80 -44.23 3.58
CA PHE D 232 -3.23 -44.53 3.55
C PHE D 232 -3.68 -45.36 4.75
N PRO D 233 -2.97 -46.41 5.15
CA PRO D 233 -3.51 -47.35 6.14
C PRO D 233 -3.96 -46.65 7.43
N PRO D 234 -3.16 -45.75 8.00
CA PRO D 234 -3.65 -45.07 9.21
C PRO D 234 -4.96 -44.33 8.98
N ASN D 235 -5.14 -43.74 7.80
CA ASN D 235 -6.38 -43.03 7.48
C ASN D 235 -7.51 -44.00 7.18
N GLY D 236 -7.22 -45.12 6.52
CA GLY D 236 -8.22 -46.15 6.37
C GLY D 236 -8.72 -46.67 7.71
N GLU D 237 -7.81 -46.85 8.66
CA GLU D 237 -8.19 -47.35 9.98
C GLU D 237 -9.02 -46.31 10.73
N ARG D 238 -8.72 -45.03 10.53
CA ARG D 238 -9.49 -43.97 11.18
C ARG D 238 -10.89 -43.86 10.59
N ALA D 239 -11.01 -43.95 9.26
CA ALA D 239 -12.31 -43.82 8.62
C ALA D 239 -13.17 -45.07 8.86
N LEU D 240 -12.54 -46.24 8.98
CA LEU D 240 -13.31 -47.44 9.30
C LEU D 240 -13.84 -47.39 10.73
N THR D 241 -13.03 -46.87 11.65
CA THR D 241 -13.42 -46.79 13.05
C THR D 241 -14.53 -45.76 13.27
N ARG D 242 -14.57 -44.73 12.42
CA ARG D 242 -15.65 -43.74 12.50
C ARG D 242 -16.98 -44.36 12.08
N TRP D 243 -16.97 -45.14 11.00
CA TRP D 243 -18.18 -45.85 10.60
C TRP D 243 -18.60 -46.86 11.67
N ALA D 244 -17.61 -47.49 12.33
CA ALA D 244 -17.95 -48.51 13.32
C ALA D 244 -18.58 -47.88 14.57
N ARG D 245 -18.16 -46.66 14.93
CA ARG D 245 -18.88 -45.92 15.97
C ARG D 245 -20.33 -45.71 15.57
N TRP D 246 -20.56 -45.24 14.35
CA TRP D 246 -21.90 -45.04 13.82
C TRP D 246 -22.71 -46.32 13.86
N ALA D 247 -22.17 -47.40 13.28
CA ALA D 247 -22.94 -48.65 13.17
C ALA D 247 -23.23 -49.26 14.53
N ALA D 248 -22.38 -48.99 15.52
CA ALA D 248 -22.60 -49.53 16.86
C ALA D 248 -23.85 -48.96 17.51
N ALA D 249 -24.20 -47.72 17.18
CA ALA D 249 -25.43 -47.10 17.68
C ALA D 249 -26.67 -47.64 16.98
N ARG D 250 -26.51 -48.51 15.99
CA ARG D 250 -27.61 -49.03 15.20
C ARG D 250 -27.64 -50.56 15.24
N ASP D 251 -27.14 -51.12 16.33
CA ASP D 251 -27.12 -52.57 16.53
C ASP D 251 -28.51 -53.18 16.34
N ALA D 252 -29.57 -52.44 16.67
CA ALA D 252 -30.91 -52.98 16.60
C ALA D 252 -31.37 -53.22 15.16
N ASP D 253 -30.78 -52.53 14.20
CA ASP D 253 -31.12 -52.71 12.80
C ASP D 253 -30.06 -53.42 11.98
N LEU D 254 -28.79 -53.32 12.38
CA LEU D 254 -27.70 -53.93 11.64
C LEU D 254 -27.25 -55.26 12.24
N GLY D 255 -27.23 -55.37 13.57
CA GLY D 255 -26.85 -56.62 14.20
C GLY D 255 -25.37 -56.90 14.16
N LEU D 256 -24.55 -55.86 14.10
CA LEU D 256 -23.10 -56.00 14.03
C LEU D 256 -22.41 -55.73 15.37
N GLY D 257 -23.16 -55.30 16.39
CA GLY D 257 -22.60 -55.03 17.69
C GLY D 257 -22.97 -53.66 18.21
N ALA D 258 -22.81 -53.47 19.52
CA ALA D 258 -23.20 -52.23 20.17
C ALA D 258 -22.00 -51.42 20.64
N THR D 259 -20.80 -51.77 20.16
CA THR D 259 -19.57 -51.06 20.45
C THR D 259 -18.73 -51.08 19.18
N ASP D 260 -17.87 -50.07 19.01
CA ASP D 260 -16.99 -50.07 17.83
C ASP D 260 -16.18 -51.37 17.79
N GLY D 261 -15.64 -51.78 18.94
CA GLY D 261 -14.89 -53.03 18.98
C GLY D 261 -15.67 -54.21 18.43
N ALA D 262 -16.96 -54.28 18.77
CA ALA D 262 -17.75 -55.43 18.34
C ALA D 262 -18.05 -55.37 16.84
N VAL D 263 -18.38 -54.18 16.32
CA VAL D 263 -18.60 -54.04 14.89
C VAL D 263 -17.31 -54.36 14.13
N ARG D 264 -16.18 -53.87 14.62
CA ARG D 264 -14.92 -54.14 13.95
C ARG D 264 -14.58 -55.63 13.97
N ALA D 265 -14.82 -56.30 15.09
CA ALA D 265 -14.57 -57.74 15.17
C ALA D 265 -15.45 -58.51 14.19
N ALA D 266 -16.69 -58.06 14.00
CA ALA D 266 -17.56 -58.69 13.02
C ALA D 266 -16.97 -58.61 11.62
N TYR D 267 -16.52 -57.42 11.22
CA TYR D 267 -15.94 -57.24 9.90
C TYR D 267 -14.61 -58.00 9.78
N ASP D 268 -13.74 -57.89 10.78
CA ASP D 268 -12.50 -58.67 10.79
C ASP D 268 -12.79 -60.16 10.63
N GLY D 269 -13.93 -60.64 11.12
CA GLY D 269 -14.30 -62.02 10.90
C GLY D 269 -14.54 -62.33 9.44
N VAL D 270 -15.10 -61.36 8.71
CA VAL D 270 -15.22 -61.50 7.26
C VAL D 270 -13.83 -61.61 6.63
N LEU D 271 -12.92 -60.73 7.06
CA LEU D 271 -11.58 -60.71 6.49
C LEU D 271 -10.84 -62.01 6.79
N ALA D 272 -11.00 -62.53 8.01
CA ALA D 272 -10.38 -63.82 8.34
C ALA D 272 -10.83 -64.92 7.41
N ARG D 273 -12.07 -64.84 6.91
CA ARG D 273 -12.57 -65.87 6.00
C ARG D 273 -11.95 -65.75 4.61
N VAL D 274 -12.03 -64.57 4.00
CA VAL D 274 -11.48 -64.43 2.65
C VAL D 274 -9.97 -64.61 2.67
N ASP D 275 -9.32 -64.21 3.77
CA ASP D 275 -7.86 -64.36 3.90
C ASP D 275 -7.44 -65.81 4.06
N THR D 276 -8.38 -66.74 4.31
CA THR D 276 -8.10 -68.17 4.37
C THR D 276 -8.89 -68.93 3.33
N ASP D 277 -9.37 -68.22 2.30
CA ASP D 277 -10.03 -68.81 1.14
C ASP D 277 -11.37 -69.46 1.48
N ARG D 278 -12.00 -68.99 2.55
CA ARG D 278 -13.36 -69.41 2.87
C ARG D 278 -14.37 -68.48 2.22
N GLU D 279 -15.49 -69.06 1.81
CA GLU D 279 -16.51 -68.33 1.07
C GLU D 279 -17.06 -67.16 1.88
N VAL D 280 -17.13 -66.00 1.23
CA VAL D 280 -17.92 -64.86 1.68
C VAL D 280 -18.63 -64.29 0.46
N THR D 281 -19.97 -64.25 0.51
CA THR D 281 -20.77 -63.64 -0.54
C THR D 281 -21.62 -62.52 0.04
N VAL D 282 -21.91 -61.51 -0.76
CA VAL D 282 -22.70 -60.37 -0.30
C VAL D 282 -24.16 -60.58 -0.66
N ALA D 283 -24.47 -60.78 -1.94
CA ALA D 283 -25.81 -61.19 -2.37
C ALA D 283 -25.67 -62.22 -3.49
N GLY D 284 -25.04 -63.35 -3.17
CA GLY D 284 -24.54 -64.25 -4.20
C GLY D 284 -23.31 -63.74 -4.90
N PHE D 285 -22.78 -62.60 -4.46
CA PHE D 285 -21.64 -61.91 -5.06
C PHE D 285 -20.38 -62.34 -4.33
N PRO D 286 -19.49 -63.14 -4.93
CA PRO D 286 -18.34 -63.65 -4.18
C PRO D 286 -17.29 -62.56 -3.94
N LEU D 287 -16.78 -62.51 -2.72
CA LEU D 287 -15.69 -61.64 -2.32
C LEU D 287 -14.37 -62.40 -2.36
N ASP D 288 -13.27 -61.64 -2.44
CA ASP D 288 -11.93 -62.19 -2.24
C ASP D 288 -11.14 -61.29 -1.30
N ARG D 289 -9.84 -61.52 -1.17
CA ARG D 289 -9.05 -60.74 -0.22
C ARG D 289 -9.09 -59.25 -0.56
N THR D 290 -9.14 -58.92 -1.86
CA THR D 290 -9.11 -57.52 -2.29
C THR D 290 -10.48 -56.87 -2.16
N LEU D 291 -11.51 -57.50 -2.72
CA LEU D 291 -12.84 -56.90 -2.76
C LEU D 291 -13.41 -56.70 -1.35
N ALA D 292 -13.12 -57.64 -0.44
CA ALA D 292 -13.68 -57.52 0.91
C ALA D 292 -13.18 -56.27 1.62
N ARG D 293 -12.01 -55.76 1.22
CA ARG D 293 -11.50 -54.49 1.71
C ARG D 293 -11.81 -53.34 0.77
N LEU D 294 -11.84 -53.60 -0.54
CA LEU D 294 -11.98 -52.53 -1.53
C LEU D 294 -13.40 -51.98 -1.61
N ILE D 295 -14.44 -52.79 -1.44
CA ILE D 295 -15.77 -52.18 -1.50
C ILE D 295 -16.01 -51.39 -0.22
N VAL D 296 -15.34 -51.75 0.89
CA VAL D 296 -15.41 -50.94 2.10
C VAL D 296 -14.73 -49.58 1.87
N VAL D 297 -13.48 -49.58 1.40
CA VAL D 297 -12.80 -48.34 1.04
CA VAL D 297 -12.83 -48.30 1.11
C VAL D 297 -13.69 -47.49 0.15
N GLY D 298 -14.33 -48.15 -0.82
CA GLY D 298 -15.14 -47.44 -1.79
C GLY D 298 -16.35 -46.77 -1.16
N MET D 299 -16.98 -47.43 -0.18
CA MET D 299 -18.06 -46.78 0.56
C MET D 299 -17.52 -45.64 1.40
N LEU D 300 -16.36 -45.83 2.03
CA LEU D 300 -15.83 -44.82 2.93
C LEU D 300 -15.34 -43.57 2.23
N ASN D 301 -15.44 -43.48 0.90
CA ASN D 301 -15.15 -42.22 0.24
C ASN D 301 -16.23 -41.16 0.51
N SER D 302 -17.38 -41.55 1.05
CA SER D 302 -18.39 -40.58 1.50
C SER D 302 -19.11 -41.13 2.72
N ASP D 303 -19.10 -40.38 3.83
CA ASP D 303 -19.84 -40.82 5.00
C ASP D 303 -21.35 -40.84 4.76
N ARG D 304 -21.84 -40.29 3.64
CA ARG D 304 -23.22 -40.52 3.25
C ARG D 304 -23.50 -41.99 2.96
N ASN D 305 -22.46 -42.77 2.66
CA ASN D 305 -22.62 -44.17 2.31
C ASN D 305 -22.68 -45.09 3.51
N TYR D 306 -22.54 -44.54 4.71
CA TYR D 306 -22.55 -45.36 5.92
C TYR D 306 -23.70 -46.38 5.95
N PRO D 307 -24.93 -46.04 5.56
CA PRO D 307 -25.99 -47.06 5.55
C PRO D 307 -25.79 -48.14 4.50
N PHE D 308 -25.28 -47.78 3.32
CA PHE D 308 -24.94 -48.80 2.33
C PHE D 308 -23.91 -49.77 2.90
N LEU D 309 -22.95 -49.25 3.67
CA LEU D 309 -21.91 -50.10 4.24
C LEU D 309 -22.47 -50.97 5.36
N GLY D 310 -23.37 -50.40 6.18
CA GLY D 310 -24.05 -51.21 7.18
C GLY D 310 -24.77 -52.40 6.57
N ASP D 311 -25.48 -52.17 5.47
CA ASP D 311 -26.21 -53.23 4.79
C ASP D 311 -25.26 -54.27 4.23
N ILE D 312 -24.20 -53.82 3.56
CA ILE D 312 -23.25 -54.72 2.92
C ILE D 312 -22.60 -55.63 3.96
N VAL D 313 -22.14 -55.07 5.07
CA VAL D 313 -21.43 -55.85 6.06
C VAL D 313 -22.38 -56.81 6.78
N ARG D 314 -23.58 -56.34 7.11
CA ARG D 314 -24.60 -57.23 7.66
C ARG D 314 -24.83 -58.41 6.73
N SER D 315 -25.01 -58.14 5.43
CA SER D 315 -25.18 -59.21 4.47
C SER D 315 -23.96 -60.13 4.44
N ALA D 316 -22.76 -59.56 4.61
CA ALA D 316 -21.56 -60.38 4.60
C ALA D 316 -21.49 -61.27 5.83
N VAL D 317 -21.83 -60.73 7.00
CA VAL D 317 -21.77 -61.49 8.24
C VAL D 317 -22.99 -62.39 8.40
N HIS D 318 -24.18 -61.86 8.12
CA HIS D 318 -25.43 -62.60 8.25
C HIS D 318 -26.08 -62.72 6.88
N GLY D 319 -27.35 -62.32 6.79
CA GLY D 319 -27.95 -61.82 5.57
C GLY D 319 -27.84 -62.65 4.32
N GLY D 320 -28.87 -62.52 3.49
CA GLY D 320 -28.80 -62.94 2.11
C GLY D 320 -28.87 -61.74 1.18
N GLN D 321 -29.88 -60.89 1.38
CA GLN D 321 -30.26 -59.92 0.38
C GLN D 321 -29.94 -58.50 0.80
N LEU D 322 -29.68 -57.66 -0.20
CA LEU D 322 -29.39 -56.24 -0.03
C LEU D 322 -30.65 -55.41 -0.24
N GLU D 323 -30.74 -54.30 0.47
CA GLU D 323 -31.83 -53.37 0.25
C GLU D 323 -31.71 -52.77 -1.16
N PRO D 324 -32.83 -52.52 -1.85
CA PRO D 324 -32.74 -52.08 -3.26
C PRO D 324 -31.75 -50.95 -3.49
N ALA D 325 -31.75 -49.91 -2.65
CA ALA D 325 -30.81 -48.81 -2.80
C ALA D 325 -29.38 -49.32 -2.87
N THR D 326 -28.96 -50.06 -1.85
CA THR D 326 -27.61 -50.60 -1.80
C THR D 326 -27.27 -51.38 -3.07
N MET D 327 -28.22 -52.16 -3.58
CA MET D 327 -27.96 -52.98 -4.77
C MET D 327 -27.51 -52.13 -5.94
N GLY D 328 -28.23 -51.04 -6.22
CA GLY D 328 -27.87 -50.21 -7.36
C GLY D 328 -26.51 -49.55 -7.20
N PHE D 329 -26.28 -48.91 -6.05
CA PHE D 329 -25.01 -48.25 -5.80
C PHE D 329 -23.86 -49.24 -5.94
N LEU D 330 -23.95 -50.38 -5.24
CA LEU D 330 -22.93 -51.40 -5.33
C LEU D 330 -22.74 -51.87 -6.77
N GLY D 331 -23.83 -51.94 -7.54
CA GLY D 331 -23.75 -52.49 -8.88
C GLY D 331 -23.00 -51.59 -9.85
N GLN D 332 -23.19 -50.27 -9.73
CA GLN D 332 -22.48 -49.35 -10.61
C GLN D 332 -21.00 -49.30 -10.26
N MET D 333 -20.64 -49.46 -8.98
CA MET D 333 -19.26 -49.34 -8.56
C MET D 333 -18.45 -50.61 -8.86
N PHE D 334 -19.07 -51.79 -8.73
CA PHE D 334 -18.35 -53.04 -8.85
C PHE D 334 -19.02 -54.08 -9.76
N GLY D 335 -20.15 -53.75 -10.39
CA GLY D 335 -20.78 -54.70 -11.28
C GLY D 335 -19.92 -55.06 -12.49
N GLN D 336 -19.11 -54.12 -12.95
CA GLN D 336 -18.26 -54.30 -14.11
C GLN D 336 -16.79 -54.26 -13.72
N PRO D 337 -15.91 -54.84 -14.54
CA PRO D 337 -14.48 -54.73 -14.26
C PRO D 337 -14.03 -53.27 -14.28
N LYS D 338 -12.94 -53.00 -13.56
CA LYS D 338 -12.31 -51.69 -13.64
C LYS D 338 -11.93 -51.38 -15.08
N GLU D 339 -12.14 -50.14 -15.48
CA GLU D 339 -11.88 -49.73 -16.86
C GLU D 339 -10.37 -49.78 -17.14
N GLU D 340 -9.98 -50.46 -18.22
CA GLU D 340 -8.60 -50.91 -18.33
C GLU D 340 -7.63 -49.80 -18.68
N SER D 341 -7.96 -48.96 -19.67
CA SER D 341 -7.01 -47.94 -20.10
C SER D 341 -6.66 -47.00 -18.95
N GLY D 342 -7.63 -46.68 -18.08
CA GLY D 342 -7.32 -45.89 -16.91
C GLY D 342 -6.37 -46.59 -15.95
N THR D 343 -6.51 -47.91 -15.82
CA THR D 343 -5.58 -48.68 -15.01
C THR D 343 -4.17 -48.60 -15.57
N VAL D 344 -4.03 -48.76 -16.89
CA VAL D 344 -2.71 -48.70 -17.53
C VAL D 344 -2.09 -47.32 -17.36
N ALA D 345 -2.89 -46.27 -17.58
CA ALA D 345 -2.36 -44.92 -17.44
C ALA D 345 -2.00 -44.63 -15.99
N GLN D 346 -2.79 -45.14 -15.05
CA GLN D 346 -2.50 -44.97 -13.64
C GLN D 346 -1.14 -45.55 -13.29
N LEU D 347 -0.90 -46.81 -13.66
CA LEU D 347 0.42 -47.42 -13.56
C LEU D 347 1.49 -46.56 -14.20
N ALA D 348 1.25 -46.13 -15.44
CA ALA D 348 2.28 -45.47 -16.22
C ALA D 348 2.69 -44.15 -15.60
N ILE D 349 1.73 -43.40 -15.04
CA ILE D 349 2.03 -42.12 -14.41
C ILE D 349 2.70 -42.32 -13.07
N LEU D 350 2.18 -43.23 -12.24
CA LEU D 350 2.76 -43.41 -10.92
C LEU D 350 4.20 -43.88 -11.01
N ALA D 351 4.56 -44.61 -12.07
CA ALA D 351 5.93 -45.04 -12.27
C ALA D 351 6.70 -44.10 -13.18
N GLY D 352 6.00 -43.38 -14.06
CA GLY D 352 6.66 -42.45 -14.97
C GLY D 352 7.05 -41.13 -14.34
N ASP D 353 6.42 -40.75 -13.23
CA ASP D 353 6.78 -39.52 -12.55
C ASP D 353 8.03 -39.67 -11.70
N TRP D 354 8.28 -40.87 -11.19
CA TRP D 354 9.17 -41.02 -10.06
C TRP D 354 9.57 -42.48 -9.95
N ALA D 355 10.86 -42.73 -9.71
CA ALA D 355 11.38 -44.08 -9.65
C ALA D 355 11.13 -44.68 -8.27
N TRP D 356 10.38 -45.77 -8.24
CA TRP D 356 10.09 -46.45 -7.00
C TRP D 356 11.28 -47.25 -6.52
N PRO D 357 11.36 -47.55 -5.22
CA PRO D 357 12.36 -48.51 -4.75
C PRO D 357 12.14 -49.86 -5.40
N ARG D 358 13.24 -50.58 -5.65
CA ARG D 358 13.17 -51.86 -6.33
C ARG D 358 13.66 -53.04 -5.49
N ASN D 359 14.29 -52.79 -4.35
CA ASN D 359 14.64 -53.86 -3.44
C ASN D 359 13.36 -54.46 -2.88
N VAL D 360 13.17 -55.77 -3.07
CA VAL D 360 11.90 -56.36 -2.67
C VAL D 360 11.82 -56.56 -1.16
N ASP D 361 12.96 -56.69 -0.47
CA ASP D 361 12.90 -56.94 0.96
C ASP D 361 12.45 -55.71 1.75
N LEU D 362 12.68 -54.51 1.21
CA LEU D 362 12.07 -53.31 1.79
C LEU D 362 10.56 -53.45 1.87
N TYR D 363 9.96 -53.93 0.79
CA TYR D 363 8.50 -54.05 0.74
C TYR D 363 7.99 -55.13 1.68
N GLU D 364 8.73 -56.24 1.84
CA GLU D 364 8.27 -57.27 2.77
C GLU D 364 8.29 -56.75 4.20
N ARG D 365 9.38 -56.08 4.58
CA ARG D 365 9.45 -55.40 5.87
C ARG D 365 8.24 -54.51 6.10
N ASP D 366 8.00 -53.58 5.17
CA ASP D 366 6.92 -52.61 5.33
C ASP D 366 5.56 -53.30 5.36
N MET D 367 5.36 -54.29 4.50
CA MET D 367 4.10 -55.01 4.50
C MET D 367 3.82 -55.62 5.86
N GLU D 368 4.83 -56.29 6.44
CA GLU D 368 4.62 -56.97 7.71
C GLU D 368 4.37 -55.98 8.83
N ARG D 369 5.09 -54.86 8.83
CA ARG D 369 4.88 -53.84 9.85
C ARG D 369 3.47 -53.27 9.78
N ALA D 370 3.06 -52.84 8.58
CA ALA D 370 1.78 -52.15 8.43
C ALA D 370 0.59 -53.09 8.64
N SER D 371 0.74 -54.37 8.28
CA SER D 371 -0.33 -55.32 8.54
C SER D 371 -0.56 -55.53 10.04
N ARG D 372 0.45 -55.23 10.86
CA ARG D 372 0.33 -55.33 12.31
C ARG D 372 -0.12 -54.01 12.94
N THR D 373 0.37 -52.88 12.44
CA THR D 373 0.01 -51.59 13.03
C THR D 373 -1.34 -51.08 12.53
N HIS D 374 -1.67 -51.37 11.27
CA HIS D 374 -2.91 -50.89 10.65
C HIS D 374 -3.49 -52.02 9.80
N PRO D 375 -4.18 -52.98 10.44
CA PRO D 375 -4.50 -54.23 9.75
C PRO D 375 -5.48 -54.13 8.59
N PHE D 376 -6.30 -53.08 8.54
CA PHE D 376 -7.36 -53.02 7.54
C PHE D 376 -6.80 -53.02 6.11
N THR D 377 -5.86 -52.10 5.82
CA THR D 377 -5.27 -52.00 4.49
C THR D 377 -3.74 -51.97 4.51
N GLY D 378 -3.12 -52.19 5.67
CA GLY D 378 -1.68 -52.02 5.76
C GLY D 378 -0.91 -52.89 4.79
N ALA D 379 -1.29 -54.16 4.67
CA ALA D 379 -0.56 -55.08 3.78
C ALA D 379 -0.75 -54.70 2.32
N ALA D 380 -1.97 -54.34 1.95
CA ALA D 380 -2.26 -54.00 0.55
C ALA D 380 -1.56 -52.71 0.14
N MET D 381 -1.35 -51.79 1.07
CA MET D 381 -0.78 -50.48 0.71
C MET D 381 0.73 -50.46 0.81
N ALA D 382 1.31 -51.17 1.76
CA ALA D 382 2.72 -51.04 2.08
C ALA D 382 3.58 -52.09 1.39
N GLY D 383 2.97 -53.08 0.73
CA GLY D 383 3.69 -54.15 0.11
C GLY D 383 4.15 -53.83 -1.30
N ILE D 384 4.60 -54.88 -2.01
CA ILE D 384 5.22 -54.72 -3.31
C ILE D 384 4.16 -54.31 -4.34
N LYS D 385 4.54 -53.38 -5.22
CA LYS D 385 3.66 -52.88 -6.27
C LYS D 385 4.40 -52.85 -7.60
N ALA D 386 3.62 -52.94 -8.68
CA ALA D 386 4.17 -53.05 -10.03
C ALA D 386 5.21 -52.01 -10.39
N PRO D 387 5.08 -50.73 -10.00
CA PRO D 387 6.14 -49.76 -10.33
C PRO D 387 7.52 -50.12 -9.82
N ALA D 388 7.64 -51.03 -8.84
CA ALA D 388 8.95 -51.50 -8.41
C ALA D 388 9.66 -52.31 -9.47
N PHE D 389 8.95 -52.70 -10.53
CA PHE D 389 9.49 -53.52 -11.61
C PHE D 389 9.45 -52.78 -12.95
N TRP D 390 9.41 -51.45 -12.91
CA TRP D 390 9.04 -50.72 -14.10
C TRP D 390 10.17 -50.76 -15.13
N PRO D 391 9.84 -50.86 -16.43
CA PRO D 391 10.89 -51.01 -17.45
C PRO D 391 11.52 -49.72 -17.93
N VAL D 392 11.00 -48.56 -17.54
CA VAL D 392 11.57 -47.29 -17.97
C VAL D 392 11.74 -46.39 -16.75
N PRO D 393 12.72 -45.48 -16.78
CA PRO D 393 12.86 -44.51 -15.72
C PRO D 393 12.06 -43.27 -16.02
N PRO D 394 11.85 -42.40 -15.04
CA PRO D 394 11.22 -41.12 -15.34
C PRO D 394 12.08 -40.28 -16.27
N SER D 395 11.43 -39.62 -17.23
CA SER D 395 12.14 -38.79 -18.18
C SER D 395 12.61 -37.46 -17.58
N GLU D 396 12.00 -37.01 -16.50
CA GLU D 396 12.32 -35.74 -15.88
C GLU D 396 12.30 -35.88 -14.38
N PRO D 397 13.03 -35.02 -13.67
CA PRO D 397 12.84 -34.93 -12.21
C PRO D 397 11.43 -34.49 -11.86
N VAL D 398 11.02 -34.86 -10.63
CA VAL D 398 9.73 -34.42 -10.11
CA VAL D 398 9.73 -34.42 -10.13
C VAL D 398 9.71 -32.91 -10.03
N THR D 399 8.54 -32.33 -10.30
CA THR D 399 8.36 -30.89 -10.14
C THR D 399 8.64 -30.48 -8.70
N ARG D 400 9.36 -29.37 -8.55
CA ARG D 400 9.65 -28.81 -7.23
C ARG D 400 8.53 -27.84 -6.90
N LEU D 401 7.58 -28.30 -6.09
CA LEU D 401 6.50 -27.43 -5.65
C LEU D 401 7.00 -26.52 -4.55
N GLY D 402 6.59 -25.26 -4.58
CA GLY D 402 7.03 -24.33 -3.56
C GLY D 402 6.38 -22.97 -3.58
N PRO D 403 6.75 -22.14 -2.60
CA PRO D 403 6.12 -20.81 -2.46
C PRO D 403 6.41 -19.86 -3.60
N ASP D 404 7.37 -20.18 -4.47
CA ASP D 404 7.60 -19.41 -5.68
C ASP D 404 6.58 -19.72 -6.77
N ASN D 405 5.56 -20.53 -6.46
CA ASN D 405 4.48 -20.80 -7.39
C ASN D 405 3.95 -19.48 -7.95
N PRO D 406 3.88 -19.30 -9.27
CA PRO D 406 3.48 -18.01 -9.85
C PRO D 406 1.98 -17.78 -9.98
N ALA D 407 1.14 -18.70 -9.55
CA ALA D 407 -0.29 -18.49 -9.66
C ALA D 407 -0.72 -17.32 -8.76
N ASP D 408 -1.67 -16.54 -9.25
CA ASP D 408 -2.18 -15.41 -8.48
C ASP D 408 -2.76 -15.87 -7.14
N SER D 409 -3.63 -16.87 -7.19
CA SER D 409 -4.31 -17.36 -6.00
C SER D 409 -4.70 -18.81 -6.20
N ILE D 410 -4.71 -19.58 -5.12
CA ILE D 410 -5.18 -20.95 -5.12
C ILE D 410 -6.03 -21.17 -3.88
N LEU D 411 -7.24 -21.70 -4.08
CA LEU D 411 -8.12 -22.04 -2.97
C LEU D 411 -8.13 -23.55 -2.77
N LEU D 412 -7.75 -23.99 -1.58
CA LEU D 412 -7.76 -25.40 -1.22
C LEU D 412 -9.01 -25.70 -0.40
N VAL D 413 -9.70 -26.78 -0.76
CA VAL D 413 -10.92 -27.23 -0.09
C VAL D 413 -10.69 -28.64 0.42
N GLN D 414 -10.99 -28.88 1.70
CA GLN D 414 -10.69 -30.17 2.30
C GLN D 414 -11.72 -30.51 3.37
N ALA D 415 -12.27 -31.72 3.29
CA ALA D 415 -13.06 -32.28 4.38
C ALA D 415 -12.14 -32.76 5.50
N ALA D 416 -12.47 -32.39 6.74
CA ALA D 416 -11.54 -32.59 7.85
C ALA D 416 -11.24 -34.06 8.09
N ASP D 417 -12.18 -34.94 7.76
CA ASP D 417 -12.03 -36.36 8.07
C ASP D 417 -11.97 -37.24 6.82
N ASP D 418 -11.71 -36.65 5.65
CA ASP D 418 -11.55 -37.45 4.44
C ASP D 418 -10.47 -38.51 4.63
N MET D 419 -10.64 -39.63 3.93
CA MET D 419 -9.79 -40.80 4.10
C MET D 419 -8.58 -40.79 3.15
N SER D 420 -8.84 -40.86 1.84
CA SER D 420 -7.76 -41.11 0.89
C SER D 420 -6.90 -39.88 0.67
N THR D 421 -7.49 -38.68 0.78
CA THR D 421 -6.74 -37.43 0.81
C THR D 421 -7.02 -36.77 2.15
N PRO D 422 -6.15 -36.93 3.14
CA PRO D 422 -6.45 -36.49 4.50
C PRO D 422 -6.12 -35.03 4.75
N LEU D 423 -6.64 -34.51 5.87
CA LEU D 423 -6.44 -33.11 6.21
C LEU D 423 -4.96 -32.76 6.28
N ALA D 424 -4.14 -33.65 6.84
CA ALA D 424 -2.70 -33.41 6.91
C ALA D 424 -2.10 -33.18 5.53
N ALA D 425 -2.63 -33.87 4.51
CA ALA D 425 -2.13 -33.67 3.15
C ALA D 425 -2.46 -32.27 2.66
N ALA D 426 -3.68 -31.79 2.93
CA ALA D 426 -4.06 -30.44 2.54
C ALA D 426 -3.24 -29.39 3.30
N ARG D 427 -2.99 -29.61 4.59
CA ARG D 427 -2.19 -28.65 5.35
C ARG D 427 -0.77 -28.58 4.81
N ARG D 428 -0.23 -29.72 4.36
CA ARG D 428 1.11 -29.72 3.78
C ARG D 428 1.13 -28.99 2.44
N MET D 429 0.11 -29.18 1.61
CA MET D 429 0.02 -28.44 0.36
C MET D 429 -0.09 -26.94 0.62
N ARG D 430 -0.80 -26.58 1.69
CA ARG D 430 -0.91 -25.19 2.10
C ARG D 430 0.46 -24.62 2.49
N GLU D 431 1.21 -25.37 3.31
CA GLU D 431 2.56 -24.94 3.69
C GLU D 431 3.45 -24.72 2.47
N VAL D 432 3.40 -25.66 1.53
CA VAL D 432 4.36 -25.68 0.43
C VAL D 432 4.06 -24.57 -0.57
N LEU D 433 2.79 -24.34 -0.90
CA LEU D 433 2.43 -23.27 -1.82
C LEU D 433 2.55 -21.88 -1.20
N GLY D 434 2.47 -21.78 0.13
CA GLY D 434 2.69 -20.50 0.80
C GLY D 434 1.50 -19.55 0.66
N ASP D 435 1.81 -18.25 0.80
CA ASP D 435 0.79 -17.21 0.81
C ASP D 435 -0.05 -17.16 -0.46
N THR D 436 0.37 -17.87 -1.51
CA THR D 436 -0.46 -17.98 -2.71
C THR D 436 -1.80 -18.61 -2.40
N SER D 437 -1.82 -19.53 -1.43
CA SER D 437 -2.95 -20.42 -1.23
C SER D 437 -3.68 -20.09 0.07
N ARG D 438 -4.94 -20.53 0.12
CA ARG D 438 -5.76 -20.52 1.33
C ARG D 438 -6.45 -21.86 1.47
N LEU D 439 -6.63 -22.31 2.71
CA LEU D 439 -7.25 -23.60 2.98
C LEU D 439 -8.59 -23.40 3.68
N LEU D 440 -9.67 -23.86 3.03
CA LEU D 440 -10.96 -24.06 3.66
C LEU D 440 -11.08 -25.49 4.16
N THR D 441 -11.37 -25.65 5.45
CA THR D 441 -11.63 -26.96 6.06
C THR D 441 -13.12 -27.06 6.38
N VAL D 442 -13.77 -28.12 5.89
CA VAL D 442 -15.16 -28.42 6.21
C VAL D 442 -15.16 -29.42 7.36
N ALA D 443 -15.68 -28.99 8.52
CA ALA D 443 -15.60 -29.76 9.74
C ALA D 443 -16.56 -30.95 9.72
N ASP D 444 -16.26 -31.94 10.57
CA ASP D 444 -17.17 -33.04 10.88
C ASP D 444 -17.68 -33.71 9.60
N THR D 445 -16.75 -34.03 8.71
CA THR D 445 -17.10 -34.49 7.37
C THR D 445 -16.03 -35.44 6.87
N ALA D 446 -16.42 -36.68 6.61
CA ALA D 446 -15.56 -37.68 5.98
C ALA D 446 -16.12 -37.92 4.58
N HIS D 447 -15.70 -37.09 3.63
CA HIS D 447 -16.22 -37.13 2.28
C HIS D 447 -15.12 -36.74 1.31
N HIS D 448 -15.08 -37.44 0.17
CA HIS D 448 -14.10 -37.19 -0.87
C HIS D 448 -14.76 -36.36 -1.97
N ARG D 449 -14.19 -35.18 -2.25
CA ARG D 449 -14.72 -34.24 -3.24
C ARG D 449 -15.88 -33.44 -2.64
N VAL D 450 -15.55 -32.39 -1.91
CA VAL D 450 -16.55 -31.66 -1.13
C VAL D 450 -17.40 -30.76 -2.02
N PHE D 451 -16.75 -29.87 -2.81
CA PHE D 451 -17.49 -28.97 -3.68
C PHE D 451 -17.59 -29.57 -5.09
N PRO D 452 -18.79 -29.64 -5.70
CA PRO D 452 -20.13 -29.31 -5.16
C PRO D 452 -20.88 -30.51 -4.57
N PHE D 453 -20.22 -31.67 -4.52
CA PHE D 453 -20.97 -32.92 -4.45
C PHE D 453 -21.64 -33.12 -3.09
N TYR D 454 -21.00 -32.70 -2.01
CA TYR D 454 -21.54 -32.90 -0.67
C TYR D 454 -22.66 -31.92 -0.35
N GLY D 455 -22.84 -30.88 -1.14
CA GLY D 455 -23.83 -29.86 -0.84
C GLY D 455 -23.63 -29.21 0.52
N ASN D 456 -22.39 -28.96 0.90
CA ASN D 456 -22.12 -28.24 2.14
C ASN D 456 -22.36 -26.75 1.90
N PRO D 457 -23.35 -26.13 2.54
CA PRO D 457 -23.68 -24.74 2.18
C PRO D 457 -22.51 -23.78 2.36
N GLY D 458 -21.71 -23.96 3.40
CA GLY D 458 -20.63 -23.04 3.68
C GLY D 458 -19.50 -23.14 2.67
N ALA D 459 -19.20 -24.35 2.20
CA ALA D 459 -18.21 -24.51 1.15
C ALA D 459 -18.76 -24.10 -0.21
N ASP D 460 -20.03 -24.42 -0.48
CA ASP D 460 -20.63 -24.01 -1.75
C ASP D 460 -20.66 -22.50 -1.87
N GLU D 461 -20.85 -21.79 -0.76
CA GLU D 461 -20.90 -20.33 -0.79
C GLU D 461 -19.51 -19.72 -0.94
N LEU D 462 -18.54 -20.25 -0.18
CA LEU D 462 -17.20 -19.67 -0.20
C LEU D 462 -16.50 -19.94 -1.54
N VAL D 463 -16.66 -21.15 -2.09
CA VAL D 463 -16.03 -21.46 -3.37
C VAL D 463 -16.70 -20.68 -4.48
N THR D 464 -18.04 -20.62 -4.46
CA THR D 464 -18.76 -19.86 -5.48
C THR D 464 -18.33 -18.39 -5.47
N ALA D 465 -18.18 -17.81 -4.28
CA ALA D 465 -17.74 -16.41 -4.21
C ALA D 465 -16.37 -16.23 -4.82
N TYR D 466 -15.50 -17.23 -4.70
CA TYR D 466 -14.17 -17.13 -5.29
C TYR D 466 -14.24 -17.25 -6.80
N LEU D 467 -14.99 -18.23 -7.30
CA LEU D 467 -15.04 -18.46 -8.74
C LEU D 467 -15.74 -17.33 -9.47
N VAL D 468 -16.83 -16.81 -8.91
CA VAL D 468 -17.63 -15.80 -9.58
C VAL D 468 -17.11 -14.39 -9.30
N ASP D 469 -16.87 -14.08 -8.04
CA ASP D 469 -16.58 -12.71 -7.62
C ASP D 469 -15.11 -12.46 -7.30
N GLY D 470 -14.28 -13.50 -7.26
CA GLY D 470 -12.89 -13.32 -6.89
C GLY D 470 -12.63 -13.20 -5.41
N GLU D 471 -13.62 -13.52 -4.57
CA GLU D 471 -13.51 -13.33 -3.13
C GLU D 471 -12.62 -14.42 -2.53
N LEU D 472 -11.42 -14.04 -2.10
CA LEU D 472 -10.50 -14.96 -1.43
C LEU D 472 -10.42 -14.63 0.05
N PRO D 473 -10.58 -15.60 0.95
CA PRO D 473 -10.36 -15.32 2.37
C PRO D 473 -8.96 -14.78 2.60
N ALA D 474 -8.85 -13.87 3.56
CA ALA D 474 -7.54 -13.33 3.93
C ALA D 474 -6.70 -14.34 4.70
N ALA D 475 -7.29 -15.43 5.18
CA ALA D 475 -6.57 -16.48 5.89
C ALA D 475 -7.35 -17.78 5.74
N ASP D 476 -6.88 -18.83 6.42
CA ASP D 476 -7.58 -20.10 6.37
C ASP D 476 -8.91 -19.99 7.10
N VAL D 477 -9.86 -20.83 6.68
CA VAL D 477 -11.23 -20.73 7.17
C VAL D 477 -11.76 -22.14 7.42
N THR D 478 -12.57 -22.28 8.46
CA THR D 478 -13.35 -23.50 8.68
C THR D 478 -14.83 -23.20 8.52
N ARG D 479 -15.56 -24.17 7.97
CA ARG D 479 -17.01 -24.12 7.90
C ARG D 479 -17.60 -25.39 8.50
N PRO D 480 -18.75 -25.30 9.17
CA PRO D 480 -19.32 -26.47 9.83
C PRO D 480 -20.11 -27.35 8.87
N ASN D 481 -20.38 -28.57 9.33
CA ASN D 481 -21.30 -29.47 8.67
C ASN D 481 -22.64 -29.37 9.37
N PRO D 482 -23.67 -28.77 8.77
CA PRO D 482 -24.96 -28.69 9.48
C PRO D 482 -25.58 -30.05 9.74
N ALA D 483 -25.30 -31.04 8.89
CA ALA D 483 -25.95 -32.35 8.94
C ALA D 483 -24.90 -33.45 9.09
N PRO D 484 -24.20 -33.49 10.22
CA PRO D 484 -23.16 -34.51 10.38
C PRO D 484 -23.74 -35.91 10.50
N MET D 485 -22.90 -36.90 10.17
CA MET D 485 -23.31 -38.30 10.29
C MET D 485 -23.11 -38.83 11.71
N VAL D 486 -22.05 -38.38 12.39
CA VAL D 486 -21.82 -38.77 13.78
C VAL D 486 -21.85 -37.51 14.63
N PRO D 487 -22.27 -37.60 15.90
CA PRO D 487 -22.37 -36.41 16.75
C PRO D 487 -21.09 -35.58 16.73
N THR D 488 -21.26 -34.27 16.79
CA THR D 488 -20.15 -33.33 16.75
C THR D 488 -19.21 -33.53 17.94
CAA 9VG E . -2.82 -5.97 36.34
OAU 9VG E . -4.23 -5.77 36.24
CAW 9VG E . -5.13 -6.74 36.67
OAC 9VG E . -6.25 -6.37 36.95
CAN 9VG E . -4.66 -8.11 36.76
CAX 9VG E . -5.29 -9.09 37.44
CAB 9VG E . -6.59 -8.90 38.20
CBJ 9VG E . -4.70 -10.47 37.46
OAV 9VG E . -3.93 -10.73 36.28
CBK 9VG E . -3.22 -10.94 37.48
CAZ 9VG E . -2.92 -12.40 37.64
CAS 9VG E . -1.64 -12.85 37.69
CAY 9VG E . -1.37 -14.23 37.58
OAF 9VG E . -0.08 -14.58 37.68
CBF 9VG E . -2.42 -15.15 37.51
CBB 9VG E . -2.08 -16.57 37.46
OAD 9VG E . -0.90 -16.92 37.55
CBD 9VG E . -3.17 -17.53 37.33
CAQ 9VG E . -2.87 -18.84 36.98
CAO 9VG E . -3.92 -19.74 36.81
CAP 9VG E . -5.20 -19.37 37.19
CAR 9VG E . -5.52 -18.04 37.36
CBE 9VG E . -4.49 -17.10 37.45
CBC 9VG E . -4.86 -15.68 37.56
OAE 9VG E . -6.04 -15.37 37.65
CBG 9VG E . -3.75 -14.70 37.54
CBA 9VG E . -4.01 -13.33 37.55
NAT 9VG E . -5.35 -12.91 37.59
CBI 9VG E . -5.61 -11.58 38.14
CAK 9VG E . -5.26 -11.44 39.56
CAI 9VG E . -4.90 -11.25 40.67
CAM 9VG E . -4.36 -10.97 41.97
CAL 9VG E . -3.06 -10.57 41.96
CAH 9VG E . -2.59 -10.33 40.65
CAJ 9VG E . -2.34 -10.13 39.51
CBH 9VG E . -2.20 -9.89 38.08
OAG 9VG E . -0.92 -10.03 37.55
H1 9VG E . -2.62 -6.12 37.27
H2 9VG E . -2.27 -5.22 36.04
H3 9VG E . -2.53 -6.76 35.84
H4 9VG E . -3.87 -8.28 36.32
H5 9VG E . -7.31 -9.48 37.91
H6 9VG E . -6.96 -8.00 38.15
H7 9VG E . -6.51 -9.08 39.15
H8 9VG E . -0.90 -12.28 37.77
H9 9VG E . 0.28 -14.60 36.91
H10 9VG E . -1.98 -19.12 36.97
H11 9VG E . -3.78 -20.51 36.31
H12 9VG E . -5.88 -20.01 37.23
H13 9VG E . -6.40 -17.74 37.28
H14 9VG E . -5.75 -13.07 36.81
H15 9VG E . -6.54 -11.40 37.98
H16 9VG E . -4.92 -10.81 42.70
H18 9VG E . -2.62 -10.22 42.71
H20 9VG E . -2.53 -9.00 37.85
H21 9VG E . -0.47 -9.36 37.82
CAA 9VG F . 3.25 37.91 1.50
OAU 9VG F . 1.87 37.75 1.22
CAW 9VG F . 1.20 38.67 0.41
OAC 9VG F . 0.31 38.24 -0.31
CAN 9VG F . 1.61 40.07 0.51
CAX 9VG F . 1.27 41.04 -0.36
CAB 9VG F . 0.37 40.83 -1.56
CBJ 9VG F . 1.78 42.45 -0.16
OAV 9VG F . 2.02 42.75 1.22
CBK 9VG F . 3.14 42.97 0.39
CAZ 9VG F . 3.44 44.44 0.33
CAS 9VG F . 4.66 44.92 0.68
CAY 9VG F . 4.83 46.30 0.92
OAF 9VG F . 6.07 46.68 1.21
CBF 9VG F . 3.80 47.20 0.60
CBB 9VG F . 4.07 48.62 0.75
OAD 9VG F . 5.19 49.02 1.09
CBD 9VG F . 2.98 49.56 0.49
CAQ 9VG F . 3.12 50.89 0.88
CAO 9VG F . 2.04 51.74 0.73
CAP 9VG F . 0.97 51.36 -0.09
CAR 9VG F . 0.80 50.03 -0.43
CBE 9VG F . 1.80 49.12 -0.10
CBC 9VG F . 1.52 47.67 -0.31
OAE 9VG F . 0.49 47.34 -0.85
CBG 9VG F . 2.56 46.71 0.15
CBA 9VG F . 2.39 45.35 -0.01
NAT 9VG F . 1.16 44.89 -0.57
CBI 9VG F . 1.17 43.54 -1.14
CAK 9VG F . 2.02 43.42 -2.34
CAI 9VG F . 2.79 43.24 -3.22
CAM 9VG F . 3.79 42.96 -4.20
CAL 9VG F . 4.98 42.57 -3.67
CAH 9VG F . 4.92 42.36 -2.28
CAJ 9VG F . 4.73 42.18 -1.13
CBH 9VG F . 4.32 41.95 0.24
OAG 9VG F . 5.33 42.13 1.20
H1 9VG F . 3.36 38.76 1.97
H2 9VG F . 3.83 37.95 0.72
H3 9VG F . 3.59 37.21 2.08
H4 9VG F . 2.18 40.26 1.23
H5 9VG F . 0.79 41.02 -2.41
H6 9VG F . -0.42 41.38 -1.56
H7 9VG F . 0.04 39.91 -1.65
H8 9VG F . 5.41 44.38 0.79
H9 9VG F . 6.20 46.65 2.06
H10 9VG F . 3.89 51.15 1.34
H11 9VG F . 1.95 52.47 1.30
H12 9VG F . 0.44 52.01 -0.49
H13 9VG F . -0.01 49.72 -0.77
H14 9VG F . 0.50 45.04 0.01
H15 9VG F . 0.24 43.34 -1.35
H16 9VG F . 3.56 42.79 -5.08
H18 9VG F . 5.68 42.24 -4.18
H20 9VG F . 3.96 41.06 0.34
H21 9VG F . 5.88 41.49 1.09
CAA 9VG G . 13.68 3.84 -33.45
OAU 9VG G . 12.73 4.30 -32.47
CAW 9VG G . 12.42 5.65 -32.39
OAC 9VG G . 11.26 5.95 -32.19
CAN 9VG G . 13.55 6.56 -32.56
CAX 9VG G . 13.48 7.88 -32.81
CAB 9VG G . 12.22 8.66 -32.95
CBJ 9VG G . 14.77 8.66 -32.99
OAV 9VG G . 15.85 8.10 -32.24
CBK 9VG G . 16.12 8.23 -33.62
CAZ 9VG G . 17.20 9.25 -33.85
CAS 9VG G . 18.39 8.92 -34.43
CAY 9VG G . 19.51 9.77 -34.26
OAF 9VG G . 20.60 9.41 -34.96
CBF 9VG G . 19.38 11.00 -33.63
CBB 9VG G . 20.53 11.90 -33.67
OAD 9VG G . 21.56 11.55 -34.26
CBD 9VG G . 20.42 13.19 -33.00
CAQ 9VG G . 21.59 13.87 -32.68
CAO 9VG G . 21.50 15.01 -31.87
CAP 9VG G . 20.27 15.58 -31.61
CAR 9VG G . 19.09 14.88 -31.92
CBE 9VG G . 19.19 13.64 -32.55
CBC 9VG G . 17.97 12.79 -32.64
OAE 9VG G . 16.91 13.24 -32.24
CBG 9VG G . 18.10 11.45 -33.23
CBA 9VG G . 17.03 10.56 -33.29
NAT 9VG G . 15.79 10.96 -32.73
CBI 9VG G . 14.60 10.23 -33.15
CAK 9VG G . 14.33 10.38 -34.59
CAI 9VG G . 14.16 10.39 -35.76
CAM 9VG G . 13.98 10.31 -37.17
CAL 9VG G . 14.52 9.19 -37.73
CAH 9VG G . 15.12 8.38 -36.75
CAJ 9VG G . 15.56 7.74 -35.85
CBH 9VG G . 16.00 7.05 -34.64
OAG 9VG G . 17.17 6.30 -34.76
H1 9VG G . 13.33 4.09 -34.32
H2 9VG G . 13.81 2.88 -33.47
H3 9VG G . 14.54 4.26 -33.34
H4 9VG G . 14.38 6.14 -32.50
H5 9VG G . 11.41 8.14 -32.81
H6 9VG G . 12.09 9.06 -33.82
H7 9VG G . 12.14 9.40 -32.33
H8 9VG G . 18.50 8.16 -34.95
H9 9VG G . 21.08 8.87 -34.51
H10 9VG G . 22.41 13.55 -32.96
H11 9VG G . 22.28 15.42 -31.59
H12 9VG G . 20.21 16.46 -31.35
H13 9VG G . 18.27 15.19 -31.63
H14 9VG G . 15.70 11.85 -32.77
H15 9VG G . 13.88 10.56 -32.60
H16 9VG G . 13.33 10.81 -37.59
H18 9VG G . 14.26 8.85 -38.55
H20 9VG G . 15.29 6.46 -34.33
H21 9VG G . 16.99 5.61 -35.24
CAA 9VG H . -2.62 -39.98 -7.29
OAU 9VG H . -3.44 -38.93 -6.74
CAW 9VG H . -4.34 -39.22 -5.72
OAC 9VG H . -4.42 -38.42 -4.81
CAN 9VG H . -5.09 -40.46 -5.85
CAX 9VG H . -5.87 -41.04 -4.93
CAB 9VG H . -6.11 -40.48 -3.56
CBJ 9VG H . -6.56 -42.36 -5.23
OAV 9VG H . -6.92 -42.45 -6.61
CBK 9VG H . -6.13 -43.53 -6.15
CAZ 9VG H . -6.93 -44.80 -6.19
CAS 9VG H . -6.62 -45.83 -7.04
CAY 9VG H . -7.55 -46.86 -7.28
OAF 9VG H . -7.11 -47.88 -8.03
CBF 9VG H . -8.81 -46.84 -6.68
CBB 9VG H . -9.68 -47.98 -6.93
OAD 9VG H . -9.31 -48.89 -7.67
CBD 9VG H . -11.00 -47.98 -6.30
CAQ 9VG H . -11.95 -48.89 -6.75
CAO 9VG H . -13.24 -48.84 -6.24
CAP 9VG H . -13.58 -47.83 -5.34
CAR 9VG H . -12.61 -47.01 -4.81
CBE 9VG H . -11.32 -47.03 -5.34
CBC 9VG H . -10.39 -45.92 -4.99
OAE 9VG H . -10.71 -45.11 -4.14
CBG 9VG H . -9.09 -45.87 -5.69
CBA 9VG H . -8.18 -44.83 -5.48
NAT 9VG H . -8.55 -43.78 -4.61
CBI 9VG H . -7.47 -42.93 -4.08
CAK 9VG H . -6.52 -43.69 -3.25
CAI 9VG H . -5.69 -44.29 -2.66
CAM 9VG H . -4.64 -45.02 -2.03
CAL 9VG H . -3.62 -45.38 -2.87
CAH 9VG H . -3.84 -44.85 -4.17
CAJ 9VG H . -4.12 -44.34 -5.21
CBH 9VG H . -4.58 -43.64 -6.40
OAG 9VG H . -4.27 -44.22 -7.64
H1 9VG H . -3.23 -40.63 -7.69
H2 9VG H . -2.02 -39.70 -8.00
H3 9VG H . -2.10 -40.44 -6.61
H4 9VG H . -4.97 -40.87 -6.69
H5 9VG H . -5.82 -41.04 -2.83
H6 9VG H . -7.05 -40.31 -3.36
H7 9VG H . -5.68 -39.63 -3.40
H8 9VG H . -5.79 -45.88 -7.47
H9 9VG H . -6.31 -48.09 -7.83
H10 9VG H . -11.72 -49.52 -7.40
H11 9VG H . -13.88 -49.43 -6.55
H12 9VG H . -14.46 -47.76 -5.04
H13 9VG H . -12.81 -46.40 -4.13
H14 9VG H . -9.23 -43.33 -4.96
H15 9VG H . -7.91 -42.23 -3.60
H16 9VG H . -4.52 -45.01 -1.11
H18 9VG H . -2.77 -45.62 -2.59
H20 9VG H . -4.23 -42.72 -6.40
H21 9VG H . -3.43 -44.13 -7.75
#